data_9CJ0
# 
_entry.id   9CJ0 
# 
_audit_conform.dict_name       mmcif_pdbx.dic 
_audit_conform.dict_version    5.402 
_audit_conform.dict_location   http://mmcif.pdb.org/dictionaries/ascii/mmcif_pdbx.dic 
# 
loop_
_database_2.database_id 
_database_2.database_code 
_database_2.pdbx_database_accession 
_database_2.pdbx_DOI 
PDB   9CJ0         pdb_00009cj0 10.2210/pdb9cj0/pdb 
WWPDB D_1000285664 ?            ?                   
# 
loop_
_pdbx_audit_revision_history.ordinal 
_pdbx_audit_revision_history.data_content_type 
_pdbx_audit_revision_history.major_revision 
_pdbx_audit_revision_history.minor_revision 
_pdbx_audit_revision_history.revision_date 
_pdbx_audit_revision_history.part_number 
1 'Structure model' 1 0 2024-07-31 ? 
2 'Structure model' 1 1 2024-09-04 ? 
3 'Structure model' 1 2 2024-10-23 ? 
4 'Structure model' 1 3 2024-12-11 ? 
5 'Structure model' 1 4 2025-03-19 ? 
# 
_pdbx_audit_revision_details.ordinal             1 
_pdbx_audit_revision_details.revision_ordinal    1 
_pdbx_audit_revision_details.data_content_type   'Structure model' 
_pdbx_audit_revision_details.provider            repository 
_pdbx_audit_revision_details.type                'Initial release' 
_pdbx_audit_revision_details.description         ? 
_pdbx_audit_revision_details.details             ? 
# 
loop_
_pdbx_audit_revision_group.ordinal 
_pdbx_audit_revision_group.revision_ordinal 
_pdbx_audit_revision_group.data_content_type 
_pdbx_audit_revision_group.group 
1 2 'Structure model' 'Database references' 
2 2 'Structure model' 'Structure summary'   
3 3 'Structure model' 'Structure summary'   
4 4 'Structure model' 'Database references' 
5 5 'Structure model' 'Database references' 
# 
loop_
_pdbx_audit_revision_category.ordinal 
_pdbx_audit_revision_category.revision_ordinal 
_pdbx_audit_revision_category.data_content_type 
_pdbx_audit_revision_category.category 
1 2 'Structure model' citation                  
2 2 'Structure model' struct                    
3 3 'Structure model' pdbx_entry_details        
4 3 'Structure model' pdbx_modification_feature 
5 4 'Structure model' citation                  
6 4 'Structure model' citation_author           
7 5 'Structure model' citation                  
8 5 'Structure model' citation_author           
# 
loop_
_pdbx_audit_revision_item.ordinal 
_pdbx_audit_revision_item.revision_ordinal 
_pdbx_audit_revision_item.data_content_type 
_pdbx_audit_revision_item.item 
1  2 'Structure model' '_citation.title'                              
2  2 'Structure model' '_struct.title'                                
3  3 'Structure model' '_pdbx_entry_details.has_protein_modification' 
4  4 'Structure model' '_citation.country'                            
5  4 'Structure model' '_citation.journal_abbrev'                     
6  4 'Structure model' '_citation.journal_id_ASTM'                    
7  4 'Structure model' '_citation.journal_id_CSD'                     
8  4 'Structure model' '_citation.journal_id_ISSN'                    
9  4 'Structure model' '_citation.pdbx_database_id_DOI'               
10 4 'Structure model' '_citation.pdbx_database_id_PubMed'            
11 4 'Structure model' '_citation.title'                              
12 4 'Structure model' '_citation.year'                               
13 4 'Structure model' '_citation_author.identifier_ORCID'            
14 4 'Structure model' '_citation_author.name'                        
15 5 'Structure model' '_citation.journal_volume'                     
16 5 'Structure model' '_citation.page_first'                         
17 5 'Structure model' '_citation.page_last'                          
18 5 'Structure model' '_citation.year'                               
19 5 'Structure model' '_citation_author.identifier_ORCID'            
# 
_pdbx_database_status.status_code                     REL 
_pdbx_database_status.status_code_sf                  REL 
_pdbx_database_status.status_code_mr                  ? 
_pdbx_database_status.entry_id                        9CJ0 
_pdbx_database_status.recvd_initial_deposition_date   2024-07-05 
_pdbx_database_status.SG_entry                        N 
_pdbx_database_status.deposit_site                    RCSB 
_pdbx_database_status.process_site                    RCSB 
_pdbx_database_status.status_code_cs                  ? 
_pdbx_database_status.status_code_nmr_data            ? 
_pdbx_database_status.methods_development_category    ? 
_pdbx_database_status.pdb_format_compatible           Y 
# 
_pdbx_contact_author.id                 2 
_pdbx_contact_author.email              hazel_holden@biochem.wisc.edu 
_pdbx_contact_author.name_first         Hazel 
_pdbx_contact_author.name_last          Holden 
_pdbx_contact_author.name_mi            M 
_pdbx_contact_author.role               'principal investigator/group leader' 
_pdbx_contact_author.identifier_ORCID   0000-0001-6214-3638 
# 
loop_
_audit_author.name 
_audit_author.pdbx_ordinal 
_audit_author.identifier_ORCID 
'Appelt, E.A.' 1 ? 
'Thoden, J.B.' 2 ? 
'Shusta, E.V.' 3 ? 
'Holden, H.M.' 4 ? 
# 
_citation.abstract                  ? 
_citation.abstract_id_CAS           ? 
_citation.book_id_ISBN              ? 
_citation.book_publisher            ? 
_citation.book_publisher_city       ? 
_citation.book_title                ? 
_citation.coordinate_linkage        ? 
_citation.country                   US 
_citation.database_id_Medline       ? 
_citation.details                   ? 
_citation.id                        primary 
_citation.journal_abbrev            Proteins 
_citation.journal_id_ASTM           PSFGEY 
_citation.journal_id_CSD            0867 
_citation.journal_id_ISSN           1097-0134 
_citation.journal_full              ? 
_citation.journal_issue             ? 
_citation.journal_volume            93 
_citation.language                  ? 
_citation.page_first                801 
_citation.page_last                 811 
_citation.title                     
;The High-Resolution Structure of a Variable Lymphocyte Receptor From Petromyzon marinus Capable of Binding to the Brain Extracellular Matrix.
;
_citation.year                      2025 
_citation.database_id_CSD           ? 
_citation.pdbx_database_id_DOI      10.1002/prot.26768 
_citation.pdbx_database_id_PubMed   39601379 
_citation.pdbx_database_id_patent   ? 
_citation.unpublished_flag          ? 
# 
loop_
_citation_author.citation_id 
_citation_author.name 
_citation_author.ordinal 
_citation_author.identifier_ORCID 
primary 'Appelt, E.A.'    1 ? 
primary 'Thoden, J.B.'    2 ? 
primary 'Gehrke, S.A.'    3 ? 
primary 'Bachmeier, H.D.' 4 ? 
primary 'Rayment, I.'     5 ? 
primary 'Shusta, E.V.'    6 ? 
primary 'Holden, H.M.'    7 ? 
# 
loop_
_entity.id 
_entity.type 
_entity.src_method 
_entity.pdbx_description 
_entity.formula_weight 
_entity.pdbx_number_of_molecules 
_entity.pdbx_ec 
_entity.pdbx_mutation 
_entity.pdbx_fragment 
_entity.details 
1 polymer     man 'Variable Lymphocyte Receptor'                                18748.484 1   ? ? ? ? 
2 non-polymer syn '3-[4-(2-HYDROXYETHYL)PIPERAZIN-1-YL]PROPANE-1-SULFONIC ACID' 252.331   1   ? ? ? ? 
3 non-polymer syn 'SULFATE ION'                                                 96.063    2   ? ? ? ? 
4 water       nat water                                                         18.015    179 ? ? ? ? 
# 
_entity_poly.entity_id                      1 
_entity_poly.type                           'polypeptide(L)' 
_entity_poly.nstd_linkage                   no 
_entity_poly.nstd_monomer                   no 
_entity_poly.pdbx_seq_one_letter_code       
;GHACPSQCSCDQTTVKCHSRRLTSVPAGIPTTTKILRLYSNQITKLEPGVFDHLVNLEKLYISWNQLSALPVGVFDKLTK
LTHLSLGYNQLKSVPRGAFDNLKSLTHIWLLNNPWDCECSDILYLKNWIVQHASIVNLQGHGGVDNVKCSGTNTPVRAVT
EASTSPSKCP
;
_entity_poly.pdbx_seq_one_letter_code_can   
;GHACPSQCSCDQTTVKCHSRRLTSVPAGIPTTTKILRLYSNQITKLEPGVFDHLVNLEKLYISWNQLSALPVGVFDKLTK
LTHLSLGYNQLKSVPRGAFDNLKSLTHIWLLNNPWDCECSDILYLKNWIVQHASIVNLQGHGGVDNVKCSGTNTPVRAVT
EASTSPSKCP
;
_entity_poly.pdbx_strand_id                 A 
_entity_poly.pdbx_target_identifier         ? 
# 
loop_
_pdbx_entity_nonpoly.entity_id 
_pdbx_entity_nonpoly.name 
_pdbx_entity_nonpoly.comp_id 
2 '3-[4-(2-HYDROXYETHYL)PIPERAZIN-1-YL]PROPANE-1-SULFONIC ACID' EP1 
3 'SULFATE ION'                                                 SO4 
4 water                                                         HOH 
# 
loop_
_entity_poly_seq.entity_id 
_entity_poly_seq.num 
_entity_poly_seq.mon_id 
_entity_poly_seq.hetero 
1 1   GLY n 
1 2   HIS n 
1 3   ALA n 
1 4   CYS n 
1 5   PRO n 
1 6   SER n 
1 7   GLN n 
1 8   CYS n 
1 9   SER n 
1 10  CYS n 
1 11  ASP n 
1 12  GLN n 
1 13  THR n 
1 14  THR n 
1 15  VAL n 
1 16  LYS n 
1 17  CYS n 
1 18  HIS n 
1 19  SER n 
1 20  ARG n 
1 21  ARG n 
1 22  LEU n 
1 23  THR n 
1 24  SER n 
1 25  VAL n 
1 26  PRO n 
1 27  ALA n 
1 28  GLY n 
1 29  ILE n 
1 30  PRO n 
1 31  THR n 
1 32  THR n 
1 33  THR n 
1 34  LYS n 
1 35  ILE n 
1 36  LEU n 
1 37  ARG n 
1 38  LEU n 
1 39  TYR n 
1 40  SER n 
1 41  ASN n 
1 42  GLN n 
1 43  ILE n 
1 44  THR n 
1 45  LYS n 
1 46  LEU n 
1 47  GLU n 
1 48  PRO n 
1 49  GLY n 
1 50  VAL n 
1 51  PHE n 
1 52  ASP n 
1 53  HIS n 
1 54  LEU n 
1 55  VAL n 
1 56  ASN n 
1 57  LEU n 
1 58  GLU n 
1 59  LYS n 
1 60  LEU n 
1 61  TYR n 
1 62  ILE n 
1 63  SER n 
1 64  TRP n 
1 65  ASN n 
1 66  GLN n 
1 67  LEU n 
1 68  SER n 
1 69  ALA n 
1 70  LEU n 
1 71  PRO n 
1 72  VAL n 
1 73  GLY n 
1 74  VAL n 
1 75  PHE n 
1 76  ASP n 
1 77  LYS n 
1 78  LEU n 
1 79  THR n 
1 80  LYS n 
1 81  LEU n 
1 82  THR n 
1 83  HIS n 
1 84  LEU n 
1 85  SER n 
1 86  LEU n 
1 87  GLY n 
1 88  TYR n 
1 89  ASN n 
1 90  GLN n 
1 91  LEU n 
1 92  LYS n 
1 93  SER n 
1 94  VAL n 
1 95  PRO n 
1 96  ARG n 
1 97  GLY n 
1 98  ALA n 
1 99  PHE n 
1 100 ASP n 
1 101 ASN n 
1 102 LEU n 
1 103 LYS n 
1 104 SER n 
1 105 LEU n 
1 106 THR n 
1 107 HIS n 
1 108 ILE n 
1 109 TRP n 
1 110 LEU n 
1 111 LEU n 
1 112 ASN n 
1 113 ASN n 
1 114 PRO n 
1 115 TRP n 
1 116 ASP n 
1 117 CYS n 
1 118 GLU n 
1 119 CYS n 
1 120 SER n 
1 121 ASP n 
1 122 ILE n 
1 123 LEU n 
1 124 TYR n 
1 125 LEU n 
1 126 LYS n 
1 127 ASN n 
1 128 TRP n 
1 129 ILE n 
1 130 VAL n 
1 131 GLN n 
1 132 HIS n 
1 133 ALA n 
1 134 SER n 
1 135 ILE n 
1 136 VAL n 
1 137 ASN n 
1 138 LEU n 
1 139 GLN n 
1 140 GLY n 
1 141 HIS n 
1 142 GLY n 
1 143 GLY n 
1 144 VAL n 
1 145 ASP n 
1 146 ASN n 
1 147 VAL n 
1 148 LYS n 
1 149 CYS n 
1 150 SER n 
1 151 GLY n 
1 152 THR n 
1 153 ASN n 
1 154 THR n 
1 155 PRO n 
1 156 VAL n 
1 157 ARG n 
1 158 ALA n 
1 159 VAL n 
1 160 THR n 
1 161 GLU n 
1 162 ALA n 
1 163 SER n 
1 164 THR n 
1 165 SER n 
1 166 PRO n 
1 167 SER n 
1 168 LYS n 
1 169 CYS n 
1 170 PRO n 
# 
_entity_src_gen.entity_id                          1 
_entity_src_gen.pdbx_src_id                        1 
_entity_src_gen.pdbx_alt_source_flag               sample 
_entity_src_gen.pdbx_seq_type                      'Biological sequence' 
_entity_src_gen.pdbx_beg_seq_num                   1 
_entity_src_gen.pdbx_end_seq_num                   170 
_entity_src_gen.gene_src_common_name               ? 
_entity_src_gen.gene_src_genus                     ? 
_entity_src_gen.pdbx_gene_src_gene                 ? 
_entity_src_gen.gene_src_species                   ? 
_entity_src_gen.gene_src_strain                    ? 
_entity_src_gen.gene_src_tissue                    ? 
_entity_src_gen.gene_src_tissue_fraction           ? 
_entity_src_gen.gene_src_details                   ? 
_entity_src_gen.pdbx_gene_src_fragment             ? 
_entity_src_gen.pdbx_gene_src_scientific_name      'Petromyzon marinus' 
_entity_src_gen.pdbx_gene_src_ncbi_taxonomy_id     7757 
_entity_src_gen.pdbx_gene_src_variant              ? 
_entity_src_gen.pdbx_gene_src_cell_line            ? 
_entity_src_gen.pdbx_gene_src_atcc                 ? 
_entity_src_gen.pdbx_gene_src_organ                ? 
_entity_src_gen.pdbx_gene_src_organelle            ? 
_entity_src_gen.pdbx_gene_src_cell                 ? 
_entity_src_gen.pdbx_gene_src_cellular_location    ? 
_entity_src_gen.host_org_common_name               ? 
_entity_src_gen.pdbx_host_org_scientific_name      'Escherichia coli' 
_entity_src_gen.pdbx_host_org_ncbi_taxonomy_id     562 
_entity_src_gen.host_org_genus                     ? 
_entity_src_gen.pdbx_host_org_gene                 ? 
_entity_src_gen.pdbx_host_org_organ                ? 
_entity_src_gen.host_org_species                   ? 
_entity_src_gen.pdbx_host_org_tissue               ? 
_entity_src_gen.pdbx_host_org_tissue_fraction      ? 
_entity_src_gen.pdbx_host_org_strain               'SHuffle T7 Express' 
_entity_src_gen.pdbx_host_org_variant              ? 
_entity_src_gen.pdbx_host_org_cell_line            ? 
_entity_src_gen.pdbx_host_org_atcc                 ? 
_entity_src_gen.pdbx_host_org_culture_collection   ? 
_entity_src_gen.pdbx_host_org_cell                 ? 
_entity_src_gen.pdbx_host_org_organelle            ? 
_entity_src_gen.pdbx_host_org_cellular_location    ? 
_entity_src_gen.pdbx_host_org_vector_type          ? 
_entity_src_gen.pdbx_host_org_vector               ? 
_entity_src_gen.host_org_details                   ? 
_entity_src_gen.expression_system_id               ? 
_entity_src_gen.plasmid_name                       ? 
_entity_src_gen.plasmid_details                    ? 
_entity_src_gen.pdbx_description                   ? 
# 
loop_
_chem_comp.id 
_chem_comp.type 
_chem_comp.mon_nstd_flag 
_chem_comp.name 
_chem_comp.pdbx_synonyms 
_chem_comp.formula 
_chem_comp.formula_weight 
ALA 'L-peptide linking' y ALANINE                                                       ? 'C3 H7 N O2'     89.093  
ARG 'L-peptide linking' y ARGININE                                                      ? 'C6 H15 N4 O2 1' 175.209 
ASN 'L-peptide linking' y ASPARAGINE                                                    ? 'C4 H8 N2 O3'    132.118 
ASP 'L-peptide linking' y 'ASPARTIC ACID'                                               ? 'C4 H7 N O4'     133.103 
CYS 'L-peptide linking' y CYSTEINE                                                      ? 'C3 H7 N O2 S'   121.158 
EP1 non-polymer         . '3-[4-(2-HYDROXYETHYL)PIPERAZIN-1-YL]PROPANE-1-SULFONIC ACID' ? 'C9 H20 N2 O4 S' 252.331 
GLN 'L-peptide linking' y GLUTAMINE                                                     ? 'C5 H10 N2 O3'   146.144 
GLU 'L-peptide linking' y 'GLUTAMIC ACID'                                               ? 'C5 H9 N O4'     147.129 
GLY 'peptide linking'   y GLYCINE                                                       ? 'C2 H5 N O2'     75.067  
HIS 'L-peptide linking' y HISTIDINE                                                     ? 'C6 H10 N3 O2 1' 156.162 
HOH non-polymer         . WATER                                                         ? 'H2 O'           18.015  
ILE 'L-peptide linking' y ISOLEUCINE                                                    ? 'C6 H13 N O2'    131.173 
LEU 'L-peptide linking' y LEUCINE                                                       ? 'C6 H13 N O2'    131.173 
LYS 'L-peptide linking' y LYSINE                                                        ? 'C6 H15 N2 O2 1' 147.195 
PHE 'L-peptide linking' y PHENYLALANINE                                                 ? 'C9 H11 N O2'    165.189 
PRO 'L-peptide linking' y PROLINE                                                       ? 'C5 H9 N O2'     115.130 
SER 'L-peptide linking' y SERINE                                                        ? 'C3 H7 N O3'     105.093 
SO4 non-polymer         . 'SULFATE ION'                                                 ? 'O4 S -2'        96.063  
THR 'L-peptide linking' y THREONINE                                                     ? 'C4 H9 N O3'     119.119 
TRP 'L-peptide linking' y TRYPTOPHAN                                                    ? 'C11 H12 N2 O2'  204.225 
TYR 'L-peptide linking' y TYROSINE                                                      ? 'C9 H11 N O3'    181.189 
VAL 'L-peptide linking' y VALINE                                                        ? 'C5 H11 N O2'    117.146 
# 
loop_
_pdbx_poly_seq_scheme.asym_id 
_pdbx_poly_seq_scheme.entity_id 
_pdbx_poly_seq_scheme.seq_id 
_pdbx_poly_seq_scheme.mon_id 
_pdbx_poly_seq_scheme.ndb_seq_num 
_pdbx_poly_seq_scheme.pdb_seq_num 
_pdbx_poly_seq_scheme.auth_seq_num 
_pdbx_poly_seq_scheme.pdb_mon_id 
_pdbx_poly_seq_scheme.auth_mon_id 
_pdbx_poly_seq_scheme.pdb_strand_id 
_pdbx_poly_seq_scheme.pdb_ins_code 
_pdbx_poly_seq_scheme.hetero 
A 1 1   GLY 1   -1  -1  GLY GLY A . n 
A 1 2   HIS 2   0   0   HIS HIS A . n 
A 1 3   ALA 3   1   1   ALA ALA A . n 
A 1 4   CYS 4   2   2   CYS CYS A . n 
A 1 5   PRO 5   3   3   PRO PRO A . n 
A 1 6   SER 6   4   4   SER SER A . n 
A 1 7   GLN 7   5   5   GLN GLN A . n 
A 1 8   CYS 8   6   6   CYS CYS A . n 
A 1 9   SER 9   7   7   SER SER A . n 
A 1 10  CYS 10  8   8   CYS CYS A . n 
A 1 11  ASP 11  9   9   ASP ASP A . n 
A 1 12  GLN 12  10  10  GLN GLN A . n 
A 1 13  THR 13  11  11  THR THR A . n 
A 1 14  THR 14  12  12  THR THR A . n 
A 1 15  VAL 15  13  13  VAL VAL A . n 
A 1 16  LYS 16  14  14  LYS LYS A . n 
A 1 17  CYS 17  15  15  CYS CYS A . n 
A 1 18  HIS 18  16  16  HIS HIS A . n 
A 1 19  SER 19  17  17  SER SER A . n 
A 1 20  ARG 20  18  18  ARG ARG A . n 
A 1 21  ARG 21  19  19  ARG ARG A . n 
A 1 22  LEU 22  20  20  LEU LEU A . n 
A 1 23  THR 23  21  21  THR THR A . n 
A 1 24  SER 24  22  22  SER SER A . n 
A 1 25  VAL 25  23  23  VAL VAL A . n 
A 1 26  PRO 26  24  24  PRO PRO A . n 
A 1 27  ALA 27  25  25  ALA ALA A . n 
A 1 28  GLY 28  26  26  GLY GLY A . n 
A 1 29  ILE 29  27  27  ILE ILE A . n 
A 1 30  PRO 30  28  28  PRO PRO A . n 
A 1 31  THR 31  29  29  THR THR A . n 
A 1 32  THR 32  30  30  THR THR A . n 
A 1 33  THR 33  31  31  THR THR A . n 
A 1 34  LYS 34  32  32  LYS LYS A . n 
A 1 35  ILE 35  33  33  ILE ILE A . n 
A 1 36  LEU 36  34  34  LEU LEU A . n 
A 1 37  ARG 37  35  35  ARG ARG A . n 
A 1 38  LEU 38  36  36  LEU LEU A . n 
A 1 39  TYR 39  37  37  TYR TYR A . n 
A 1 40  SER 40  38  38  SER SER A . n 
A 1 41  ASN 41  39  39  ASN ASN A . n 
A 1 42  GLN 42  40  40  GLN GLN A . n 
A 1 43  ILE 43  41  41  ILE ILE A . n 
A 1 44  THR 44  42  42  THR THR A . n 
A 1 45  LYS 45  43  43  LYS LYS A . n 
A 1 46  LEU 46  44  44  LEU LEU A . n 
A 1 47  GLU 47  45  45  GLU GLU A . n 
A 1 48  PRO 48  46  46  PRO PRO A . n 
A 1 49  GLY 49  47  47  GLY GLY A . n 
A 1 50  VAL 50  48  48  VAL VAL A . n 
A 1 51  PHE 51  49  49  PHE PHE A . n 
A 1 52  ASP 52  50  50  ASP ASP A . n 
A 1 53  HIS 53  51  51  HIS HIS A . n 
A 1 54  LEU 54  52  52  LEU LEU A . n 
A 1 55  VAL 55  53  53  VAL VAL A . n 
A 1 56  ASN 56  54  54  ASN ASN A . n 
A 1 57  LEU 57  55  55  LEU LEU A . n 
A 1 58  GLU 58  56  56  GLU GLU A . n 
A 1 59  LYS 59  57  57  LYS LYS A . n 
A 1 60  LEU 60  58  58  LEU LEU A . n 
A 1 61  TYR 61  59  59  TYR TYR A . n 
A 1 62  ILE 62  60  60  ILE ILE A . n 
A 1 63  SER 63  61  61  SER SER A . n 
A 1 64  TRP 64  62  62  TRP TRP A . n 
A 1 65  ASN 65  63  63  ASN ASN A . n 
A 1 66  GLN 66  64  64  GLN GLN A . n 
A 1 67  LEU 67  65  65  LEU LEU A . n 
A 1 68  SER 68  66  66  SER SER A . n 
A 1 69  ALA 69  67  67  ALA ALA A . n 
A 1 70  LEU 70  68  68  LEU LEU A . n 
A 1 71  PRO 71  69  69  PRO PRO A . n 
A 1 72  VAL 72  70  70  VAL VAL A . n 
A 1 73  GLY 73  71  71  GLY GLY A . n 
A 1 74  VAL 74  72  72  VAL VAL A . n 
A 1 75  PHE 75  73  73  PHE PHE A . n 
A 1 76  ASP 76  74  74  ASP ASP A . n 
A 1 77  LYS 77  75  75  LYS LYS A . n 
A 1 78  LEU 78  76  76  LEU LEU A . n 
A 1 79  THR 79  77  77  THR THR A . n 
A 1 80  LYS 80  78  78  LYS LYS A . n 
A 1 81  LEU 81  79  79  LEU LEU A . n 
A 1 82  THR 82  80  80  THR THR A . n 
A 1 83  HIS 83  81  81  HIS HIS A . n 
A 1 84  LEU 84  82  82  LEU LEU A . n 
A 1 85  SER 85  83  83  SER SER A . n 
A 1 86  LEU 86  84  84  LEU LEU A . n 
A 1 87  GLY 87  85  85  GLY GLY A . n 
A 1 88  TYR 88  86  86  TYR TYR A . n 
A 1 89  ASN 89  87  87  ASN ASN A . n 
A 1 90  GLN 90  88  88  GLN GLN A . n 
A 1 91  LEU 91  89  89  LEU LEU A . n 
A 1 92  LYS 92  90  90  LYS LYS A . n 
A 1 93  SER 93  91  91  SER SER A . n 
A 1 94  VAL 94  92  92  VAL VAL A . n 
A 1 95  PRO 95  93  93  PRO PRO A . n 
A 1 96  ARG 96  94  94  ARG ARG A . n 
A 1 97  GLY 97  95  95  GLY GLY A . n 
A 1 98  ALA 98  96  96  ALA ALA A . n 
A 1 99  PHE 99  97  97  PHE PHE A . n 
A 1 100 ASP 100 98  98  ASP ASP A . n 
A 1 101 ASN 101 99  99  ASN ASN A . n 
A 1 102 LEU 102 100 100 LEU LEU A . n 
A 1 103 LYS 103 101 101 LYS LYS A . n 
A 1 104 SER 104 102 102 SER SER A . n 
A 1 105 LEU 105 103 103 LEU LEU A . n 
A 1 106 THR 106 104 104 THR THR A . n 
A 1 107 HIS 107 105 105 HIS HIS A . n 
A 1 108 ILE 108 106 106 ILE ILE A . n 
A 1 109 TRP 109 107 107 TRP TRP A . n 
A 1 110 LEU 110 108 108 LEU LEU A . n 
A 1 111 LEU 111 109 109 LEU LEU A . n 
A 1 112 ASN 112 110 110 ASN ASN A . n 
A 1 113 ASN 113 111 111 ASN ASN A . n 
A 1 114 PRO 114 112 112 PRO PRO A . n 
A 1 115 TRP 115 113 113 TRP TRP A . n 
A 1 116 ASP 116 114 114 ASP ASP A . n 
A 1 117 CYS 117 115 115 CYS CYS A . n 
A 1 118 GLU 118 116 116 GLU GLU A . n 
A 1 119 CYS 119 117 117 CYS CYS A . n 
A 1 120 SER 120 118 118 SER SER A . n 
A 1 121 ASP 121 119 119 ASP ASP A . n 
A 1 122 ILE 122 120 120 ILE ILE A . n 
A 1 123 LEU 123 121 121 LEU LEU A . n 
A 1 124 TYR 124 122 122 TYR TYR A . n 
A 1 125 LEU 125 123 123 LEU LEU A . n 
A 1 126 LYS 126 124 124 LYS LYS A . n 
A 1 127 ASN 127 125 125 ASN ASN A . n 
A 1 128 TRP 128 126 126 TRP TRP A . n 
A 1 129 ILE 129 127 127 ILE ILE A . n 
A 1 130 VAL 130 128 128 VAL VAL A . n 
A 1 131 GLN 131 129 129 GLN GLN A . n 
A 1 132 HIS 132 130 130 HIS HIS A . n 
A 1 133 ALA 133 131 131 ALA ALA A . n 
A 1 134 SER 134 132 132 SER SER A . n 
A 1 135 ILE 135 133 133 ILE ILE A . n 
A 1 136 VAL 136 134 134 VAL VAL A . n 
A 1 137 ASN 137 135 135 ASN ASN A . n 
A 1 138 LEU 138 136 136 LEU LEU A . n 
A 1 139 GLN 139 137 137 GLN GLN A . n 
A 1 140 GLY 140 138 138 GLY GLY A . n 
A 1 141 HIS 141 139 139 HIS HIS A . n 
A 1 142 GLY 142 140 140 GLY GLY A . n 
A 1 143 GLY 143 141 141 GLY GLY A . n 
A 1 144 VAL 144 142 142 VAL VAL A . n 
A 1 145 ASP 145 143 143 ASP ASP A . n 
A 1 146 ASN 146 144 144 ASN ASN A . n 
A 1 147 VAL 147 145 145 VAL VAL A . n 
A 1 148 LYS 148 146 146 LYS LYS A . n 
A 1 149 CYS 149 147 147 CYS CYS A . n 
A 1 150 SER 150 148 148 SER SER A . n 
A 1 151 GLY 151 149 149 GLY GLY A . n 
A 1 152 THR 152 150 150 THR THR A . n 
A 1 153 ASN 153 151 151 ASN ASN A . n 
A 1 154 THR 154 152 152 THR THR A . n 
A 1 155 PRO 155 153 153 PRO PRO A . n 
A 1 156 VAL 156 154 154 VAL VAL A . n 
A 1 157 ARG 157 155 155 ARG ARG A . n 
A 1 158 ALA 158 156 156 ALA ALA A . n 
A 1 159 VAL 159 157 157 VAL VAL A . n 
A 1 160 THR 160 158 158 THR THR A . n 
A 1 161 GLU 161 159 159 GLU GLU A . n 
A 1 162 ALA 162 160 160 ALA ALA A . n 
A 1 163 SER 163 161 161 SER SER A . n 
A 1 164 THR 164 162 162 THR THR A . n 
A 1 165 SER 165 163 163 SER SER A . n 
A 1 166 PRO 166 164 164 PRO PRO A . n 
A 1 167 SER 167 165 165 SER SER A . n 
A 1 168 LYS 168 166 166 LYS LYS A . n 
A 1 169 CYS 169 167 167 CYS CYS A . n 
A 1 170 PRO 170 168 168 PRO PRO A . n 
# 
loop_
_pdbx_nonpoly_scheme.asym_id 
_pdbx_nonpoly_scheme.entity_id 
_pdbx_nonpoly_scheme.mon_id 
_pdbx_nonpoly_scheme.ndb_seq_num 
_pdbx_nonpoly_scheme.pdb_seq_num 
_pdbx_nonpoly_scheme.auth_seq_num 
_pdbx_nonpoly_scheme.pdb_mon_id 
_pdbx_nonpoly_scheme.auth_mon_id 
_pdbx_nonpoly_scheme.pdb_strand_id 
_pdbx_nonpoly_scheme.pdb_ins_code 
B 2 EP1 1   201 1   EP1 EP1 A . 
C 3 SO4 1   202 1   SO4 SO4 A . 
D 3 SO4 1   203 2   SO4 SO4 A . 
E 4 HOH 1   301 183 HOH HOH A . 
E 4 HOH 2   302 9   HOH HOH A . 
E 4 HOH 3   303 6   HOH HOH A . 
E 4 HOH 4   304 115 HOH HOH A . 
E 4 HOH 5   305 92  HOH HOH A . 
E 4 HOH 6   306 4   HOH HOH A . 
E 4 HOH 7   307 3   HOH HOH A . 
E 4 HOH 8   308 1   HOH HOH A . 
E 4 HOH 9   309 99  HOH HOH A . 
E 4 HOH 10  310 178 HOH HOH A . 
E 4 HOH 11  311 166 HOH HOH A . 
E 4 HOH 12  312 88  HOH HOH A . 
E 4 HOH 13  313 55  HOH HOH A . 
E 4 HOH 14  314 140 HOH HOH A . 
E 4 HOH 15  315 190 HOH HOH A . 
E 4 HOH 16  316 151 HOH HOH A . 
E 4 HOH 17  317 16  HOH HOH A . 
E 4 HOH 18  318 180 HOH HOH A . 
E 4 HOH 19  319 37  HOH HOH A . 
E 4 HOH 20  320 69  HOH HOH A . 
E 4 HOH 21  321 93  HOH HOH A . 
E 4 HOH 22  322 163 HOH HOH A . 
E 4 HOH 23  323 27  HOH HOH A . 
E 4 HOH 24  324 105 HOH HOH A . 
E 4 HOH 25  325 118 HOH HOH A . 
E 4 HOH 26  326 61  HOH HOH A . 
E 4 HOH 27  327 75  HOH HOH A . 
E 4 HOH 28  328 103 HOH HOH A . 
E 4 HOH 29  329 123 HOH HOH A . 
E 4 HOH 30  330 132 HOH HOH A . 
E 4 HOH 31  331 79  HOH HOH A . 
E 4 HOH 32  332 65  HOH HOH A . 
E 4 HOH 33  333 7   HOH HOH A . 
E 4 HOH 34  334 112 HOH HOH A . 
E 4 HOH 35  335 72  HOH HOH A . 
E 4 HOH 36  336 29  HOH HOH A . 
E 4 HOH 37  337 24  HOH HOH A . 
E 4 HOH 38  338 63  HOH HOH A . 
E 4 HOH 39  339 32  HOH HOH A . 
E 4 HOH 40  340 39  HOH HOH A . 
E 4 HOH 41  341 108 HOH HOH A . 
E 4 HOH 42  342 36  HOH HOH A . 
E 4 HOH 43  343 164 HOH HOH A . 
E 4 HOH 44  344 133 HOH HOH A . 
E 4 HOH 45  345 19  HOH HOH A . 
E 4 HOH 46  346 45  HOH HOH A . 
E 4 HOH 47  347 101 HOH HOH A . 
E 4 HOH 48  348 170 HOH HOH A . 
E 4 HOH 49  349 73  HOH HOH A . 
E 4 HOH 50  350 58  HOH HOH A . 
E 4 HOH 51  351 56  HOH HOH A . 
E 4 HOH 52  352 62  HOH HOH A . 
E 4 HOH 53  353 71  HOH HOH A . 
E 4 HOH 54  354 134 HOH HOH A . 
E 4 HOH 55  355 111 HOH HOH A . 
E 4 HOH 56  356 76  HOH HOH A . 
E 4 HOH 57  357 5   HOH HOH A . 
E 4 HOH 58  358 188 HOH HOH A . 
E 4 HOH 59  359 131 HOH HOH A . 
E 4 HOH 60  360 41  HOH HOH A . 
E 4 HOH 61  361 153 HOH HOH A . 
E 4 HOH 62  362 48  HOH HOH A . 
E 4 HOH 63  363 156 HOH HOH A . 
E 4 HOH 64  364 66  HOH HOH A . 
E 4 HOH 65  365 120 HOH HOH A . 
E 4 HOH 66  366 130 HOH HOH A . 
E 4 HOH 67  367 25  HOH HOH A . 
E 4 HOH 68  368 126 HOH HOH A . 
E 4 HOH 69  369 33  HOH HOH A . 
E 4 HOH 70  370 68  HOH HOH A . 
E 4 HOH 71  371 10  HOH HOH A . 
E 4 HOH 72  372 113 HOH HOH A . 
E 4 HOH 73  373 84  HOH HOH A . 
E 4 HOH 74  374 89  HOH HOH A . 
E 4 HOH 75  375 26  HOH HOH A . 
E 4 HOH 76  376 57  HOH HOH A . 
E 4 HOH 77  377 23  HOH HOH A . 
E 4 HOH 78  378 80  HOH HOH A . 
E 4 HOH 79  379 191 HOH HOH A . 
E 4 HOH 80  380 114 HOH HOH A . 
E 4 HOH 81  381 169 HOH HOH A . 
E 4 HOH 82  382 31  HOH HOH A . 
E 4 HOH 83  383 67  HOH HOH A . 
E 4 HOH 84  384 96  HOH HOH A . 
E 4 HOH 85  385 53  HOH HOH A . 
E 4 HOH 86  386 34  HOH HOH A . 
E 4 HOH 87  387 106 HOH HOH A . 
E 4 HOH 88  388 54  HOH HOH A . 
E 4 HOH 89  389 49  HOH HOH A . 
E 4 HOH 90  390 82  HOH HOH A . 
E 4 HOH 91  391 117 HOH HOH A . 
E 4 HOH 92  392 91  HOH HOH A . 
E 4 HOH 93  393 86  HOH HOH A . 
E 4 HOH 94  394 179 HOH HOH A . 
E 4 HOH 95  395 165 HOH HOH A . 
E 4 HOH 96  396 50  HOH HOH A . 
E 4 HOH 97  397 78  HOH HOH A . 
E 4 HOH 98  398 74  HOH HOH A . 
E 4 HOH 99  399 145 HOH HOH A . 
E 4 HOH 100 400 51  HOH HOH A . 
E 4 HOH 101 401 158 HOH HOH A . 
E 4 HOH 102 402 70  HOH HOH A . 
E 4 HOH 103 403 13  HOH HOH A . 
E 4 HOH 104 404 59  HOH HOH A . 
E 4 HOH 105 405 64  HOH HOH A . 
E 4 HOH 106 406 81  HOH HOH A . 
E 4 HOH 107 407 46  HOH HOH A . 
E 4 HOH 108 408 85  HOH HOH A . 
E 4 HOH 109 409 52  HOH HOH A . 
E 4 HOH 110 410 12  HOH HOH A . 
E 4 HOH 111 411 143 HOH HOH A . 
E 4 HOH 112 412 30  HOH HOH A . 
E 4 HOH 113 413 42  HOH HOH A . 
E 4 HOH 114 414 144 HOH HOH A . 
E 4 HOH 115 415 124 HOH HOH A . 
E 4 HOH 116 416 83  HOH HOH A . 
E 4 HOH 117 417 47  HOH HOH A . 
E 4 HOH 118 418 90  HOH HOH A . 
E 4 HOH 119 419 38  HOH HOH A . 
E 4 HOH 120 420 87  HOH HOH A . 
E 4 HOH 121 421 35  HOH HOH A . 
E 4 HOH 122 422 60  HOH HOH A . 
E 4 HOH 123 423 110 HOH HOH A . 
E 4 HOH 124 424 121 HOH HOH A . 
E 4 HOH 125 425 2   HOH HOH A . 
E 4 HOH 126 426 147 HOH HOH A . 
E 4 HOH 127 427 136 HOH HOH A . 
E 4 HOH 128 428 181 HOH HOH A . 
E 4 HOH 129 429 107 HOH HOH A . 
E 4 HOH 130 430 100 HOH HOH A . 
E 4 HOH 131 431 148 HOH HOH A . 
E 4 HOH 132 432 149 HOH HOH A . 
E 4 HOH 133 433 119 HOH HOH A . 
E 4 HOH 134 434 21  HOH HOH A . 
E 4 HOH 135 435 43  HOH HOH A . 
E 4 HOH 136 436 125 HOH HOH A . 
E 4 HOH 137 437 137 HOH HOH A . 
E 4 HOH 138 438 22  HOH HOH A . 
E 4 HOH 139 439 109 HOH HOH A . 
E 4 HOH 140 440 102 HOH HOH A . 
E 4 HOH 141 441 44  HOH HOH A . 
E 4 HOH 142 442 155 HOH HOH A . 
E 4 HOH 143 443 28  HOH HOH A . 
E 4 HOH 144 444 14  HOH HOH A . 
E 4 HOH 145 445 116 HOH HOH A . 
E 4 HOH 146 446 129 HOH HOH A . 
E 4 HOH 147 447 157 HOH HOH A . 
E 4 HOH 148 448 182 HOH HOH A . 
E 4 HOH 149 449 138 HOH HOH A . 
E 4 HOH 150 450 18  HOH HOH A . 
E 4 HOH 151 451 152 HOH HOH A . 
E 4 HOH 152 452 11  HOH HOH A . 
E 4 HOH 153 453 142 HOH HOH A . 
E 4 HOH 154 454 128 HOH HOH A . 
E 4 HOH 155 455 17  HOH HOH A . 
E 4 HOH 156 456 135 HOH HOH A . 
E 4 HOH 157 457 161 HOH HOH A . 
E 4 HOH 158 458 15  HOH HOH A . 
E 4 HOH 159 459 77  HOH HOH A . 
E 4 HOH 160 460 95  HOH HOH A . 
E 4 HOH 161 461 127 HOH HOH A . 
E 4 HOH 162 462 104 HOH HOH A . 
E 4 HOH 163 463 160 HOH HOH A . 
E 4 HOH 164 464 189 HOH HOH A . 
E 4 HOH 165 465 122 HOH HOH A . 
E 4 HOH 166 466 98  HOH HOH A . 
E 4 HOH 167 467 171 HOH HOH A . 
E 4 HOH 168 468 139 HOH HOH A . 
E 4 HOH 169 469 162 HOH HOH A . 
E 4 HOH 170 470 176 HOH HOH A . 
E 4 HOH 171 471 159 HOH HOH A . 
E 4 HOH 172 472 141 HOH HOH A . 
E 4 HOH 173 473 174 HOH HOH A . 
E 4 HOH 174 474 94  HOH HOH A . 
E 4 HOH 175 475 8   HOH HOH A . 
E 4 HOH 176 476 20  HOH HOH A . 
E 4 HOH 177 477 146 HOH HOH A . 
E 4 HOH 178 478 168 HOH HOH A . 
E 4 HOH 179 479 175 HOH HOH A . 
# 
loop_
_software.citation_id 
_software.classification 
_software.compiler_name 
_software.compiler_version 
_software.contact_author 
_software.contact_author_email 
_software.date 
_software.description 
_software.dependencies 
_software.hardware 
_software.language 
_software.location 
_software.mods 
_software.name 
_software.os 
_software.os_version 
_software.type 
_software.version 
_software.pdbx_ordinal 
? refinement       ? ? ? ? ? ? ? ? ? ? ? REFMAC ? ? ? 5.8.0267 1 
? 'data reduction' ? ? ? ? ? ? ? ? ? ? ? SAINT  ? ? ? .        2 
? 'data scaling'   ? ? ? ? ? ? ? ? ? ? ? SADABS ? ? ? .        3 
? phasing          ? ? ? ? ? ? ? ? ? ? ? PHASER ? ? ? .        4 
# 
_cell.angle_alpha                  90.00 
_cell.angle_alpha_esd              ? 
_cell.angle_beta                   90.00 
_cell.angle_beta_esd               ? 
_cell.angle_gamma                  90.00 
_cell.angle_gamma_esd              ? 
_cell.entry_id                     9CJ0 
_cell.details                      ? 
_cell.formula_units_Z              ? 
_cell.length_a                     45.522 
_cell.length_a_esd                 ? 
_cell.length_b                     53.137 
_cell.length_b_esd                 ? 
_cell.length_c                     60.348 
_cell.length_c_esd                 ? 
_cell.volume                       ? 
_cell.volume_esd                   ? 
_cell.Z_PDB                        4 
_cell.reciprocal_angle_alpha       ? 
_cell.reciprocal_angle_beta        ? 
_cell.reciprocal_angle_gamma       ? 
_cell.reciprocal_angle_alpha_esd   ? 
_cell.reciprocal_angle_beta_esd    ? 
_cell.reciprocal_angle_gamma_esd   ? 
_cell.reciprocal_length_a          ? 
_cell.reciprocal_length_b          ? 
_cell.reciprocal_length_c          ? 
_cell.reciprocal_length_a_esd      ? 
_cell.reciprocal_length_b_esd      ? 
_cell.reciprocal_length_c_esd      ? 
_cell.pdbx_unique_axis             ? 
_cell.pdbx_esd_method              ? 
# 
_symmetry.entry_id                         9CJ0 
_symmetry.cell_setting                     ? 
_symmetry.Int_Tables_number                19 
_symmetry.space_group_name_Hall            ? 
_symmetry.space_group_name_H-M             'P 21 21 21' 
_symmetry.pdbx_full_space_group_name_H-M   ? 
# 
_exptl.absorpt_coefficient_mu     ? 
_exptl.absorpt_correction_T_max   ? 
_exptl.absorpt_correction_T_min   ? 
_exptl.absorpt_correction_type    ? 
_exptl.absorpt_process_details    ? 
_exptl.entry_id                   9CJ0 
_exptl.crystals_number            1 
_exptl.details                    ? 
_exptl.method                     'X-RAY DIFFRACTION' 
_exptl.method_details             ? 
# 
_exptl_crystal.colour                       ? 
_exptl_crystal.density_diffrn               ? 
_exptl_crystal.density_Matthews             1.95 
_exptl_crystal.density_method               ? 
_exptl_crystal.density_percent_sol          36.81 
_exptl_crystal.description                  ? 
_exptl_crystal.F_000                        ? 
_exptl_crystal.id                           1 
_exptl_crystal.preparation                  ? 
_exptl_crystal.size_max                     ? 
_exptl_crystal.size_mid                     ? 
_exptl_crystal.size_min                     ? 
_exptl_crystal.size_rad                     ? 
_exptl_crystal.colour_lustre                ? 
_exptl_crystal.colour_modifier              ? 
_exptl_crystal.colour_primary               ? 
_exptl_crystal.density_meas                 ? 
_exptl_crystal.density_meas_esd             ? 
_exptl_crystal.density_meas_gt              ? 
_exptl_crystal.density_meas_lt              ? 
_exptl_crystal.density_meas_temp            ? 
_exptl_crystal.density_meas_temp_esd        ? 
_exptl_crystal.density_meas_temp_gt         ? 
_exptl_crystal.density_meas_temp_lt         ? 
_exptl_crystal.pdbx_crystal_image_url       ? 
_exptl_crystal.pdbx_crystal_image_format    ? 
_exptl_crystal.pdbx_mosaicity               ? 
_exptl_crystal.pdbx_mosaicity_esd           ? 
_exptl_crystal.pdbx_mosaic_method           ? 
_exptl_crystal.pdbx_mosaic_block_size       ? 
_exptl_crystal.pdbx_mosaic_block_size_esd   ? 
# 
_exptl_crystal_grow.apparatus       ? 
_exptl_crystal_grow.atmosphere      ? 
_exptl_crystal_grow.crystal_id      1 
_exptl_crystal_grow.details         ? 
_exptl_crystal_grow.method          'VAPOR DIFFUSION, HANGING DROP' 
_exptl_crystal_grow.method_ref      ? 
_exptl_crystal_grow.pH              8 
_exptl_crystal_grow.pressure        ? 
_exptl_crystal_grow.pressure_esd    ? 
_exptl_crystal_grow.seeding         ? 
_exptl_crystal_grow.seeding_ref     ? 
_exptl_crystal_grow.temp_details    ? 
_exptl_crystal_grow.temp_esd        ? 
_exptl_crystal_grow.time            ? 
_exptl_crystal_grow.pdbx_details    '2.5-2.8 M ammonium sulfate, 2% hexyleneglycol, 100 mM HEPPS (pH 8)' 
_exptl_crystal_grow.pdbx_pH_range   ? 
_exptl_crystal_grow.temp            293 
# 
_diffrn.ambient_environment              ? 
_diffrn.ambient_temp                     100 
_diffrn.ambient_temp_details             ? 
_diffrn.ambient_temp_esd                 ? 
_diffrn.crystal_id                       1 
_diffrn.crystal_support                  ? 
_diffrn.crystal_treatment                ? 
_diffrn.details                          ? 
_diffrn.id                               1 
_diffrn.ambient_pressure                 ? 
_diffrn.ambient_pressure_esd             ? 
_diffrn.ambient_pressure_gt              ? 
_diffrn.ambient_pressure_lt              ? 
_diffrn.ambient_temp_gt                  ? 
_diffrn.ambient_temp_lt                  ? 
_diffrn.pdbx_serial_crystal_experiment   N 
# 
_diffrn_detector.details                      ? 
_diffrn_detector.detector                     PIXEL 
_diffrn_detector.diffrn_id                    1 
_diffrn_detector.type                         'Bruker PHOTON II' 
_diffrn_detector.area_resol_mean              ? 
_diffrn_detector.dtime                        ? 
_diffrn_detector.pdbx_frames_total            ? 
_diffrn_detector.pdbx_collection_time_total   ? 
_diffrn_detector.pdbx_collection_date         2023-02-14 
_diffrn_detector.pdbx_frequency               ? 
_diffrn_detector.id                           ? 
_diffrn_detector.number_of_axes               ? 
# 
_diffrn_radiation.collimation                      ? 
_diffrn_radiation.diffrn_id                        1 
_diffrn_radiation.filter_edge                      ? 
_diffrn_radiation.inhomogeneity                    ? 
_diffrn_radiation.monochromator                    ? 
_diffrn_radiation.polarisn_norm                    ? 
_diffrn_radiation.polarisn_ratio                   ? 
_diffrn_radiation.probe                            ? 
_diffrn_radiation.type                             ? 
_diffrn_radiation.xray_symbol                      ? 
_diffrn_radiation.wavelength_id                    1 
_diffrn_radiation.pdbx_monochromatic_or_laue_m_l   M 
_diffrn_radiation.pdbx_wavelength_list             ? 
_diffrn_radiation.pdbx_wavelength                  ? 
_diffrn_radiation.pdbx_diffrn_protocol             'SINGLE WAVELENGTH' 
_diffrn_radiation.pdbx_analyzer                    ? 
_diffrn_radiation.pdbx_scattering_type             x-ray 
# 
_diffrn_radiation_wavelength.id           1 
_diffrn_radiation_wavelength.wavelength   1.5418 
_diffrn_radiation_wavelength.wt           1.0 
# 
_diffrn_source.current                     ? 
_diffrn_source.details                     ? 
_diffrn_source.diffrn_id                   1 
_diffrn_source.power                       ? 
_diffrn_source.size                        ? 
_diffrn_source.source                      'SEALED TUBE' 
_diffrn_source.target                      ? 
_diffrn_source.type                        'BRUKER D8 QUEST' 
_diffrn_source.voltage                     ? 
_diffrn_source.take-off_angle              ? 
_diffrn_source.pdbx_wavelength_list        1.5418 
_diffrn_source.pdbx_wavelength             ? 
_diffrn_source.pdbx_synchrotron_beamline   ? 
_diffrn_source.pdbx_synchrotron_site       ? 
# 
_reflns.B_iso_Wilson_estimate                          ? 
_reflns.entry_id                                       9CJ0 
_reflns.data_reduction_details                         ? 
_reflns.data_reduction_method                          ? 
_reflns.d_resolution_high                              1.3 
_reflns.d_resolution_low                               40 
_reflns.details                                        ? 
_reflns.limit_h_max                                    ? 
_reflns.limit_h_min                                    ? 
_reflns.limit_k_max                                    ? 
_reflns.limit_k_min                                    ? 
_reflns.limit_l_max                                    ? 
_reflns.limit_l_min                                    ? 
_reflns.number_all                                     ? 
_reflns.number_obs                                     36207 
_reflns.observed_criterion                             ? 
_reflns.observed_criterion_F_max                       ? 
_reflns.observed_criterion_F_min                       ? 
_reflns.observed_criterion_I_max                       ? 
_reflns.observed_criterion_I_min                       ? 
_reflns.observed_criterion_sigma_F                     0 
_reflns.observed_criterion_sigma_I                     ? 
_reflns.percent_possible_obs                           98.0 
_reflns.R_free_details                                 ? 
_reflns.Rmerge_F_all                                   ? 
_reflns.Rmerge_F_obs                                   ? 
_reflns.Friedel_coverage                               ? 
_reflns.number_gt                                      ? 
_reflns.threshold_expression                           ? 
_reflns.pdbx_redundancy                                8.1 
_reflns.pdbx_netI_over_av_sigmaI                       ? 
_reflns.pdbx_netI_over_sigmaI                          20.1 
_reflns.pdbx_res_netI_over_av_sigmaI_2                 ? 
_reflns.pdbx_res_netI_over_sigmaI_2                    ? 
_reflns.pdbx_chi_squared                               ? 
_reflns.pdbx_scaling_rejects                           ? 
_reflns.pdbx_d_res_high_opt                            ? 
_reflns.pdbx_d_res_low_opt                             ? 
_reflns.pdbx_d_res_opt_method                          ? 
_reflns.phase_calculation_details                      ? 
_reflns.pdbx_Rrim_I_all                                ? 
_reflns.pdbx_Rpim_I_all                                ? 
_reflns.pdbx_d_opt                                     ? 
_reflns.pdbx_number_measured_all                       ? 
_reflns.pdbx_diffrn_id                                 1 
_reflns.pdbx_ordinal                                   1 
_reflns.pdbx_CC_half                                   ? 
_reflns.pdbx_CC_star                                   ? 
_reflns.pdbx_R_split                                   ? 
_reflns.pdbx_Rmerge_I_obs                              ? 
_reflns.pdbx_Rmerge_I_all                              ? 
_reflns.pdbx_Rsym_value                                0.051 
_reflns.pdbx_CC_split_method                           ? 
_reflns.pdbx_aniso_diffraction_limit_axis_1_ortho[1]   ? 
_reflns.pdbx_aniso_diffraction_limit_axis_1_ortho[2]   ? 
_reflns.pdbx_aniso_diffraction_limit_axis_1_ortho[3]   ? 
_reflns.pdbx_aniso_diffraction_limit_axis_2_ortho[1]   ? 
_reflns.pdbx_aniso_diffraction_limit_axis_2_ortho[2]   ? 
_reflns.pdbx_aniso_diffraction_limit_axis_2_ortho[3]   ? 
_reflns.pdbx_aniso_diffraction_limit_axis_3_ortho[1]   ? 
_reflns.pdbx_aniso_diffraction_limit_axis_3_ortho[2]   ? 
_reflns.pdbx_aniso_diffraction_limit_axis_3_ortho[3]   ? 
_reflns.pdbx_aniso_diffraction_limit_1                 ? 
_reflns.pdbx_aniso_diffraction_limit_2                 ? 
_reflns.pdbx_aniso_diffraction_limit_3                 ? 
_reflns.pdbx_aniso_B_tensor_eigenvector_1_ortho[1]     ? 
_reflns.pdbx_aniso_B_tensor_eigenvector_1_ortho[2]     ? 
_reflns.pdbx_aniso_B_tensor_eigenvector_1_ortho[3]     ? 
_reflns.pdbx_aniso_B_tensor_eigenvector_2_ortho[1]     ? 
_reflns.pdbx_aniso_B_tensor_eigenvector_2_ortho[2]     ? 
_reflns.pdbx_aniso_B_tensor_eigenvector_2_ortho[3]     ? 
_reflns.pdbx_aniso_B_tensor_eigenvector_3_ortho[1]     ? 
_reflns.pdbx_aniso_B_tensor_eigenvector_3_ortho[2]     ? 
_reflns.pdbx_aniso_B_tensor_eigenvector_3_ortho[3]     ? 
_reflns.pdbx_aniso_B_tensor_eigenvalue_1               ? 
_reflns.pdbx_aniso_B_tensor_eigenvalue_2               ? 
_reflns.pdbx_aniso_B_tensor_eigenvalue_3               ? 
_reflns.pdbx_orthogonalization_convention              ? 
_reflns.pdbx_percent_possible_ellipsoidal              ? 
_reflns.pdbx_percent_possible_spherical                ? 
_reflns.pdbx_percent_possible_ellipsoidal_anomalous    ? 
_reflns.pdbx_percent_possible_spherical_anomalous      ? 
_reflns.pdbx_redundancy_anomalous                      ? 
_reflns.pdbx_CC_half_anomalous                         ? 
_reflns.pdbx_absDiff_over_sigma_anomalous              ? 
_reflns.pdbx_percent_possible_anomalous                ? 
_reflns.pdbx_observed_signal_threshold                 ? 
_reflns.pdbx_signal_type                               ? 
_reflns.pdbx_signal_details                            ? 
_reflns.pdbx_signal_software_id                        ? 
# 
_reflns_shell.d_res_high                                    1.3 
_reflns_shell.d_res_low                                     1.4 
_reflns_shell.meanI_over_sigI_all                           ? 
_reflns_shell.meanI_over_sigI_obs                           3.3 
_reflns_shell.number_measured_all                           ? 
_reflns_shell.number_measured_obs                           ? 
_reflns_shell.number_possible                               ? 
_reflns_shell.number_unique_all                             ? 
_reflns_shell.number_unique_obs                             6984 
_reflns_shell.percent_possible_obs                          ? 
_reflns_shell.Rmerge_F_all                                  ? 
_reflns_shell.Rmerge_F_obs                                  ? 
_reflns_shell.meanI_over_sigI_gt                            ? 
_reflns_shell.meanI_over_uI_all                             ? 
_reflns_shell.meanI_over_uI_gt                              ? 
_reflns_shell.number_measured_gt                            ? 
_reflns_shell.number_unique_gt                              ? 
_reflns_shell.percent_possible_gt                           ? 
_reflns_shell.Rmerge_F_gt                                   ? 
_reflns_shell.Rmerge_I_gt                                   ? 
_reflns_shell.pdbx_redundancy                               5 
_reflns_shell.pdbx_chi_squared                              ? 
_reflns_shell.pdbx_netI_over_sigmaI_all                     ? 
_reflns_shell.pdbx_netI_over_sigmaI_obs                     ? 
_reflns_shell.pdbx_Rrim_I_all                               ? 
_reflns_shell.pdbx_Rpim_I_all                               ? 
_reflns_shell.pdbx_rejects                                  ? 
_reflns_shell.pdbx_ordinal                                  1 
_reflns_shell.pdbx_diffrn_id                                1 
_reflns_shell.pdbx_CC_half                                  ? 
_reflns_shell.pdbx_CC_star                                  ? 
_reflns_shell.pdbx_R_split                                  ? 
_reflns_shell.percent_possible_all                          94.0 
_reflns_shell.Rmerge_I_all                                  ? 
_reflns_shell.Rmerge_I_obs                                  ? 
_reflns_shell.pdbx_Rsym_value                               0.42 
_reflns_shell.pdbx_percent_possible_ellipsoidal             ? 
_reflns_shell.pdbx_percent_possible_spherical               ? 
_reflns_shell.pdbx_percent_possible_ellipsoidal_anomalous   ? 
_reflns_shell.pdbx_percent_possible_spherical_anomalous     ? 
_reflns_shell.pdbx_redundancy_anomalous                     ? 
_reflns_shell.pdbx_CC_half_anomalous                        ? 
_reflns_shell.pdbx_absDiff_over_sigma_anomalous             ? 
_reflns_shell.pdbx_percent_possible_anomalous               ? 
# 
_refine.aniso_B[1][1]                            -0.01 
_refine.aniso_B[1][2]                            0.00 
_refine.aniso_B[1][3]                            0.00 
_refine.aniso_B[2][2]                            0.01 
_refine.aniso_B[2][3]                            0.00 
_refine.aniso_B[3][3]                            -0.00 
_refine.B_iso_max                                ? 
_refine.B_iso_mean                               16.335 
_refine.B_iso_min                                ? 
_refine.correlation_coeff_Fo_to_Fc               0.970 
_refine.correlation_coeff_Fo_to_Fc_free          0.957 
_refine.details                                  'HYDROGENS HAVE BEEN ADDED IN THE RIDING POSITIONS' 
_refine.diff_density_max                         ? 
_refine.diff_density_max_esd                     ? 
_refine.diff_density_min                         ? 
_refine.diff_density_min_esd                     ? 
_refine.diff_density_rms                         ? 
_refine.diff_density_rms_esd                     ? 
_refine.entry_id                                 9CJ0 
_refine.pdbx_refine_id                           'X-RAY DIFFRACTION' 
_refine.ls_abs_structure_details                 ? 
_refine.ls_abs_structure_Flack                   ? 
_refine.ls_abs_structure_Flack_esd               ? 
_refine.ls_abs_structure_Rogers                  ? 
_refine.ls_abs_structure_Rogers_esd              ? 
_refine.ls_d_res_high                            1.30 
_refine.ls_d_res_low                             39.88 
_refine.ls_extinction_coef                       ? 
_refine.ls_extinction_coef_esd                   ? 
_refine.ls_extinction_expression                 ? 
_refine.ls_extinction_method                     ? 
_refine.ls_goodness_of_fit_all                   ? 
_refine.ls_goodness_of_fit_all_esd               ? 
_refine.ls_goodness_of_fit_obs                   ? 
_refine.ls_goodness_of_fit_obs_esd               ? 
_refine.ls_hydrogen_treatment                    ? 
_refine.ls_matrix_type                           ? 
_refine.ls_number_constraints                    ? 
_refine.ls_number_parameters                     ? 
_refine.ls_number_reflns_all                     ? 
_refine.ls_number_reflns_obs                     34487 
_refine.ls_number_reflns_R_free                  1720 
_refine.ls_number_reflns_R_work                  ? 
_refine.ls_number_restraints                     ? 
_refine.ls_percent_reflns_obs                    98.09 
_refine.ls_percent_reflns_R_free                 4.8 
_refine.ls_R_factor_all                          ? 
_refine.ls_R_factor_obs                          0.18634 
_refine.ls_R_factor_R_free                       0.22175 
_refine.ls_R_factor_R_free_error                 ? 
_refine.ls_R_factor_R_free_error_details         ? 
_refine.ls_R_factor_R_work                       0.18465 
_refine.ls_R_Fsqd_factor_obs                     ? 
_refine.ls_R_I_factor_obs                        ? 
_refine.ls_redundancy_reflns_all                 ? 
_refine.ls_redundancy_reflns_obs                 ? 
_refine.ls_restrained_S_all                      ? 
_refine.ls_restrained_S_obs                      ? 
_refine.ls_shift_over_esd_max                    ? 
_refine.ls_shift_over_esd_mean                   ? 
_refine.ls_structure_factor_coef                 ? 
_refine.ls_weighting_details                     ? 
_refine.ls_weighting_scheme                      ? 
_refine.ls_wR_factor_all                         ? 
_refine.ls_wR_factor_obs                         ? 
_refine.ls_wR_factor_R_free                      ? 
_refine.ls_wR_factor_R_work                      ? 
_refine.occupancy_max                            ? 
_refine.occupancy_min                            ? 
_refine.solvent_model_details                    MASK 
_refine.solvent_model_param_bsol                 ? 
_refine.solvent_model_param_ksol                 ? 
_refine.pdbx_R_complete                          ? 
_refine.ls_R_factor_gt                           ? 
_refine.ls_goodness_of_fit_gt                    ? 
_refine.ls_goodness_of_fit_ref                   ? 
_refine.ls_shift_over_su_max                     ? 
_refine.ls_shift_over_su_max_lt                  ? 
_refine.ls_shift_over_su_mean                    ? 
_refine.ls_shift_over_su_mean_lt                 ? 
_refine.pdbx_ls_sigma_I                          ? 
_refine.pdbx_ls_sigma_F                          ? 
_refine.pdbx_ls_sigma_Fsqd                       ? 
_refine.pdbx_data_cutoff_high_absF               ? 
_refine.pdbx_data_cutoff_high_rms_absF           ? 
_refine.pdbx_data_cutoff_low_absF                ? 
_refine.pdbx_isotropic_thermal_model             ? 
_refine.pdbx_ls_cross_valid_method               THROUGHOUT 
_refine.pdbx_method_to_determine_struct          'MOLECULAR REPLACEMENT' 
_refine.pdbx_starting_model                      ? 
_refine.pdbx_stereochemistry_target_values       'MAXIMUM LIKELIHOOD' 
_refine.pdbx_R_Free_selection_details            RANDOM 
_refine.pdbx_stereochem_target_val_spec_case     ? 
_refine.pdbx_overall_ESU_R                       0.058 
_refine.pdbx_overall_ESU_R_Free                  0.063 
_refine.pdbx_solvent_vdw_probe_radii             1.20 
_refine.pdbx_solvent_ion_probe_radii             0.80 
_refine.pdbx_solvent_shrinkage_radii             0.80 
_refine.pdbx_real_space_R                        ? 
_refine.pdbx_density_correlation                 ? 
_refine.pdbx_pd_number_of_powder_patterns        ? 
_refine.pdbx_pd_number_of_points                 ? 
_refine.pdbx_pd_meas_number_of_points            ? 
_refine.pdbx_pd_proc_ls_prof_R_factor            ? 
_refine.pdbx_pd_proc_ls_prof_wR_factor           ? 
_refine.pdbx_pd_Marquardt_correlation_coeff      ? 
_refine.pdbx_pd_Fsqrd_R_factor                   ? 
_refine.pdbx_pd_ls_matrix_band_width             ? 
_refine.pdbx_overall_phase_error                 ? 
_refine.pdbx_overall_SU_R_free_Cruickshank_DPI   ? 
_refine.pdbx_overall_SU_R_free_Blow_DPI          ? 
_refine.pdbx_overall_SU_R_Blow_DPI               ? 
_refine.pdbx_TLS_residual_ADP_flag               ? 
_refine.pdbx_diffrn_id                           1 
_refine.overall_SU_B                             1.222 
_refine.overall_SU_ML                            0.049 
_refine.overall_SU_R_Cruickshank_DPI             ? 
_refine.overall_SU_R_free                        ? 
_refine.overall_FOM_free_R_set                   ? 
_refine.overall_FOM_work_R_set                   ? 
_refine.pdbx_average_fsc_overall                 ? 
_refine.pdbx_average_fsc_work                    ? 
_refine.pdbx_average_fsc_free                    ? 
# 
_refine_hist.pdbx_refine_id                   'X-RAY DIFFRACTION' 
_refine_hist.cycle_id                         1 
_refine_hist.details                          ? 
_refine_hist.d_res_high                       1.30 
_refine_hist.d_res_low                        39.88 
_refine_hist.number_atoms_solvent             179 
_refine_hist.number_atoms_total               1520 
_refine_hist.number_reflns_all                ? 
_refine_hist.number_reflns_obs                ? 
_refine_hist.number_reflns_R_free             ? 
_refine_hist.number_reflns_R_work             ? 
_refine_hist.R_factor_all                     ? 
_refine_hist.R_factor_obs                     ? 
_refine_hist.R_factor_R_free                  ? 
_refine_hist.R_factor_R_work                  ? 
_refine_hist.pdbx_number_residues_total       ? 
_refine_hist.pdbx_B_iso_mean_ligand           ? 
_refine_hist.pdbx_B_iso_mean_solvent          ? 
_refine_hist.pdbx_number_atoms_protein        1315 
_refine_hist.pdbx_number_atoms_nucleic_acid   0 
_refine_hist.pdbx_number_atoms_ligand         26 
_refine_hist.pdbx_number_atoms_lipid          ? 
_refine_hist.pdbx_number_atoms_carb           ? 
_refine_hist.pdbx_pseudo_atom_details         ? 
# 
loop_
_refine_ls_restr.pdbx_refine_id 
_refine_ls_restr.criterion 
_refine_ls_restr.dev_ideal 
_refine_ls_restr.dev_ideal_target 
_refine_ls_restr.number 
_refine_ls_restr.rejects 
_refine_ls_restr.type 
_refine_ls_restr.weight 
_refine_ls_restr.pdbx_restraint_function 
'X-RAY DIFFRACTION' ? 0.008  0.013  1431 ? r_bond_refined_d             ? ? 
'X-RAY DIFFRACTION' ? 0.000  0.015  1360 ? r_bond_other_d               ? ? 
'X-RAY DIFFRACTION' ? 1.636  1.639  1969 ? r_angle_refined_deg          ? ? 
'X-RAY DIFFRACTION' ? 1.431  1.577  3160 ? r_angle_other_deg            ? ? 
'X-RAY DIFFRACTION' ? 7.518  5.000  189  ? r_dihedral_angle_1_deg       ? ? 
'X-RAY DIFFRACTION' ? 36.445 22.581 62   ? r_dihedral_angle_2_deg       ? ? 
'X-RAY DIFFRACTION' ? 14.928 15.000 244  ? r_dihedral_angle_3_deg       ? ? 
'X-RAY DIFFRACTION' ? 17.776 15.000 7    ? r_dihedral_angle_4_deg       ? ? 
'X-RAY DIFFRACTION' ? 0.077  0.200  193  ? r_chiral_restr               ? ? 
'X-RAY DIFFRACTION' ? 0.006  0.020  1599 ? r_gen_planes_refined         ? ? 
'X-RAY DIFFRACTION' ? 0.001  0.020  311  ? r_gen_planes_other           ? ? 
'X-RAY DIFFRACTION' ? ?      ?      ?    ? r_nbd_refined                ? ? 
'X-RAY DIFFRACTION' ? ?      ?      ?    ? r_nbd_other                  ? ? 
'X-RAY DIFFRACTION' ? ?      ?      ?    ? r_nbtor_refined              ? ? 
'X-RAY DIFFRACTION' ? ?      ?      ?    ? r_nbtor_other                ? ? 
'X-RAY DIFFRACTION' ? ?      ?      ?    ? r_xyhbond_nbd_refined        ? ? 
'X-RAY DIFFRACTION' ? ?      ?      ?    ? r_xyhbond_nbd_other          ? ? 
'X-RAY DIFFRACTION' ? ?      ?      ?    ? r_metal_ion_refined          ? ? 
'X-RAY DIFFRACTION' ? ?      ?      ?    ? r_metal_ion_other            ? ? 
'X-RAY DIFFRACTION' ? ?      ?      ?    ? r_symmetry_vdw_refined       ? ? 
'X-RAY DIFFRACTION' ? ?      ?      ?    ? r_symmetry_vdw_other         ? ? 
'X-RAY DIFFRACTION' ? ?      ?      ?    ? r_symmetry_hbond_refined     ? ? 
'X-RAY DIFFRACTION' ? ?      ?      ?    ? r_symmetry_hbond_other       ? ? 
'X-RAY DIFFRACTION' ? ?      ?      ?    ? r_symmetry_metal_ion_refined ? ? 
'X-RAY DIFFRACTION' ? ?      ?      ?    ? r_symmetry_metal_ion_other   ? ? 
'X-RAY DIFFRACTION' ? 1.766  1.504  699  ? r_mcbond_it                  ? ? 
'X-RAY DIFFRACTION' ? 1.762  1.497  698  ? r_mcbond_other               ? ? 
'X-RAY DIFFRACTION' ? 2.719  2.240  877  ? r_mcangle_it                 ? ? 
'X-RAY DIFFRACTION' ? 2.718  2.248  878  ? r_mcangle_other              ? ? 
'X-RAY DIFFRACTION' ? 2.523  1.779  732  ? r_scbond_it                  ? ? 
'X-RAY DIFFRACTION' ? 2.469  1.753  725  ? r_scbond_other               ? ? 
'X-RAY DIFFRACTION' ? ?      ?      ?    ? r_scangle_it                 ? ? 
'X-RAY DIFFRACTION' ? 3.818  2.521  1071 ? r_scangle_other              ? ? 
'X-RAY DIFFRACTION' ? 5.597  18.763 1643 ? r_long_range_B_refined       ? ? 
'X-RAY DIFFRACTION' ? 5.455  18.180 1600 ? r_long_range_B_other         ? ? 
'X-RAY DIFFRACTION' ? ?      ?      ?    ? r_rigid_bond_restr           ? ? 
'X-RAY DIFFRACTION' ? ?      ?      ?    ? r_sphericity_free            ? ? 
'X-RAY DIFFRACTION' ? ?      ?      ?    ? r_sphericity_bonded          ? ? 
# 
_refine_ls_shell.pdbx_refine_id                   'X-RAY DIFFRACTION' 
_refine_ls_shell.d_res_high                       1.3 
_refine_ls_shell.d_res_low                        1.331 
_refine_ls_shell.number_reflns_all                ? 
_refine_ls_shell.number_reflns_obs                ? 
_refine_ls_shell.number_reflns_R_free             93 
_refine_ls_shell.number_reflns_R_work             2301 
_refine_ls_shell.percent_reflns_obs               89.03 
_refine_ls_shell.percent_reflns_R_free            ? 
_refine_ls_shell.R_factor_all                     ? 
_refine_ls_shell.R_factor_obs                     ? 
_refine_ls_shell.R_factor_R_free_error            ? 
_refine_ls_shell.R_factor_R_work                  0.342 
_refine_ls_shell.redundancy_reflns_all            ? 
_refine_ls_shell.redundancy_reflns_obs            ? 
_refine_ls_shell.wR_factor_all                    ? 
_refine_ls_shell.wR_factor_obs                    ? 
_refine_ls_shell.wR_factor_R_free                 ? 
_refine_ls_shell.wR_factor_R_work                 ? 
_refine_ls_shell.pdbx_R_complete                  ? 
_refine_ls_shell.pdbx_total_number_of_bins_used   ? 
_refine_ls_shell.pdbx_phase_error                 ? 
_refine_ls_shell.pdbx_fsc_work                    ? 
_refine_ls_shell.pdbx_fsc_free                    ? 
_refine_ls_shell.R_factor_R_free                  0.378 
# 
_struct.entry_id                     9CJ0 
_struct.title                        
;The High-Resolution Structure of a Variable Lymphocyte Receptor from Petromyzon marinus Capable of Binding to the Brain Extracellular Matrix
;
_struct.pdbx_model_details           ? 
_struct.pdbx_formula_weight          ? 
_struct.pdbx_formula_weight_method   ? 
_struct.pdbx_model_type_details      ? 
_struct.pdbx_CASP_flag               N 
# 
_struct_keywords.entry_id        9CJ0 
_struct_keywords.text            
;adaptive immune system of jawless vertebrates, alternative antigen receptor, leucine-rich repeat, variable lymphocyte receptor, VLR technologies, IMMUNE SYSTEM
;
_struct_keywords.pdbx_keywords   'IMMUNE SYSTEM' 
# 
loop_
_struct_asym.id 
_struct_asym.pdbx_blank_PDB_chainid_flag 
_struct_asym.pdbx_modified 
_struct_asym.entity_id 
_struct_asym.details 
A N N 1 ? 
B N N 2 ? 
C N N 3 ? 
D N N 3 ? 
E N N 4 ? 
# 
_struct_ref.id                         1 
_struct_ref.db_name                    PDB 
_struct_ref.db_code                    9CJ0 
_struct_ref.pdbx_db_accession          9CJ0 
_struct_ref.pdbx_db_isoform            ? 
_struct_ref.entity_id                  1 
_struct_ref.pdbx_seq_one_letter_code   ? 
_struct_ref.pdbx_align_begin           1 
# 
_struct_ref_seq.align_id                      1 
_struct_ref_seq.ref_id                        1 
_struct_ref_seq.pdbx_PDB_id_code              9CJ0 
_struct_ref_seq.pdbx_strand_id                A 
_struct_ref_seq.seq_align_beg                 1 
_struct_ref_seq.pdbx_seq_align_beg_ins_code   ? 
_struct_ref_seq.seq_align_end                 170 
_struct_ref_seq.pdbx_seq_align_end_ins_code   ? 
_struct_ref_seq.pdbx_db_accession             9CJ0 
_struct_ref_seq.db_align_beg                  -1 
_struct_ref_seq.pdbx_db_align_beg_ins_code    ? 
_struct_ref_seq.db_align_end                  168 
_struct_ref_seq.pdbx_db_align_end_ins_code    ? 
_struct_ref_seq.pdbx_auth_seq_align_beg       -1 
_struct_ref_seq.pdbx_auth_seq_align_end       168 
# 
_pdbx_struct_assembly.id                   1 
_pdbx_struct_assembly.details              author_defined_assembly 
_pdbx_struct_assembly.method_details       ? 
_pdbx_struct_assembly.oligomeric_details   monomeric 
_pdbx_struct_assembly.oligomeric_count     1 
# 
_pdbx_struct_assembly_gen.assembly_id       1 
_pdbx_struct_assembly_gen.oper_expression   1 
_pdbx_struct_assembly_gen.asym_id_list      A,B,C,D,E 
# 
_pdbx_struct_oper_list.id                   1 
_pdbx_struct_oper_list.type                 'identity operation' 
_pdbx_struct_oper_list.name                 1_555 
_pdbx_struct_oper_list.symmetry_operation   x,y,z 
_pdbx_struct_oper_list.matrix[1][1]         1.0000000000 
_pdbx_struct_oper_list.matrix[1][2]         0.0000000000 
_pdbx_struct_oper_list.matrix[1][3]         0.0000000000 
_pdbx_struct_oper_list.vector[1]            0.0000000000 
_pdbx_struct_oper_list.matrix[2][1]         0.0000000000 
_pdbx_struct_oper_list.matrix[2][2]         1.0000000000 
_pdbx_struct_oper_list.matrix[2][3]         0.0000000000 
_pdbx_struct_oper_list.vector[2]            0.0000000000 
_pdbx_struct_oper_list.matrix[3][1]         0.0000000000 
_pdbx_struct_oper_list.matrix[3][2]         0.0000000000 
_pdbx_struct_oper_list.matrix[3][3]         1.0000000000 
_pdbx_struct_oper_list.vector[3]            0.0000000000 
# 
loop_
_struct_conf.conf_type_id 
_struct_conf.id 
_struct_conf.pdbx_PDB_helix_id 
_struct_conf.beg_label_comp_id 
_struct_conf.beg_label_asym_id 
_struct_conf.beg_label_seq_id 
_struct_conf.pdbx_beg_PDB_ins_code 
_struct_conf.end_label_comp_id 
_struct_conf.end_label_asym_id 
_struct_conf.end_label_seq_id 
_struct_conf.pdbx_end_PDB_ins_code 
_struct_conf.beg_auth_comp_id 
_struct_conf.beg_auth_asym_id 
_struct_conf.beg_auth_seq_id 
_struct_conf.end_auth_comp_id 
_struct_conf.end_auth_asym_id 
_struct_conf.end_auth_seq_id 
_struct_conf.pdbx_PDB_helix_class 
_struct_conf.details 
_struct_conf.pdbx_PDB_helix_length 
HELX_P HELX_P1 AA1 CYS A 119 ? ASP A 121 ? CYS A 117 ASP A 119 5 ? 3  
HELX_P HELX_P2 AA2 ILE A 122 ? HIS A 132 ? ILE A 120 HIS A 130 1 ? 11 
HELX_P HELX_P3 AA3 ALA A 133 ? VAL A 136 ? ALA A 131 VAL A 134 5 ? 4  
HELX_P HELX_P4 AA4 GLY A 143 ? VAL A 147 ? GLY A 141 VAL A 145 5 ? 5  
HELX_P HELX_P5 AA5 PRO A 155 ? VAL A 159 ? PRO A 153 VAL A 157 5 ? 5  
HELX_P HELX_P6 AA6 THR A 160 ? THR A 164 ? THR A 158 THR A 162 5 ? 5  
HELX_P HELX_P7 AA7 SER A 165 ? CYS A 169 ? SER A 163 CYS A 167 5 ? 5  
# 
_struct_conf_type.id          HELX_P 
_struct_conf_type.criteria    ? 
_struct_conf_type.reference   ? 
# 
loop_
_struct_conn.id 
_struct_conn.conn_type_id 
_struct_conn.pdbx_leaving_atom_flag 
_struct_conn.pdbx_PDB_id 
_struct_conn.ptnr1_label_asym_id 
_struct_conn.ptnr1_label_comp_id 
_struct_conn.ptnr1_label_seq_id 
_struct_conn.ptnr1_label_atom_id 
_struct_conn.pdbx_ptnr1_label_alt_id 
_struct_conn.pdbx_ptnr1_PDB_ins_code 
_struct_conn.pdbx_ptnr1_standard_comp_id 
_struct_conn.ptnr1_symmetry 
_struct_conn.ptnr2_label_asym_id 
_struct_conn.ptnr2_label_comp_id 
_struct_conn.ptnr2_label_seq_id 
_struct_conn.ptnr2_label_atom_id 
_struct_conn.pdbx_ptnr2_label_alt_id 
_struct_conn.pdbx_ptnr2_PDB_ins_code 
_struct_conn.ptnr1_auth_asym_id 
_struct_conn.ptnr1_auth_comp_id 
_struct_conn.ptnr1_auth_seq_id 
_struct_conn.ptnr2_auth_asym_id 
_struct_conn.ptnr2_auth_comp_id 
_struct_conn.ptnr2_auth_seq_id 
_struct_conn.ptnr2_symmetry 
_struct_conn.pdbx_ptnr3_label_atom_id 
_struct_conn.pdbx_ptnr3_label_seq_id 
_struct_conn.pdbx_ptnr3_label_comp_id 
_struct_conn.pdbx_ptnr3_label_asym_id 
_struct_conn.pdbx_ptnr3_label_alt_id 
_struct_conn.pdbx_ptnr3_PDB_ins_code 
_struct_conn.details 
_struct_conn.pdbx_dist_value 
_struct_conn.pdbx_value_order 
_struct_conn.pdbx_role 
disulf1 disulf ? ? A CYS 4   SG ? ? ? 1_555 A CYS 10  SG ? ? A CYS 2   A CYS 8   1_555 ? ? ? ? ? ? ? 2.056 ? ? 
disulf2 disulf ? ? A CYS 8   SG ? ? ? 1_555 A CYS 17  SG ? ? A CYS 6   A CYS 15  1_555 ? ? ? ? ? ? ? 2.051 ? ? 
disulf3 disulf ? ? A CYS 117 SG ? ? ? 1_555 A CYS 149 SG ? ? A CYS 115 A CYS 147 1_555 ? ? ? ? ? ? ? 2.031 ? ? 
disulf4 disulf ? ? A CYS 119 SG ? ? ? 1_555 A CYS 169 SG ? ? A CYS 117 A CYS 167 1_555 ? ? ? ? ? ? ? 2.052 ? ? 
# 
_struct_conn_type.id          disulf 
_struct_conn_type.criteria    ? 
_struct_conn_type.reference   ? 
# 
loop_
_pdbx_modification_feature.ordinal 
_pdbx_modification_feature.label_comp_id 
_pdbx_modification_feature.label_asym_id 
_pdbx_modification_feature.label_seq_id 
_pdbx_modification_feature.label_alt_id 
_pdbx_modification_feature.modified_residue_label_comp_id 
_pdbx_modification_feature.modified_residue_label_asym_id 
_pdbx_modification_feature.modified_residue_label_seq_id 
_pdbx_modification_feature.modified_residue_label_alt_id 
_pdbx_modification_feature.auth_comp_id 
_pdbx_modification_feature.auth_asym_id 
_pdbx_modification_feature.auth_seq_id 
_pdbx_modification_feature.PDB_ins_code 
_pdbx_modification_feature.symmetry 
_pdbx_modification_feature.modified_residue_auth_comp_id 
_pdbx_modification_feature.modified_residue_auth_asym_id 
_pdbx_modification_feature.modified_residue_auth_seq_id 
_pdbx_modification_feature.modified_residue_PDB_ins_code 
_pdbx_modification_feature.modified_residue_symmetry 
_pdbx_modification_feature.comp_id_linking_atom 
_pdbx_modification_feature.modified_residue_id_linking_atom 
_pdbx_modification_feature.modified_residue_id 
_pdbx_modification_feature.ref_pcm_id 
_pdbx_modification_feature.ref_comp_id 
_pdbx_modification_feature.type 
_pdbx_modification_feature.category 
1 CYS A 4   ? CYS A 10  ? CYS A 2   ? 1_555 CYS A 8   ? 1_555 SG SG . . . None 'Disulfide bridge' 
2 CYS A 8   ? CYS A 17  ? CYS A 6   ? 1_555 CYS A 15  ? 1_555 SG SG . . . None 'Disulfide bridge' 
3 CYS A 117 ? CYS A 149 ? CYS A 115 ? 1_555 CYS A 147 ? 1_555 SG SG . . . None 'Disulfide bridge' 
4 CYS A 119 ? CYS A 169 ? CYS A 117 ? 1_555 CYS A 167 ? 1_555 SG SG . . . None 'Disulfide bridge' 
# 
_struct_sheet.id               AA1 
_struct_sheet.type             ? 
_struct_sheet.number_strands   6 
_struct_sheet.details          ? 
# 
loop_
_struct_sheet_order.sheet_id 
_struct_sheet_order.range_id_1 
_struct_sheet_order.range_id_2 
_struct_sheet_order.offset 
_struct_sheet_order.sense 
AA1 1 2 ? anti-parallel 
AA1 2 3 ? parallel      
AA1 3 4 ? parallel      
AA1 4 5 ? parallel      
AA1 5 6 ? parallel      
# 
loop_
_struct_sheet_range.sheet_id 
_struct_sheet_range.id 
_struct_sheet_range.beg_label_comp_id 
_struct_sheet_range.beg_label_asym_id 
_struct_sheet_range.beg_label_seq_id 
_struct_sheet_range.pdbx_beg_PDB_ins_code 
_struct_sheet_range.end_label_comp_id 
_struct_sheet_range.end_label_asym_id 
_struct_sheet_range.end_label_seq_id 
_struct_sheet_range.pdbx_end_PDB_ins_code 
_struct_sheet_range.beg_auth_comp_id 
_struct_sheet_range.beg_auth_asym_id 
_struct_sheet_range.beg_auth_seq_id 
_struct_sheet_range.end_auth_comp_id 
_struct_sheet_range.end_auth_asym_id 
_struct_sheet_range.end_auth_seq_id 
AA1 1 SER A 9   ? ASP A 11  ? SER A 7   ASP A 9   
AA1 2 THR A 14  ? LYS A 16  ? THR A 12  LYS A 14  
AA1 3 ILE A 35  ? ARG A 37  ? ILE A 33  ARG A 35  
AA1 4 LYS A 59  ? TYR A 61  ? LYS A 57  TYR A 59  
AA1 5 HIS A 83  ? SER A 85  ? HIS A 81  SER A 83  
AA1 6 HIS A 107 ? TRP A 109 ? HIS A 105 TRP A 107 
# 
loop_
_pdbx_struct_sheet_hbond.sheet_id 
_pdbx_struct_sheet_hbond.range_id_1 
_pdbx_struct_sheet_hbond.range_id_2 
_pdbx_struct_sheet_hbond.range_1_label_atom_id 
_pdbx_struct_sheet_hbond.range_1_label_comp_id 
_pdbx_struct_sheet_hbond.range_1_label_asym_id 
_pdbx_struct_sheet_hbond.range_1_label_seq_id 
_pdbx_struct_sheet_hbond.range_1_PDB_ins_code 
_pdbx_struct_sheet_hbond.range_1_auth_atom_id 
_pdbx_struct_sheet_hbond.range_1_auth_comp_id 
_pdbx_struct_sheet_hbond.range_1_auth_asym_id 
_pdbx_struct_sheet_hbond.range_1_auth_seq_id 
_pdbx_struct_sheet_hbond.range_2_label_atom_id 
_pdbx_struct_sheet_hbond.range_2_label_comp_id 
_pdbx_struct_sheet_hbond.range_2_label_asym_id 
_pdbx_struct_sheet_hbond.range_2_label_seq_id 
_pdbx_struct_sheet_hbond.range_2_PDB_ins_code 
_pdbx_struct_sheet_hbond.range_2_auth_atom_id 
_pdbx_struct_sheet_hbond.range_2_auth_comp_id 
_pdbx_struct_sheet_hbond.range_2_auth_asym_id 
_pdbx_struct_sheet_hbond.range_2_auth_seq_id 
AA1 1 2 N SER A 9  ? N SER A 7  O LYS A 16  ? O LYS A 14  
AA1 2 3 N VAL A 15 ? N VAL A 13 O ILE A 35  ? O ILE A 33  
AA1 3 4 N LEU A 36 ? N LEU A 34 O LYS A 59  ? O LYS A 57  
AA1 4 5 N LEU A 60 ? N LEU A 58 O SER A 85  ? O SER A 83  
AA1 5 6 N LEU A 84 ? N LEU A 82 O TRP A 109 ? O TRP A 107 
# 
_pdbx_entry_details.entry_id                   9CJ0 
_pdbx_entry_details.has_ligand_of_interest     N 
_pdbx_entry_details.compound_details           ? 
_pdbx_entry_details.source_details             ? 
_pdbx_entry_details.nonpolymer_details         ? 
_pdbx_entry_details.sequence_details           ? 
_pdbx_entry_details.has_protein_modification   Y 
# 
loop_
_pdbx_validate_close_contact.id 
_pdbx_validate_close_contact.PDB_model_num 
_pdbx_validate_close_contact.auth_atom_id_1 
_pdbx_validate_close_contact.auth_asym_id_1 
_pdbx_validate_close_contact.auth_comp_id_1 
_pdbx_validate_close_contact.auth_seq_id_1 
_pdbx_validate_close_contact.PDB_ins_code_1 
_pdbx_validate_close_contact.label_alt_id_1 
_pdbx_validate_close_contact.auth_atom_id_2 
_pdbx_validate_close_contact.auth_asym_id_2 
_pdbx_validate_close_contact.auth_comp_id_2 
_pdbx_validate_close_contact.auth_seq_id_2 
_pdbx_validate_close_contact.PDB_ins_code_2 
_pdbx_validate_close_contact.label_alt_id_2 
_pdbx_validate_close_contact.dist 
1 1 O   A HOH 329 ? ? O  A HOH 379 ? ? 1.91 
2 1 NH1 A ARG 35  ? ? O3 A SO4 203 ? ? 2.05 
3 1 O   A HOH 368 ? ? O  A HOH 461 ? ? 2.11 
# 
loop_
_pdbx_validate_torsion.id 
_pdbx_validate_torsion.PDB_model_num 
_pdbx_validate_torsion.auth_comp_id 
_pdbx_validate_torsion.auth_asym_id 
_pdbx_validate_torsion.auth_seq_id 
_pdbx_validate_torsion.PDB_ins_code 
_pdbx_validate_torsion.label_alt_id 
_pdbx_validate_torsion.phi 
_pdbx_validate_torsion.psi 
1 1 GLN A 10 ? ? 51.43   -116.86 
2 1 SER A 38 ? ? 62.68   63.45   
3 1 SER A 38 ? ? 61.04   64.88   
4 1 ASN A 63 ? ? -127.44 -160.34 
5 1 LEU A 76 ? ? -93.80  54.66   
# 
loop_
_chem_comp_atom.comp_id 
_chem_comp_atom.atom_id 
_chem_comp_atom.type_symbol 
_chem_comp_atom.pdbx_aromatic_flag 
_chem_comp_atom.pdbx_stereo_config 
_chem_comp_atom.pdbx_ordinal 
ALA N    N N N 1   
ALA CA   C N S 2   
ALA C    C N N 3   
ALA O    O N N 4   
ALA CB   C N N 5   
ALA OXT  O N N 6   
ALA H    H N N 7   
ALA H2   H N N 8   
ALA HA   H N N 9   
ALA HB1  H N N 10  
ALA HB2  H N N 11  
ALA HB3  H N N 12  
ALA HXT  H N N 13  
ARG N    N N N 14  
ARG CA   C N S 15  
ARG C    C N N 16  
ARG O    O N N 17  
ARG CB   C N N 18  
ARG CG   C N N 19  
ARG CD   C N N 20  
ARG NE   N N N 21  
ARG CZ   C N N 22  
ARG NH1  N N N 23  
ARG NH2  N N N 24  
ARG OXT  O N N 25  
ARG H    H N N 26  
ARG H2   H N N 27  
ARG HA   H N N 28  
ARG HB2  H N N 29  
ARG HB3  H N N 30  
ARG HG2  H N N 31  
ARG HG3  H N N 32  
ARG HD2  H N N 33  
ARG HD3  H N N 34  
ARG HE   H N N 35  
ARG HH11 H N N 36  
ARG HH12 H N N 37  
ARG HH21 H N N 38  
ARG HH22 H N N 39  
ARG HXT  H N N 40  
ASN N    N N N 41  
ASN CA   C N S 42  
ASN C    C N N 43  
ASN O    O N N 44  
ASN CB   C N N 45  
ASN CG   C N N 46  
ASN OD1  O N N 47  
ASN ND2  N N N 48  
ASN OXT  O N N 49  
ASN H    H N N 50  
ASN H2   H N N 51  
ASN HA   H N N 52  
ASN HB2  H N N 53  
ASN HB3  H N N 54  
ASN HD21 H N N 55  
ASN HD22 H N N 56  
ASN HXT  H N N 57  
ASP N    N N N 58  
ASP CA   C N S 59  
ASP C    C N N 60  
ASP O    O N N 61  
ASP CB   C N N 62  
ASP CG   C N N 63  
ASP OD1  O N N 64  
ASP OD2  O N N 65  
ASP OXT  O N N 66  
ASP H    H N N 67  
ASP H2   H N N 68  
ASP HA   H N N 69  
ASP HB2  H N N 70  
ASP HB3  H N N 71  
ASP HD2  H N N 72  
ASP HXT  H N N 73  
CYS N    N N N 74  
CYS CA   C N R 75  
CYS C    C N N 76  
CYS O    O N N 77  
CYS CB   C N N 78  
CYS SG   S N N 79  
CYS OXT  O N N 80  
CYS H    H N N 81  
CYS H2   H N N 82  
CYS HA   H N N 83  
CYS HB2  H N N 84  
CYS HB3  H N N 85  
CYS HG   H N N 86  
CYS HXT  H N N 87  
EP1 O2S  O N N 88  
EP1 S    S N N 89  
EP1 O3S  O N N 90  
EP1 O1S  O N N 91  
EP1 C11  C N N 92  
EP1 C10  C N N 93  
EP1 C9   C N N 94  
EP1 N1   N N N 95  
EP1 C2   C N N 96  
EP1 C3   C N N 97  
EP1 N4   N N N 98  
EP1 C5   C N N 99  
EP1 C6   C N N 100 
EP1 C7   C N N 101 
EP1 C8   C N N 102 
EP1 O8   O N N 103 
EP1 H1S  H N N 104 
EP1 H111 H N N 105 
EP1 H112 H N N 106 
EP1 H101 H N N 107 
EP1 H102 H N N 108 
EP1 H91  H N N 109 
EP1 H92  H N N 110 
EP1 H21  H N N 111 
EP1 H22  H N N 112 
EP1 H31  H N N 113 
EP1 H32  H N N 114 
EP1 H51  H N N 115 
EP1 H52  H N N 116 
EP1 H61  H N N 117 
EP1 H62  H N N 118 
EP1 H71  H N N 119 
EP1 H72  H N N 120 
EP1 H81  H N N 121 
EP1 H82  H N N 122 
EP1 HO8  H N N 123 
GLN N    N N N 124 
GLN CA   C N S 125 
GLN C    C N N 126 
GLN O    O N N 127 
GLN CB   C N N 128 
GLN CG   C N N 129 
GLN CD   C N N 130 
GLN OE1  O N N 131 
GLN NE2  N N N 132 
GLN OXT  O N N 133 
GLN H    H N N 134 
GLN H2   H N N 135 
GLN HA   H N N 136 
GLN HB2  H N N 137 
GLN HB3  H N N 138 
GLN HG2  H N N 139 
GLN HG3  H N N 140 
GLN HE21 H N N 141 
GLN HE22 H N N 142 
GLN HXT  H N N 143 
GLU N    N N N 144 
GLU CA   C N S 145 
GLU C    C N N 146 
GLU O    O N N 147 
GLU CB   C N N 148 
GLU CG   C N N 149 
GLU CD   C N N 150 
GLU OE1  O N N 151 
GLU OE2  O N N 152 
GLU OXT  O N N 153 
GLU H    H N N 154 
GLU H2   H N N 155 
GLU HA   H N N 156 
GLU HB2  H N N 157 
GLU HB3  H N N 158 
GLU HG2  H N N 159 
GLU HG3  H N N 160 
GLU HE2  H N N 161 
GLU HXT  H N N 162 
GLY N    N N N 163 
GLY CA   C N N 164 
GLY C    C N N 165 
GLY O    O N N 166 
GLY OXT  O N N 167 
GLY H    H N N 168 
GLY H2   H N N 169 
GLY HA2  H N N 170 
GLY HA3  H N N 171 
GLY HXT  H N N 172 
HIS N    N N N 173 
HIS CA   C N S 174 
HIS C    C N N 175 
HIS O    O N N 176 
HIS CB   C N N 177 
HIS CG   C Y N 178 
HIS ND1  N Y N 179 
HIS CD2  C Y N 180 
HIS CE1  C Y N 181 
HIS NE2  N Y N 182 
HIS OXT  O N N 183 
HIS H    H N N 184 
HIS H2   H N N 185 
HIS HA   H N N 186 
HIS HB2  H N N 187 
HIS HB3  H N N 188 
HIS HD1  H N N 189 
HIS HD2  H N N 190 
HIS HE1  H N N 191 
HIS HE2  H N N 192 
HIS HXT  H N N 193 
HOH O    O N N 194 
HOH H1   H N N 195 
HOH H2   H N N 196 
ILE N    N N N 197 
ILE CA   C N S 198 
ILE C    C N N 199 
ILE O    O N N 200 
ILE CB   C N S 201 
ILE CG1  C N N 202 
ILE CG2  C N N 203 
ILE CD1  C N N 204 
ILE OXT  O N N 205 
ILE H    H N N 206 
ILE H2   H N N 207 
ILE HA   H N N 208 
ILE HB   H N N 209 
ILE HG12 H N N 210 
ILE HG13 H N N 211 
ILE HG21 H N N 212 
ILE HG22 H N N 213 
ILE HG23 H N N 214 
ILE HD11 H N N 215 
ILE HD12 H N N 216 
ILE HD13 H N N 217 
ILE HXT  H N N 218 
LEU N    N N N 219 
LEU CA   C N S 220 
LEU C    C N N 221 
LEU O    O N N 222 
LEU CB   C N N 223 
LEU CG   C N N 224 
LEU CD1  C N N 225 
LEU CD2  C N N 226 
LEU OXT  O N N 227 
LEU H    H N N 228 
LEU H2   H N N 229 
LEU HA   H N N 230 
LEU HB2  H N N 231 
LEU HB3  H N N 232 
LEU HG   H N N 233 
LEU HD11 H N N 234 
LEU HD12 H N N 235 
LEU HD13 H N N 236 
LEU HD21 H N N 237 
LEU HD22 H N N 238 
LEU HD23 H N N 239 
LEU HXT  H N N 240 
LYS N    N N N 241 
LYS CA   C N S 242 
LYS C    C N N 243 
LYS O    O N N 244 
LYS CB   C N N 245 
LYS CG   C N N 246 
LYS CD   C N N 247 
LYS CE   C N N 248 
LYS NZ   N N N 249 
LYS OXT  O N N 250 
LYS H    H N N 251 
LYS H2   H N N 252 
LYS HA   H N N 253 
LYS HB2  H N N 254 
LYS HB3  H N N 255 
LYS HG2  H N N 256 
LYS HG3  H N N 257 
LYS HD2  H N N 258 
LYS HD3  H N N 259 
LYS HE2  H N N 260 
LYS HE3  H N N 261 
LYS HZ1  H N N 262 
LYS HZ2  H N N 263 
LYS HZ3  H N N 264 
LYS HXT  H N N 265 
PHE N    N N N 266 
PHE CA   C N S 267 
PHE C    C N N 268 
PHE O    O N N 269 
PHE CB   C N N 270 
PHE CG   C Y N 271 
PHE CD1  C Y N 272 
PHE CD2  C Y N 273 
PHE CE1  C Y N 274 
PHE CE2  C Y N 275 
PHE CZ   C Y N 276 
PHE OXT  O N N 277 
PHE H    H N N 278 
PHE H2   H N N 279 
PHE HA   H N N 280 
PHE HB2  H N N 281 
PHE HB3  H N N 282 
PHE HD1  H N N 283 
PHE HD2  H N N 284 
PHE HE1  H N N 285 
PHE HE2  H N N 286 
PHE HZ   H N N 287 
PHE HXT  H N N 288 
PRO N    N N N 289 
PRO CA   C N S 290 
PRO C    C N N 291 
PRO O    O N N 292 
PRO CB   C N N 293 
PRO CG   C N N 294 
PRO CD   C N N 295 
PRO OXT  O N N 296 
PRO H    H N N 297 
PRO HA   H N N 298 
PRO HB2  H N N 299 
PRO HB3  H N N 300 
PRO HG2  H N N 301 
PRO HG3  H N N 302 
PRO HD2  H N N 303 
PRO HD3  H N N 304 
PRO HXT  H N N 305 
SER N    N N N 306 
SER CA   C N S 307 
SER C    C N N 308 
SER O    O N N 309 
SER CB   C N N 310 
SER OG   O N N 311 
SER OXT  O N N 312 
SER H    H N N 313 
SER H2   H N N 314 
SER HA   H N N 315 
SER HB2  H N N 316 
SER HB3  H N N 317 
SER HG   H N N 318 
SER HXT  H N N 319 
SO4 S    S N N 320 
SO4 O1   O N N 321 
SO4 O2   O N N 322 
SO4 O3   O N N 323 
SO4 O4   O N N 324 
THR N    N N N 325 
THR CA   C N S 326 
THR C    C N N 327 
THR O    O N N 328 
THR CB   C N R 329 
THR OG1  O N N 330 
THR CG2  C N N 331 
THR OXT  O N N 332 
THR H    H N N 333 
THR H2   H N N 334 
THR HA   H N N 335 
THR HB   H N N 336 
THR HG1  H N N 337 
THR HG21 H N N 338 
THR HG22 H N N 339 
THR HG23 H N N 340 
THR HXT  H N N 341 
TRP N    N N N 342 
TRP CA   C N S 343 
TRP C    C N N 344 
TRP O    O N N 345 
TRP CB   C N N 346 
TRP CG   C Y N 347 
TRP CD1  C Y N 348 
TRP CD2  C Y N 349 
TRP NE1  N Y N 350 
TRP CE2  C Y N 351 
TRP CE3  C Y N 352 
TRP CZ2  C Y N 353 
TRP CZ3  C Y N 354 
TRP CH2  C Y N 355 
TRP OXT  O N N 356 
TRP H    H N N 357 
TRP H2   H N N 358 
TRP HA   H N N 359 
TRP HB2  H N N 360 
TRP HB3  H N N 361 
TRP HD1  H N N 362 
TRP HE1  H N N 363 
TRP HE3  H N N 364 
TRP HZ2  H N N 365 
TRP HZ3  H N N 366 
TRP HH2  H N N 367 
TRP HXT  H N N 368 
TYR N    N N N 369 
TYR CA   C N S 370 
TYR C    C N N 371 
TYR O    O N N 372 
TYR CB   C N N 373 
TYR CG   C Y N 374 
TYR CD1  C Y N 375 
TYR CD2  C Y N 376 
TYR CE1  C Y N 377 
TYR CE2  C Y N 378 
TYR CZ   C Y N 379 
TYR OH   O N N 380 
TYR OXT  O N N 381 
TYR H    H N N 382 
TYR H2   H N N 383 
TYR HA   H N N 384 
TYR HB2  H N N 385 
TYR HB3  H N N 386 
TYR HD1  H N N 387 
TYR HD2  H N N 388 
TYR HE1  H N N 389 
TYR HE2  H N N 390 
TYR HH   H N N 391 
TYR HXT  H N N 392 
VAL N    N N N 393 
VAL CA   C N S 394 
VAL C    C N N 395 
VAL O    O N N 396 
VAL CB   C N N 397 
VAL CG1  C N N 398 
VAL CG2  C N N 399 
VAL OXT  O N N 400 
VAL H    H N N 401 
VAL H2   H N N 402 
VAL HA   H N N 403 
VAL HB   H N N 404 
VAL HG11 H N N 405 
VAL HG12 H N N 406 
VAL HG13 H N N 407 
VAL HG21 H N N 408 
VAL HG22 H N N 409 
VAL HG23 H N N 410 
VAL HXT  H N N 411 
# 
loop_
_chem_comp_bond.comp_id 
_chem_comp_bond.atom_id_1 
_chem_comp_bond.atom_id_2 
_chem_comp_bond.value_order 
_chem_comp_bond.pdbx_aromatic_flag 
_chem_comp_bond.pdbx_stereo_config 
_chem_comp_bond.pdbx_ordinal 
ALA N   CA   sing N N 1   
ALA N   H    sing N N 2   
ALA N   H2   sing N N 3   
ALA CA  C    sing N N 4   
ALA CA  CB   sing N N 5   
ALA CA  HA   sing N N 6   
ALA C   O    doub N N 7   
ALA C   OXT  sing N N 8   
ALA CB  HB1  sing N N 9   
ALA CB  HB2  sing N N 10  
ALA CB  HB3  sing N N 11  
ALA OXT HXT  sing N N 12  
ARG N   CA   sing N N 13  
ARG N   H    sing N N 14  
ARG N   H2   sing N N 15  
ARG CA  C    sing N N 16  
ARG CA  CB   sing N N 17  
ARG CA  HA   sing N N 18  
ARG C   O    doub N N 19  
ARG C   OXT  sing N N 20  
ARG CB  CG   sing N N 21  
ARG CB  HB2  sing N N 22  
ARG CB  HB3  sing N N 23  
ARG CG  CD   sing N N 24  
ARG CG  HG2  sing N N 25  
ARG CG  HG3  sing N N 26  
ARG CD  NE   sing N N 27  
ARG CD  HD2  sing N N 28  
ARG CD  HD3  sing N N 29  
ARG NE  CZ   sing N N 30  
ARG NE  HE   sing N N 31  
ARG CZ  NH1  sing N N 32  
ARG CZ  NH2  doub N N 33  
ARG NH1 HH11 sing N N 34  
ARG NH1 HH12 sing N N 35  
ARG NH2 HH21 sing N N 36  
ARG NH2 HH22 sing N N 37  
ARG OXT HXT  sing N N 38  
ASN N   CA   sing N N 39  
ASN N   H    sing N N 40  
ASN N   H2   sing N N 41  
ASN CA  C    sing N N 42  
ASN CA  CB   sing N N 43  
ASN CA  HA   sing N N 44  
ASN C   O    doub N N 45  
ASN C   OXT  sing N N 46  
ASN CB  CG   sing N N 47  
ASN CB  HB2  sing N N 48  
ASN CB  HB3  sing N N 49  
ASN CG  OD1  doub N N 50  
ASN CG  ND2  sing N N 51  
ASN ND2 HD21 sing N N 52  
ASN ND2 HD22 sing N N 53  
ASN OXT HXT  sing N N 54  
ASP N   CA   sing N N 55  
ASP N   H    sing N N 56  
ASP N   H2   sing N N 57  
ASP CA  C    sing N N 58  
ASP CA  CB   sing N N 59  
ASP CA  HA   sing N N 60  
ASP C   O    doub N N 61  
ASP C   OXT  sing N N 62  
ASP CB  CG   sing N N 63  
ASP CB  HB2  sing N N 64  
ASP CB  HB3  sing N N 65  
ASP CG  OD1  doub N N 66  
ASP CG  OD2  sing N N 67  
ASP OD2 HD2  sing N N 68  
ASP OXT HXT  sing N N 69  
CYS N   CA   sing N N 70  
CYS N   H    sing N N 71  
CYS N   H2   sing N N 72  
CYS CA  C    sing N N 73  
CYS CA  CB   sing N N 74  
CYS CA  HA   sing N N 75  
CYS C   O    doub N N 76  
CYS C   OXT  sing N N 77  
CYS CB  SG   sing N N 78  
CYS CB  HB2  sing N N 79  
CYS CB  HB3  sing N N 80  
CYS SG  HG   sing N N 81  
CYS OXT HXT  sing N N 82  
EP1 O2S S    doub N N 83  
EP1 S   O3S  doub N N 84  
EP1 S   O1S  sing N N 85  
EP1 S   C11  sing N N 86  
EP1 O1S H1S  sing N N 87  
EP1 C11 C10  sing N N 88  
EP1 C11 H111 sing N N 89  
EP1 C11 H112 sing N N 90  
EP1 C10 C9   sing N N 91  
EP1 C10 H101 sing N N 92  
EP1 C10 H102 sing N N 93  
EP1 C9  N1   sing N N 94  
EP1 C9  H91  sing N N 95  
EP1 C9  H92  sing N N 96  
EP1 N1  C2   sing N N 97  
EP1 N1  C6   sing N N 98  
EP1 C2  C3   sing N N 99  
EP1 C2  H21  sing N N 100 
EP1 C2  H22  sing N N 101 
EP1 C3  N4   sing N N 102 
EP1 C3  H31  sing N N 103 
EP1 C3  H32  sing N N 104 
EP1 N4  C5   sing N N 105 
EP1 N4  C7   sing N N 106 
EP1 C5  C6   sing N N 107 
EP1 C5  H51  sing N N 108 
EP1 C5  H52  sing N N 109 
EP1 C6  H61  sing N N 110 
EP1 C6  H62  sing N N 111 
EP1 C7  C8   sing N N 112 
EP1 C7  H71  sing N N 113 
EP1 C7  H72  sing N N 114 
EP1 C8  O8   sing N N 115 
EP1 C8  H81  sing N N 116 
EP1 C8  H82  sing N N 117 
EP1 O8  HO8  sing N N 118 
GLN N   CA   sing N N 119 
GLN N   H    sing N N 120 
GLN N   H2   sing N N 121 
GLN CA  C    sing N N 122 
GLN CA  CB   sing N N 123 
GLN CA  HA   sing N N 124 
GLN C   O    doub N N 125 
GLN C   OXT  sing N N 126 
GLN CB  CG   sing N N 127 
GLN CB  HB2  sing N N 128 
GLN CB  HB3  sing N N 129 
GLN CG  CD   sing N N 130 
GLN CG  HG2  sing N N 131 
GLN CG  HG3  sing N N 132 
GLN CD  OE1  doub N N 133 
GLN CD  NE2  sing N N 134 
GLN NE2 HE21 sing N N 135 
GLN NE2 HE22 sing N N 136 
GLN OXT HXT  sing N N 137 
GLU N   CA   sing N N 138 
GLU N   H    sing N N 139 
GLU N   H2   sing N N 140 
GLU CA  C    sing N N 141 
GLU CA  CB   sing N N 142 
GLU CA  HA   sing N N 143 
GLU C   O    doub N N 144 
GLU C   OXT  sing N N 145 
GLU CB  CG   sing N N 146 
GLU CB  HB2  sing N N 147 
GLU CB  HB3  sing N N 148 
GLU CG  CD   sing N N 149 
GLU CG  HG2  sing N N 150 
GLU CG  HG3  sing N N 151 
GLU CD  OE1  doub N N 152 
GLU CD  OE2  sing N N 153 
GLU OE2 HE2  sing N N 154 
GLU OXT HXT  sing N N 155 
GLY N   CA   sing N N 156 
GLY N   H    sing N N 157 
GLY N   H2   sing N N 158 
GLY CA  C    sing N N 159 
GLY CA  HA2  sing N N 160 
GLY CA  HA3  sing N N 161 
GLY C   O    doub N N 162 
GLY C   OXT  sing N N 163 
GLY OXT HXT  sing N N 164 
HIS N   CA   sing N N 165 
HIS N   H    sing N N 166 
HIS N   H2   sing N N 167 
HIS CA  C    sing N N 168 
HIS CA  CB   sing N N 169 
HIS CA  HA   sing N N 170 
HIS C   O    doub N N 171 
HIS C   OXT  sing N N 172 
HIS CB  CG   sing N N 173 
HIS CB  HB2  sing N N 174 
HIS CB  HB3  sing N N 175 
HIS CG  ND1  sing Y N 176 
HIS CG  CD2  doub Y N 177 
HIS ND1 CE1  doub Y N 178 
HIS ND1 HD1  sing N N 179 
HIS CD2 NE2  sing Y N 180 
HIS CD2 HD2  sing N N 181 
HIS CE1 NE2  sing Y N 182 
HIS CE1 HE1  sing N N 183 
HIS NE2 HE2  sing N N 184 
HIS OXT HXT  sing N N 185 
HOH O   H1   sing N N 186 
HOH O   H2   sing N N 187 
ILE N   CA   sing N N 188 
ILE N   H    sing N N 189 
ILE N   H2   sing N N 190 
ILE CA  C    sing N N 191 
ILE CA  CB   sing N N 192 
ILE CA  HA   sing N N 193 
ILE C   O    doub N N 194 
ILE C   OXT  sing N N 195 
ILE CB  CG1  sing N N 196 
ILE CB  CG2  sing N N 197 
ILE CB  HB   sing N N 198 
ILE CG1 CD1  sing N N 199 
ILE CG1 HG12 sing N N 200 
ILE CG1 HG13 sing N N 201 
ILE CG2 HG21 sing N N 202 
ILE CG2 HG22 sing N N 203 
ILE CG2 HG23 sing N N 204 
ILE CD1 HD11 sing N N 205 
ILE CD1 HD12 sing N N 206 
ILE CD1 HD13 sing N N 207 
ILE OXT HXT  sing N N 208 
LEU N   CA   sing N N 209 
LEU N   H    sing N N 210 
LEU N   H2   sing N N 211 
LEU CA  C    sing N N 212 
LEU CA  CB   sing N N 213 
LEU CA  HA   sing N N 214 
LEU C   O    doub N N 215 
LEU C   OXT  sing N N 216 
LEU CB  CG   sing N N 217 
LEU CB  HB2  sing N N 218 
LEU CB  HB3  sing N N 219 
LEU CG  CD1  sing N N 220 
LEU CG  CD2  sing N N 221 
LEU CG  HG   sing N N 222 
LEU CD1 HD11 sing N N 223 
LEU CD1 HD12 sing N N 224 
LEU CD1 HD13 sing N N 225 
LEU CD2 HD21 sing N N 226 
LEU CD2 HD22 sing N N 227 
LEU CD2 HD23 sing N N 228 
LEU OXT HXT  sing N N 229 
LYS N   CA   sing N N 230 
LYS N   H    sing N N 231 
LYS N   H2   sing N N 232 
LYS CA  C    sing N N 233 
LYS CA  CB   sing N N 234 
LYS CA  HA   sing N N 235 
LYS C   O    doub N N 236 
LYS C   OXT  sing N N 237 
LYS CB  CG   sing N N 238 
LYS CB  HB2  sing N N 239 
LYS CB  HB3  sing N N 240 
LYS CG  CD   sing N N 241 
LYS CG  HG2  sing N N 242 
LYS CG  HG3  sing N N 243 
LYS CD  CE   sing N N 244 
LYS CD  HD2  sing N N 245 
LYS CD  HD3  sing N N 246 
LYS CE  NZ   sing N N 247 
LYS CE  HE2  sing N N 248 
LYS CE  HE3  sing N N 249 
LYS NZ  HZ1  sing N N 250 
LYS NZ  HZ2  sing N N 251 
LYS NZ  HZ3  sing N N 252 
LYS OXT HXT  sing N N 253 
PHE N   CA   sing N N 254 
PHE N   H    sing N N 255 
PHE N   H2   sing N N 256 
PHE CA  C    sing N N 257 
PHE CA  CB   sing N N 258 
PHE CA  HA   sing N N 259 
PHE C   O    doub N N 260 
PHE C   OXT  sing N N 261 
PHE CB  CG   sing N N 262 
PHE CB  HB2  sing N N 263 
PHE CB  HB3  sing N N 264 
PHE CG  CD1  doub Y N 265 
PHE CG  CD2  sing Y N 266 
PHE CD1 CE1  sing Y N 267 
PHE CD1 HD1  sing N N 268 
PHE CD2 CE2  doub Y N 269 
PHE CD2 HD2  sing N N 270 
PHE CE1 CZ   doub Y N 271 
PHE CE1 HE1  sing N N 272 
PHE CE2 CZ   sing Y N 273 
PHE CE2 HE2  sing N N 274 
PHE CZ  HZ   sing N N 275 
PHE OXT HXT  sing N N 276 
PRO N   CA   sing N N 277 
PRO N   CD   sing N N 278 
PRO N   H    sing N N 279 
PRO CA  C    sing N N 280 
PRO CA  CB   sing N N 281 
PRO CA  HA   sing N N 282 
PRO C   O    doub N N 283 
PRO C   OXT  sing N N 284 
PRO CB  CG   sing N N 285 
PRO CB  HB2  sing N N 286 
PRO CB  HB3  sing N N 287 
PRO CG  CD   sing N N 288 
PRO CG  HG2  sing N N 289 
PRO CG  HG3  sing N N 290 
PRO CD  HD2  sing N N 291 
PRO CD  HD3  sing N N 292 
PRO OXT HXT  sing N N 293 
SER N   CA   sing N N 294 
SER N   H    sing N N 295 
SER N   H2   sing N N 296 
SER CA  C    sing N N 297 
SER CA  CB   sing N N 298 
SER CA  HA   sing N N 299 
SER C   O    doub N N 300 
SER C   OXT  sing N N 301 
SER CB  OG   sing N N 302 
SER CB  HB2  sing N N 303 
SER CB  HB3  sing N N 304 
SER OG  HG   sing N N 305 
SER OXT HXT  sing N N 306 
SO4 S   O1   doub N N 307 
SO4 S   O2   doub N N 308 
SO4 S   O3   sing N N 309 
SO4 S   O4   sing N N 310 
THR N   CA   sing N N 311 
THR N   H    sing N N 312 
THR N   H2   sing N N 313 
THR CA  C    sing N N 314 
THR CA  CB   sing N N 315 
THR CA  HA   sing N N 316 
THR C   O    doub N N 317 
THR C   OXT  sing N N 318 
THR CB  OG1  sing N N 319 
THR CB  CG2  sing N N 320 
THR CB  HB   sing N N 321 
THR OG1 HG1  sing N N 322 
THR CG2 HG21 sing N N 323 
THR CG2 HG22 sing N N 324 
THR CG2 HG23 sing N N 325 
THR OXT HXT  sing N N 326 
TRP N   CA   sing N N 327 
TRP N   H    sing N N 328 
TRP N   H2   sing N N 329 
TRP CA  C    sing N N 330 
TRP CA  CB   sing N N 331 
TRP CA  HA   sing N N 332 
TRP C   O    doub N N 333 
TRP C   OXT  sing N N 334 
TRP CB  CG   sing N N 335 
TRP CB  HB2  sing N N 336 
TRP CB  HB3  sing N N 337 
TRP CG  CD1  doub Y N 338 
TRP CG  CD2  sing Y N 339 
TRP CD1 NE1  sing Y N 340 
TRP CD1 HD1  sing N N 341 
TRP CD2 CE2  doub Y N 342 
TRP CD2 CE3  sing Y N 343 
TRP NE1 CE2  sing Y N 344 
TRP NE1 HE1  sing N N 345 
TRP CE2 CZ2  sing Y N 346 
TRP CE3 CZ3  doub Y N 347 
TRP CE3 HE3  sing N N 348 
TRP CZ2 CH2  doub Y N 349 
TRP CZ2 HZ2  sing N N 350 
TRP CZ3 CH2  sing Y N 351 
TRP CZ3 HZ3  sing N N 352 
TRP CH2 HH2  sing N N 353 
TRP OXT HXT  sing N N 354 
TYR N   CA   sing N N 355 
TYR N   H    sing N N 356 
TYR N   H2   sing N N 357 
TYR CA  C    sing N N 358 
TYR CA  CB   sing N N 359 
TYR CA  HA   sing N N 360 
TYR C   O    doub N N 361 
TYR C   OXT  sing N N 362 
TYR CB  CG   sing N N 363 
TYR CB  HB2  sing N N 364 
TYR CB  HB3  sing N N 365 
TYR CG  CD1  doub Y N 366 
TYR CG  CD2  sing Y N 367 
TYR CD1 CE1  sing Y N 368 
TYR CD1 HD1  sing N N 369 
TYR CD2 CE2  doub Y N 370 
TYR CD2 HD2  sing N N 371 
TYR CE1 CZ   doub Y N 372 
TYR CE1 HE1  sing N N 373 
TYR CE2 CZ   sing Y N 374 
TYR CE2 HE2  sing N N 375 
TYR CZ  OH   sing N N 376 
TYR OH  HH   sing N N 377 
TYR OXT HXT  sing N N 378 
VAL N   CA   sing N N 379 
VAL N   H    sing N N 380 
VAL N   H2   sing N N 381 
VAL CA  C    sing N N 382 
VAL CA  CB   sing N N 383 
VAL CA  HA   sing N N 384 
VAL C   O    doub N N 385 
VAL C   OXT  sing N N 386 
VAL CB  CG1  sing N N 387 
VAL CB  CG2  sing N N 388 
VAL CB  HB   sing N N 389 
VAL CG1 HG11 sing N N 390 
VAL CG1 HG12 sing N N 391 
VAL CG1 HG13 sing N N 392 
VAL CG2 HG21 sing N N 393 
VAL CG2 HG22 sing N N 394 
VAL CG2 HG23 sing N N 395 
VAL OXT HXT  sing N N 396 
# 
loop_
_pdbx_audit_support.funding_organization 
_pdbx_audit_support.country 
_pdbx_audit_support.grant_number 
_pdbx_audit_support.ordinal 
'National Institutes of Health/National Institute of General Medical Sciences (NIH/NIGMS)'          'United States' 'R35 GM134643' 
1 
'National Institutes of Health/National Institute of General Medical Sciences (NIH/NIGMS)'          'United States' 
'5 T32 GM135066' 2 
'National Institutes of Health/National Institute of Neurological Disorders and Stroke (NIH/NINDS)' 'United States' 'R01 NS099158' 
3 
'National Institutes of Health/National Institute of Neurological Disorders and Stroke (NIH/NINDS)' 'United States' 'R01 NS118028' 
4 
# 
_pdbx_initial_refinement_model.id               1 
_pdbx_initial_refinement_model.entity_id_list   ? 
_pdbx_initial_refinement_model.type             'experimental model' 
_pdbx_initial_refinement_model.source_name      PDB 
_pdbx_initial_refinement_model.accession_code   3G39 
_pdbx_initial_refinement_model.details          ? 
# 
_atom_sites.entry_id                    9CJ0 
_atom_sites.Cartn_transf_matrix[1][1]   ? 
_atom_sites.Cartn_transf_matrix[1][2]   ? 
_atom_sites.Cartn_transf_matrix[1][3]   ? 
_atom_sites.Cartn_transf_matrix[2][1]   ? 
_atom_sites.Cartn_transf_matrix[2][2]   ? 
_atom_sites.Cartn_transf_matrix[2][3]   ? 
_atom_sites.Cartn_transf_matrix[3][1]   ? 
_atom_sites.Cartn_transf_matrix[3][2]   ? 
_atom_sites.Cartn_transf_matrix[3][3]   ? 
_atom_sites.Cartn_transf_vector[1]      ? 
_atom_sites.Cartn_transf_vector[2]      ? 
_atom_sites.Cartn_transf_vector[3]      ? 
_atom_sites.Cartn_transform_axes        ? 
_atom_sites.fract_transf_matrix[1][1]   -0.01729031 
_atom_sites.fract_transf_matrix[1][2]   -0.00163820 
_atom_sites.fract_transf_matrix[1][3]   -0.01345030 
_atom_sites.fract_transf_matrix[2][1]   0.01092461 
_atom_sites.fract_transf_matrix[2][2]   -0.00800032 
_atom_sites.fract_transf_matrix[2][3]   -0.01306914 
_atom_sites.fract_transf_matrix[3][1]   -0.00345520 
_atom_sites.fract_transf_matrix[3][2]   -0.01494804 
_atom_sites.fract_transf_matrix[3][3]   0.00626226 
_atom_sites.fract_transf_vector[1]      -0.117795 
_atom_sites.fract_transf_vector[2]      -0.015526 
_atom_sites.fract_transf_vector[3]      0.313040 
_atom_sites.solution_primary            ? 
_atom_sites.solution_secondary          ? 
_atom_sites.solution_hydrogens          ? 
_atom_sites.special_details             ? 
# 
loop_
_atom_type.symbol 
C 
N 
O 
S 
# 
loop_
_atom_site.group_PDB 
_atom_site.id 
_atom_site.type_symbol 
_atom_site.label_atom_id 
_atom_site.label_alt_id 
_atom_site.label_comp_id 
_atom_site.label_asym_id 
_atom_site.label_entity_id 
_atom_site.label_seq_id 
_atom_site.pdbx_PDB_ins_code 
_atom_site.Cartn_x 
_atom_site.Cartn_y 
_atom_site.Cartn_z 
_atom_site.occupancy 
_atom_site.B_iso_or_equiv 
_atom_site.pdbx_formal_charge 
_atom_site.auth_seq_id 
_atom_site.auth_comp_id 
_atom_site.auth_asym_id 
_atom_site.auth_atom_id 
_atom_site.pdbx_PDB_model_num 
ATOM   1    N N   . GLY A 1 1   ? 25.815  -7.111  13.363  1.00 44.66 ? -1  GLY A N   1 
ATOM   2    C CA  . GLY A 1 1   ? 24.624  -6.437  13.958  1.00 50.37 ? -1  GLY A CA  1 
ATOM   3    C C   . GLY A 1 1   ? 23.317  -7.049  13.467  1.00 60.34 ? -1  GLY A C   1 
ATOM   4    O O   . GLY A 1 1   ? 22.919  -6.781  12.306  1.00 54.55 ? -1  GLY A O   1 
ATOM   5    N N   . HIS A 1 2   ? 22.654  -7.839  14.320  1.00 59.80 ? 0   HIS A N   1 
ATOM   6    C CA  . HIS A 1 2   ? 21.360  -8.505  14.013  1.00 49.31 ? 0   HIS A CA  1 
ATOM   7    C C   . HIS A 1 2   ? 20.208  -7.520  14.249  1.00 38.09 ? 0   HIS A C   1 
ATOM   8    O O   . HIS A 1 2   ? 19.053  -7.952  14.129  1.00 32.43 ? 0   HIS A O   1 
ATOM   9    C CB  . HIS A 1 2   ? 21.245  -9.849  14.758  1.00 57.31 ? 0   HIS A CB  1 
ATOM   10   C CG  . HIS A 1 2   ? 20.861  -9.778  16.202  1.00 66.85 ? 0   HIS A CG  1 
ATOM   11   N ND1 . HIS A 1 2   ? 20.330  -10.870 16.873  1.00 77.66 ? 0   HIS A ND1 1 
ATOM   12   C CD2 . HIS A 1 2   ? 20.924  -8.777  17.108  1.00 68.60 ? 0   HIS A CD2 1 
ATOM   13   C CE1 . HIS A 1 2   ? 20.085  -10.545 18.127  1.00 74.41 ? 0   HIS A CE1 1 
ATOM   14   N NE2 . HIS A 1 2   ? 20.442  -9.266  18.296  1.00 78.46 ? 0   HIS A NE2 1 
ATOM   15   N N   . ALA A 1 3   ? 20.499  -6.246  14.541  1.00 28.22 ? 1   ALA A N   1 
ATOM   16   C CA  . ALA A 1 3   ? 19.538  -5.122  14.418  1.00 26.48 ? 1   ALA A CA  1 
ATOM   17   C C   . ALA A 1 3   ? 19.059  -5.015  12.964  1.00 24.04 ? 1   ALA A C   1 
ATOM   18   O O   . ALA A 1 3   ? 17.911  -4.566  12.749  1.00 26.34 ? 1   ALA A O   1 
ATOM   19   C CB  . ALA A 1 3   ? 20.177  -3.830  14.856  1.00 27.04 ? 1   ALA A CB  1 
ATOM   20   N N   . CYS A 1 4   ? 19.895  -5.419  12.005  1.00 20.78 ? 2   CYS A N   1 
ATOM   21   C CA  . CYS A 1 4   ? 19.533  -5.477  10.557  1.00 19.04 ? 2   CYS A CA  1 
ATOM   22   C C   . CYS A 1 4   ? 19.048  -6.881  10.211  1.00 19.00 ? 2   CYS A C   1 
ATOM   23   O O   . CYS A 1 4   ? 19.791  -7.844  10.333  1.00 19.39 ? 2   CYS A O   1 
ATOM   24   C CB  . CYS A 1 4   ? 20.692  -5.132  9.635   1.00 19.27 ? 2   CYS A CB  1 
ATOM   25   S SG  . CYS A 1 4   ? 20.155  -4.794  7.931   1.00 17.44 ? 2   CYS A SG  1 
ATOM   26   N N   . PRO A 1 5   ? 17.811  -7.074  9.722   1.00 17.59 ? 3   PRO A N   1 
ATOM   27   C CA  . PRO A 1 5   ? 17.429  -8.419  9.295   1.00 18.10 ? 3   PRO A CA  1 
ATOM   28   C C   . PRO A 1 5   ? 18.434  -9.044  8.322   1.00 18.48 ? 3   PRO A C   1 
ATOM   29   O O   . PRO A 1 5   ? 18.963  -8.385  7.431   1.00 17.65 ? 3   PRO A O   1 
ATOM   30   C CB  . PRO A 1 5   ? 16.082  -8.176  8.612   1.00 17.77 ? 3   PRO A CB  1 
ATOM   31   C CG  . PRO A 1 5   ? 15.560  -6.923  9.245   1.00 18.15 ? 3   PRO A CG  1 
ATOM   32   C CD  . PRO A 1 5   ? 16.769  -6.057  9.523   1.00 18.21 ? 3   PRO A CD  1 
ATOM   33   N N   . SER A 1 6   ? 18.715  -10.337 8.501   1.00 21.01 ? 4   SER A N   1 
ATOM   34   C CA  . SER A 1 6   ? 19.792  -11.038 7.761   1.00 24.47 ? 4   SER A CA  1 
ATOM   35   C C   . SER A 1 6   ? 19.478  -10.986 6.266   1.00 21.71 ? 4   SER A C   1 
ATOM   36   O O   . SER A 1 6   ? 20.403  -11.027 5.462   1.00 27.80 ? 4   SER A O   1 
ATOM   37   C CB  . SER A 1 6   ? 19.975  -12.453 8.252   1.00 25.96 ? 4   SER A CB  1 
ATOM   38   O OG  . SER A 1 6   ? 18.786  -13.200 8.064   1.00 29.23 ? 4   SER A OG  1 
ATOM   39   N N   . GLN A 1 7   ? 18.199  -10.885 5.912   1.00 23.37 ? 5   GLN A N   1 
ATOM   40   C CA  . GLN A 1 7   ? 17.742  -10.909 4.501   1.00 25.32 ? 5   GLN A CA  1 
ATOM   41   C C   . GLN A 1 7   ? 17.874  -9.517  3.865   1.00 21.40 ? 5   GLN A C   1 
ATOM   42   O O   . GLN A 1 7   ? 17.831  -9.444  2.645   1.00 25.82 ? 5   GLN A O   1 
ATOM   43   C CB  . GLN A 1 7   ? 16.304  -11.421 4.410   1.00 32.85 ? 5   GLN A CB  1 
ATOM   44   C CG  . GLN A 1 7   ? 15.422  -11.013 5.580   1.00 39.20 ? 5   GLN A CG  1 
ATOM   45   C CD  . GLN A 1 7   ? 15.304  -12.086 6.634   1.00 40.65 ? 5   GLN A CD  1 
ATOM   46   O OE1 . GLN A 1 7   ? 14.891  -13.206 6.343   1.00 49.27 ? 5   GLN A OE1 1 
ATOM   47   N NE2 . GLN A 1 7   ? 15.636  -11.745 7.872   1.00 38.23 ? 5   GLN A NE2 1 
ATOM   48   N N   . CYS A 1 8   ? 18.073  -8.453  4.641   1.00 16.92 ? 6   CYS A N   1 
ATOM   49   C CA  . CYS A 1 8   ? 18.115  -7.068  4.105   1.00 15.43 ? 6   CYS A CA  1 
ATOM   50   C C   . CYS A 1 8   ? 19.505  -6.450  4.255   1.00 14.96 ? 6   CYS A C   1 
ATOM   51   O O   . CYS A 1 8   ? 20.383  -7.061  4.909   1.00 17.34 ? 6   CYS A O   1 
ATOM   52   C CB  . CYS A 1 8   ? 17.118  -6.199  4.858   1.00 14.03 ? 6   CYS A CB  1 
ATOM   53   S SG  . CYS A 1 8   ? 15.495  -6.985  4.968   1.00 14.23 ? 6   CYS A SG  1 
ATOM   54   N N   . SER A 1 9   ? 19.692  -5.284  3.648   1.00 14.85 ? 7   SER A N   1 
ATOM   55   C CA  A SER A 1 9   ? 20.867  -4.412  3.898   0.50 14.92 ? 7   SER A CA  1 
ATOM   56   C CA  B SER A 1 9   ? 20.863  -4.390  3.847   0.50 15.54 ? 7   SER A CA  1 
ATOM   57   C C   . SER A 1 9   ? 20.379  -3.091  4.497   1.00 15.86 ? 7   SER A C   1 
ATOM   58   O O   . SER A 1 9   ? 19.398  -2.537  3.981   1.00 13.79 ? 7   SER A O   1 
ATOM   59   C CB  A SER A 1 9   ? 21.685  -4.223  2.656   0.50 16.44 ? 7   SER A CB  1 
ATOM   60   C CB  B SER A 1 9   ? 21.556  -4.106  2.545   0.50 18.11 ? 7   SER A CB  1 
ATOM   61   O OG  A SER A 1 9   ? 22.039  -5.489  2.112   0.50 16.28 ? 7   SER A OG  1 
ATOM   62   O OG  B SER A 1 9   ? 22.581  -3.145  2.722   0.50 20.15 ? 7   SER A OG  1 
ATOM   63   N N   . CYS A 1 10  ? 21.036  -2.629  5.557   1.00 13.13 ? 8   CYS A N   1 
ATOM   64   C CA  . CYS A 1 10  ? 20.660  -1.413  6.306   1.00 14.15 ? 8   CYS A CA  1 
ATOM   65   C C   . CYS A 1 10  ? 21.757  -0.370  6.104   1.00 15.73 ? 8   CYS A C   1 
ATOM   66   O O   . CYS A 1 10  ? 22.872  -0.567  6.626   1.00 17.57 ? 8   CYS A O   1 
ATOM   67   C CB  . CYS A 1 10  ? 20.411  -1.717  7.780   1.00 14.09 ? 8   CYS A CB  1 
ATOM   68   S SG  . CYS A 1 10  ? 19.162  -2.998  8.066   1.00 15.28 ? 8   CYS A SG  1 
ATOM   69   N N   . ASP A 1 11  ? 21.424  0.695   5.383   1.00 15.28 ? 9   ASP A N   1 
ATOM   70   C CA  . ASP A 1 11  ? 22.283  1.884   5.159   1.00 16.97 ? 9   ASP A CA  1 
ATOM   71   C C   . ASP A 1 11  ? 21.724  2.997   6.043   1.00 16.61 ? 9   ASP A C   1 
ATOM   72   O O   . ASP A 1 11  ? 20.870  3.799   5.603   1.00 15.93 ? 9   ASP A O   1 
ATOM   73   C CB  . ASP A 1 11  ? 22.350  2.220   3.672   1.00 20.94 ? 9   ASP A CB  1 
ATOM   74   C CG  . ASP A 1 11  ? 23.279  3.382   3.381   1.00 24.98 ? 9   ASP A CG  1 
ATOM   75   O OD1 . ASP A 1 11  ? 24.034  3.767   4.297   1.00 25.03 ? 9   ASP A OD1 1 
ATOM   76   O OD2 . ASP A 1 11  ? 23.230  3.888   2.246   1.00 30.61 ? 9   ASP A OD2 1 
ATOM   77   N N   . GLN A 1 12  ? 22.177  3.026   7.296   1.00 16.58 ? 10  GLN A N   1 
ATOM   78   C CA  . GLN A 1 12  ? 21.655  3.950   8.330   1.00 16.89 ? 10  GLN A CA  1 
ATOM   79   C C   . GLN A 1 12  ? 20.135  3.812   8.346   1.00 15.06 ? 10  GLN A C   1 
ATOM   80   O O   . GLN A 1 12  ? 19.660  2.713   8.657   1.00 14.07 ? 10  GLN A O   1 
ATOM   81   C CB  . GLN A 1 12  ? 22.135  5.369   8.054   1.00 20.19 ? 10  GLN A CB  1 
ATOM   82   C CG  . GLN A 1 12  ? 23.655  5.445   8.025   1.00 22.55 ? 10  GLN A CG  1 
ATOM   83   C CD  . GLN A 1 12  ? 24.120  6.870   7.889   1.00 25.56 ? 10  GLN A CD  1 
ATOM   84   O OE1 . GLN A 1 12  ? 23.740  7.746   8.661   1.00 29.47 ? 10  GLN A OE1 1 
ATOM   85   N NE2 . GLN A 1 12  ? 24.938  7.106   6.880   1.00 29.77 ? 10  GLN A NE2 1 
ATOM   86   N N   . THR A 1 13  ? 19.410  4.880   8.021   1.00 15.89 ? 11  THR A N   1 
ATOM   87   C CA  . THR A 1 13  ? 17.936  4.932   8.188   1.00 15.08 ? 11  THR A CA  1 
ATOM   88   C C   . THR A 1 13  ? 17.219  4.360   6.963   1.00 13.91 ? 11  THR A C   1 
ATOM   89   O O   . THR A 1 13  ? 15.987  4.316   7.005   1.00 13.24 ? 11  THR A O   1 
ATOM   90   C CB  . THR A 1 13  ? 17.528  6.363   8.553   1.00 16.07 ? 11  THR A CB  1 
ATOM   91   O OG1 . THR A 1 13  ? 17.989  7.211   7.509   1.00 19.31 ? 11  THR A OG1 1 
ATOM   92   C CG2 . THR A 1 13  ? 18.124  6.814   9.867   1.00 19.15 ? 11  THR A CG2 1 
ATOM   93   N N   . THR A 1 14  ? 17.940  3.962   5.929   1.00 12.91 ? 12  THR A N   1 
ATOM   94   C CA  . THR A 1 14  ? 17.396  3.349   4.685   1.00 14.42 ? 12  THR A CA  1 
ATOM   95   C C   . THR A 1 14  ? 17.565  1.834   4.761   1.00 15.01 ? 12  THR A C   1 
ATOM   96   O O   . THR A 1 14  ? 18.718  1.349   4.837   1.00 14.59 ? 12  THR A O   1 
ATOM   97   C CB  . THR A 1 14  ? 18.026  3.908   3.408   1.00 16.99 ? 12  THR A CB  1 
ATOM   98   O OG1 . THR A 1 14  ? 17.717  5.303   3.425   1.00 17.35 ? 12  THR A OG1 1 
ATOM   99   C CG2 . THR A 1 14  ? 17.516  3.207   2.167   1.00 16.52 ? 12  THR A CG2 1 
ATOM   100  N N   . VAL A 1 15  ? 16.463  1.090   4.796   1.00 14.05 ? 13  VAL A N   1 
ATOM   101  C CA  . VAL A 1 15  ? 16.504  -0.394  4.875   1.00 14.60 ? 13  VAL A CA  1 
ATOM   102  C C   . VAL A 1 15  ? 16.064  -0.977  3.543   1.00 14.13 ? 13  VAL A C   1 
ATOM   103  O O   . VAL A 1 15  ? 14.953  -0.682  3.059   1.00 13.34 ? 13  VAL A O   1 
ATOM   104  C CB  . VAL A 1 15  ? 15.695  -0.948  6.048   1.00 14.36 ? 13  VAL A CB  1 
ATOM   105  C CG1 . VAL A 1 15  ? 15.714  -2.477  6.036   1.00 15.12 ? 13  VAL A CG1 1 
ATOM   106  C CG2 . VAL A 1 15  ? 16.277  -0.418  7.361   1.00 16.50 ? 13  VAL A CG2 1 
ATOM   107  N N   . LYS A 1 16  ? 16.935  -1.795  2.988   1.00 14.94 ? 14  LYS A N   1 
ATOM   108  C CA  . LYS A 1 16  ? 16.827  -2.370  1.633   1.00 14.16 ? 14  LYS A CA  1 
ATOM   109  C C   . LYS A 1 16  ? 16.435  -3.838  1.799   1.00 15.05 ? 14  LYS A C   1 
ATOM   110  O O   . LYS A 1 16  ? 17.284  -4.662  2.077   1.00 13.41 ? 14  LYS A O   1 
ATOM   111  C CB  . LYS A 1 16  ? 18.131  -2.109  0.877   1.00 18.35 ? 14  LYS A CB  1 
ATOM   112  C CG  . LYS A 1 16  ? 18.316  -0.662  0.437   1.00 22.63 ? 14  LYS A CG  1 
ATOM   113  C CD  . LYS A 1 16  ? 19.516  0.053   0.994   1.00 27.44 ? 14  LYS A CD  1 
ATOM   114  C CE  . LYS A 1 16  ? 20.797  -0.747  0.919   1.00 30.12 ? 14  LYS A CE  1 
ATOM   115  N NZ  . LYS A 1 16  ? 21.752  -0.186  -0.064  1.00 35.59 ? 14  LYS A NZ  1 
ATOM   116  N N   . CYS A 1 17  ? 15.154  -4.150  1.649   1.00 14.42 ? 15  CYS A N   1 
ATOM   117  C CA  . CYS A 1 17  ? 14.634  -5.532  1.721   1.00 13.41 ? 15  CYS A CA  1 
ATOM   118  C C   . CYS A 1 17  ? 13.946  -5.854  0.391   1.00 13.96 ? 15  CYS A C   1 
ATOM   119  O O   . CYS A 1 17  ? 13.157  -6.807  0.353   1.00 15.37 ? 15  CYS A O   1 
ATOM   120  C CB  . CYS A 1 17  ? 13.625  -5.710  2.845   1.00 14.35 ? 15  CYS A CB  1 
ATOM   121  S SG  . CYS A 1 17  ? 14.239  -5.426  4.525   1.00 12.91 ? 15  CYS A SG  1 
ATOM   122  N N   . HIS A 1 18  ? 14.280  -5.110  -0.659  1.00 14.26 ? 16  HIS A N   1 
ATOM   123  C CA  . HIS A 1 18  ? 13.603  -5.210  -1.983  1.00 14.32 ? 16  HIS A CA  1 
ATOM   124  C C   . HIS A 1 18  ? 14.358  -6.227  -2.827  1.00 15.41 ? 16  HIS A C   1 
ATOM   125  O O   . HIS A 1 18  ? 15.568  -6.474  -2.587  1.00 16.81 ? 16  HIS A O   1 
ATOM   126  C CB  . HIS A 1 18  ? 13.513  -3.846  -2.673  1.00 15.77 ? 16  HIS A CB  1 
ATOM   127  C CG  . HIS A 1 18  ? 14.844  -3.188  -2.810  1.00 16.00 ? 16  HIS A CG  1 
ATOM   128  N ND1 . HIS A 1 18  ? 15.494  -2.999  -4.017  1.00 20.71 ? 16  HIS A ND1 1 
ATOM   129  C CD2 . HIS A 1 18  ? 15.661  -2.688  -1.856  1.00 16.86 ? 16  HIS A CD2 1 
ATOM   130  C CE1 . HIS A 1 18  ? 16.642  -2.388  -3.780  1.00 17.97 ? 16  HIS A CE1 1 
ATOM   131  N NE2 . HIS A 1 18  ? 16.762  -2.194  -2.473  1.00 21.06 ? 16  HIS A NE2 1 
ATOM   132  N N   . SER A 1 19  ? 13.642  -6.823  -3.776  1.00 15.49 ? 17  SER A N   1 
ATOM   133  C CA  . SER A 1 19  ? 14.277  -7.654  -4.824  1.00 16.07 ? 17  SER A CA  1 
ATOM   134  C C   . SER A 1 19  ? 15.038  -8.791  -4.151  1.00 16.66 ? 17  SER A C   1 
ATOM   135  O O   . SER A 1 19  ? 16.186  -9.032  -4.570  1.00 20.17 ? 17  SER A O   1 
ATOM   136  C CB  . SER A 1 19  ? 15.226  -6.809  -5.628  1.00 18.40 ? 17  SER A CB  1 
ATOM   137  O OG  . SER A 1 19  ? 14.575  -5.699  -6.235  1.00 21.80 ? 17  SER A OG  1 
ATOM   138  N N   . ARG A 1 20  ? 14.449  -9.475  -3.174  1.00 17.54 ? 18  ARG A N   1 
ATOM   139  C CA  . ARG A 1 20  ? 15.189  -10.480 -2.357  1.00 18.36 ? 18  ARG A CA  1 
ATOM   140  C C   . ARG A 1 20  ? 14.418  -11.794 -2.243  1.00 19.78 ? 18  ARG A C   1 
ATOM   141  O O   . ARG A 1 20  ? 14.764  -12.599 -1.345  1.00 19.05 ? 18  ARG A O   1 
ATOM   142  C CB  . ARG A 1 20  ? 15.490  -9.882  -0.984  1.00 17.31 ? 18  ARG A CB  1 
ATOM   143  C CG  . ARG A 1 20  ? 16.754  -9.036  -0.970  1.00 19.47 ? 18  ARG A CG  1 
ATOM   144  C CD  . ARG A 1 20  ? 16.817  -8.018  0.153   1.00 19.03 ? 18  ARG A CD  1 
ATOM   145  N NE  . ARG A 1 20  ? 18.128  -7.426  0.368   1.00 19.69 ? 18  ARG A NE  1 
ATOM   146  C CZ  . ARG A 1 20  ? 18.599  -6.329  -0.212  1.00 19.23 ? 18  ARG A CZ  1 
ATOM   147  N NH1 . ARG A 1 20  ? 19.814  -5.901  0.088   1.00 22.09 ? 18  ARG A NH1 1 
ATOM   148  N NH2 . ARG A 1 20  ? 17.886  -5.624  -1.073  1.00 18.24 ? 18  ARG A NH2 1 
ATOM   149  N N   . ARG A 1 21  ? 13.407  -12.008 -3.091  1.00 18.96 ? 19  ARG A N   1 
ATOM   150  C CA  . ARG A 1 21  ? 12.526  -13.204 -3.078  1.00 20.96 ? 19  ARG A CA  1 
ATOM   151  C C   . ARG A 1 21  ? 11.903  -13.446 -1.695  1.00 20.13 ? 19  ARG A C   1 
ATOM   152  O O   . ARG A 1 21  ? 11.680  -14.602 -1.346  1.00 19.56 ? 19  ARG A O   1 
ATOM   153  C CB  . ARG A 1 21  ? 13.344  -14.402 -3.589  1.00 25.02 ? 19  ARG A CB  1 
ATOM   154  C CG  . ARG A 1 21  ? 14.003  -14.131 -4.935  1.00 31.18 ? 19  ARG A CG  1 
ATOM   155  C CD  . ARG A 1 21  ? 14.410  -15.340 -5.762  1.00 37.60 ? 19  ARG A CD  1 
ATOM   156  N NE  . ARG A 1 21  ? 15.367  -16.204 -5.087  1.00 46.85 ? 19  ARG A NE  1 
ATOM   157  C CZ  . ARG A 1 21  ? 16.211  -17.041 -5.695  1.00 57.34 ? 19  ARG A CZ  1 
ATOM   158  N NH1 . ARG A 1 21  ? 17.025  -17.793 -4.973  1.00 59.81 ? 19  ARG A NH1 1 
ATOM   159  N NH2 . ARG A 1 21  ? 16.251  -17.124 -7.016  1.00 60.21 ? 19  ARG A NH2 1 
ATOM   160  N N   . LEU A 1 22  ? 11.578  -12.398 -0.923  1.00 15.10 ? 20  LEU A N   1 
ATOM   161  C CA  . LEU A 1 22  ? 11.026  -12.606 0.444   1.00 15.99 ? 20  LEU A CA  1 
ATOM   162  C C   . LEU A 1 22  ? 9.558   -13.032 0.364   1.00 13.56 ? 20  LEU A C   1 
ATOM   163  O O   . LEU A 1 22  ? 8.865   -12.556 -0.529  1.00 14.79 ? 20  LEU A O   1 
ATOM   164  C CB  . LEU A 1 22  ? 11.179  -11.321 1.254   1.00 14.77 ? 20  LEU A CB  1 
ATOM   165  C CG  . LEU A 1 22  ? 12.603  -10.792 1.366   1.00 17.32 ? 20  LEU A CG  1 
ATOM   166  C CD1 . LEU A 1 22  ? 12.645  -9.524  2.180   1.00 17.42 ? 20  LEU A CD1 1 
ATOM   167  C CD2 . LEU A 1 22  ? 13.505  -11.858 1.974   1.00 19.49 ? 20  LEU A CD2 1 
ATOM   168  N N   . THR A 1 23  ? 9.064   -13.864 1.286   1.00 14.79 ? 21  THR A N   1 
ATOM   169  C CA  . THR A 1 23  ? 7.625   -14.236 1.338   1.00 14.37 ? 21  THR A CA  1 
ATOM   170  C C   . THR A 1 23  ? 6.896   -13.628 2.535   1.00 16.02 ? 21  THR A C   1 
ATOM   171  O O   . THR A 1 23  ? 5.688   -13.837 2.683   1.00 17.00 ? 21  THR A O   1 
ATOM   172  C CB  . THR A 1 23  ? 7.438   -15.752 1.343   1.00 16.36 ? 21  THR A CB  1 
ATOM   173  O OG1 . THR A 1 23  ? 7.980   -16.282 2.554   1.00 16.84 ? 21  THR A OG1 1 
ATOM   174  C CG2 . THR A 1 23  ? 8.135   -16.363 0.156   1.00 15.51 ? 21  THR A CG2 1 
ATOM   175  N N   . SER A 1 24  ? 7.584   -12.848 3.347   1.00 12.92 ? 22  SER A N   1 
ATOM   176  C CA  . SER A 1 24  ? 6.951   -12.127 4.465   1.00 13.87 ? 22  SER A CA  1 
ATOM   177  C C   . SER A 1 24  ? 7.808   -10.904 4.725   1.00 12.82 ? 22  SER A C   1 
ATOM   178  O O   . SER A 1 24  ? 8.999   -10.887 4.329   1.00 12.14 ? 22  SER A O   1 
ATOM   179  C CB  . SER A 1 24  ? 6.782   -12.937 5.749   1.00 15.23 ? 22  SER A CB  1 
ATOM   180  O OG  . SER A 1 24  ? 8.032   -13.268 6.346   1.00 15.05 ? 22  SER A OG  1 
ATOM   181  N N   . VAL A 1 25  ? 7.227   -9.926  5.383   1.00 12.06 ? 23  VAL A N   1 
ATOM   182  C CA  . VAL A 1 25  ? 8.011   -8.764  5.851   1.00 12.33 ? 23  VAL A CA  1 
ATOM   183  C C   . VAL A 1 25  ? 8.967   -9.269  6.926   1.00 12.33 ? 23  VAL A C   1 
ATOM   184  O O   . VAL A 1 25  ? 8.530   -9.875  7.924   1.00 12.74 ? 23  VAL A O   1 
ATOM   185  C CB  . VAL A 1 25  ? 7.113   -7.657  6.417   1.00 12.54 ? 23  VAL A CB  1 
ATOM   186  C CG1 . VAL A 1 25  ? 7.978   -6.549  6.970   1.00 12.00 ? 23  VAL A CG1 1 
ATOM   187  C CG2 . VAL A 1 25  ? 6.137   -7.123  5.378   1.00 13.47 ? 23  VAL A CG2 1 
ATOM   188  N N   . PRO A 1 26  ? 10.296  -9.037  6.811   1.00 11.39 ? 24  PRO A N   1 
ATOM   189  C CA  . PRO A 1 26  ? 11.210  -9.483  7.852   1.00 12.03 ? 24  PRO A CA  1 
ATOM   190  C C   . PRO A 1 26  ? 10.883  -8.781  9.166   1.00 14.04 ? 24  PRO A C   1 
ATOM   191  O O   . PRO A 1 26  ? 10.642  -7.589  9.213   1.00 14.37 ? 24  PRO A O   1 
ATOM   192  C CB  . PRO A 1 26  ? 12.602  -9.069  7.364   1.00 13.02 ? 24  PRO A CB  1 
ATOM   193  C CG  . PRO A 1 26  ? 12.448  -8.999  5.872   1.00 12.86 ? 24  PRO A CG  1 
ATOM   194  C CD  . PRO A 1 26  ? 11.032  -8.493  5.656   1.00 11.72 ? 24  PRO A CD  1 
ATOM   195  N N   . ALA A 1 27  ? 10.903  -9.571  10.230  1.00 13.27 ? 25  ALA A N   1 
ATOM   196  C CA  . ALA A 1 27  ? 10.880  -9.094  11.622  1.00 15.50 ? 25  ALA A CA  1 
ATOM   197  C C   . ALA A 1 27  ? 12.177  -8.352  11.938  1.00 14.31 ? 25  ALA A C   1 
ATOM   198  O O   . ALA A 1 27  ? 13.228  -8.626  11.332  1.00 17.92 ? 25  ALA A O   1 
ATOM   199  C CB  . ALA A 1 27  ? 10.705  -10.273 12.547  1.00 16.48 ? 25  ALA A CB  1 
ATOM   200  N N   . GLY A 1 28  ? 12.106  -7.468  12.918  1.00 16.54 ? 26  GLY A N   1 
ATOM   201  C CA  . GLY A 1 28  ? 13.303  -6.812  13.453  1.00 17.25 ? 26  GLY A CA  1 
ATOM   202  C C   . GLY A 1 28  ? 13.808  -5.717  12.532  1.00 17.80 ? 26  GLY A C   1 
ATOM   203  O O   . GLY A 1 28  ? 14.986  -5.367  12.627  1.00 19.21 ? 26  GLY A O   1 
ATOM   204  N N   . ILE A 1 29  ? 12.970  -5.130  11.684  1.00 15.98 ? 27  ILE A N   1 
ATOM   205  C CA  A ILE A 1 29  ? 13.386  -3.893  10.960  0.50 14.70 ? 27  ILE A CA  1 
ATOM   206  C CA  B ILE A 1 29  ? 13.402  -3.900  10.957  0.50 15.69 ? 27  ILE A CA  1 
ATOM   207  C C   . ILE A 1 29  ? 13.662  -2.822  12.005  1.00 14.83 ? 27  ILE A C   1 
ATOM   208  O O   . ILE A 1 29  ? 12.844  -2.567  12.881  1.00 16.71 ? 27  ILE A O   1 
ATOM   209  C CB  A ILE A 1 29  ? 12.334  -3.459  9.925   0.50 13.89 ? 27  ILE A CB  1 
ATOM   210  C CB  B ILE A 1 29  ? 12.381  -3.499  9.874   0.50 16.12 ? 27  ILE A CB  1 
ATOM   211  C CG1 A ILE A 1 29  ? 12.409  -4.361  8.692   0.50 13.47 ? 27  ILE A CG1 1 
ATOM   212  C CG1 B ILE A 1 29  ? 12.101  -4.655  8.910   0.50 18.20 ? 27  ILE A CG1 1 
ATOM   213  C CG2 A ILE A 1 29  ? 12.524  -1.989  9.563   0.50 14.23 ? 27  ILE A CG2 1 
ATOM   214  C CG2 B ILE A 1 29  ? 12.855  -2.257  9.129   0.50 15.51 ? 27  ILE A CG2 1 
ATOM   215  C CD1 A ILE A 1 29  ? 11.125  -4.428  7.874   0.50 12.45 ? 27  ILE A CD1 1 
ATOM   216  C CD1 B ILE A 1 29  ? 12.954  -4.663  7.660   0.50 18.44 ? 27  ILE A CD1 1 
ATOM   217  N N   . PRO A 1 30  ? 14.851  -2.179  11.956  1.00 17.37 ? 28  PRO A N   1 
ATOM   218  C CA  . PRO A 1 30  ? 15.241  -1.247  13.006  1.00 20.74 ? 28  PRO A CA  1 
ATOM   219  C C   . PRO A 1 30  ? 14.263  -0.076  13.117  1.00 21.44 ? 28  PRO A C   1 
ATOM   220  O O   . PRO A 1 30  ? 13.798  0.429   12.099  1.00 19.30 ? 28  PRO A O   1 
ATOM   221  C CB  . PRO A 1 30  ? 16.630  -0.746  12.603  1.00 19.95 ? 28  PRO A CB  1 
ATOM   222  C CG  . PRO A 1 30  ? 17.121  -1.748  11.617  1.00 20.63 ? 28  PRO A CG  1 
ATOM   223  C CD  . PRO A 1 30  ? 15.909  -2.394  10.972  1.00 18.60 ? 28  PRO A CD  1 
ATOM   224  N N   . THR A 1 31  ? 14.012  0.346   14.348  1.00 19.67 ? 29  THR A N   1 
ATOM   225  C CA  . THR A 1 31  ? 13.074  1.427   14.706  1.00 21.23 ? 29  THR A CA  1 
ATOM   226  C C   . THR A 1 31  ? 13.630  2.772   14.221  1.00 18.09 ? 29  THR A C   1 
ATOM   227  O O   . THR A 1 31  ? 12.837  3.704   14.131  1.00 20.98 ? 29  THR A O   1 
ATOM   228  C CB  . THR A 1 31  ? 12.821  1.379   16.210  1.00 24.73 ? 29  THR A CB  1 
ATOM   229  O OG1 . THR A 1 31  ? 14.141  1.211   16.719  1.00 25.87 ? 29  THR A OG1 1 
ATOM   230  C CG2 . THR A 1 31  ? 11.966  0.219   16.652  1.00 24.74 ? 29  THR A CG2 1 
ATOM   231  N N   . THR A 1 32  ? 14.924  2.845   13.885  1.00 20.45 ? 30  THR A N   1 
ATOM   232  C CA  . THR A 1 32  ? 15.568  4.065   13.317  1.00 19.60 ? 30  THR A CA  1 
ATOM   233  C C   . THR A 1 32  ? 15.077  4.300   11.879  1.00 17.91 ? 30  THR A C   1 
ATOM   234  O O   . THR A 1 32  ? 15.316  5.381   11.331  1.00 17.83 ? 30  THR A O   1 
ATOM   235  C CB  . THR A 1 32  ? 17.102  3.992   13.356  1.00 20.10 ? 30  THR A CB  1 
ATOM   236  O OG1 . THR A 1 32  ? 17.640  2.813   12.749  1.00 19.47 ? 30  THR A OG1 1 
ATOM   237  C CG2 . THR A 1 32  ? 17.638  4.082   14.763  1.00 22.70 ? 30  THR A CG2 1 
ATOM   238  N N   . THR A 1 33  ? 14.455  3.300   11.252  1.00 15.16 ? 31  THR A N   1 
ATOM   239  C CA  . THR A 1 33  ? 14.244  3.297   9.783   1.00 14.10 ? 31  THR A CA  1 
ATOM   240  C C   . THR A 1 33  ? 13.293  4.421   9.335   1.00 11.90 ? 31  THR A C   1 
ATOM   241  O O   . THR A 1 33  ? 12.182  4.586   9.906   1.00 12.31 ? 31  THR A O   1 
ATOM   242  C CB  . THR A 1 33  ? 13.711  1.935   9.338   1.00 14.51 ? 31  THR A CB  1 
ATOM   243  O OG1 . THR A 1 33  ? 14.687  0.989   9.779   1.00 13.61 ? 31  THR A OG1 1 
ATOM   244  C CG2 . THR A 1 33  ? 13.502  1.879   7.841   1.00 14.82 ? 31  THR A CG2 1 
ATOM   245  N N   . LYS A 1 34  ? 13.762  5.173   8.357   1.00 12.63 ? 32  LYS A N   1 
ATOM   246  C CA  . LYS A 1 34  ? 12.955  6.234   7.714   1.00 11.92 ? 32  LYS A CA  1 
ATOM   247  C C   . LYS A 1 34  ? 12.499  5.799   6.317   1.00 11.94 ? 32  LYS A C   1 
ATOM   248  O O   . LYS A 1 34  ? 11.417  6.262   5.873   1.00 10.61 ? 32  LYS A O   1 
ATOM   249  C CB  . LYS A 1 34  ? 13.789  7.514   7.617   1.00 13.87 ? 32  LYS A CB  1 
ATOM   250  C CG  . LYS A 1 34  ? 14.083  8.201   8.945   1.00 15.59 ? 32  LYS A CG  1 
ATOM   251  C CD  . LYS A 1 34  ? 14.925  9.454   8.717   1.00 20.57 ? 32  LYS A CD  1 
ATOM   252  C CE  . LYS A 1 34  ? 15.192  10.243  9.980   1.00 25.80 ? 32  LYS A CE  1 
ATOM   253  N NZ  . LYS A 1 34  ? 15.762  11.571  9.646   1.00 30.52 ? 32  LYS A NZ  1 
ATOM   254  N N   . ILE A 1 35  ? 13.284  4.996   5.608   1.00 10.29 ? 33  ILE A N   1 
ATOM   255  C CA  . ILE A 1 35  ? 12.928  4.536   4.240   1.00 11.02 ? 33  ILE A CA  1 
ATOM   256  C C   . ILE A 1 35  ? 12.991  3.011   4.236   1.00 11.43 ? 33  ILE A C   1 
ATOM   257  O O   . ILE A 1 35  ? 14.077  2.464   4.552   1.00 13.25 ? 33  ILE A O   1 
ATOM   258  C CB  . ILE A 1 35  ? 13.821  5.150   3.154   1.00 12.41 ? 33  ILE A CB  1 
ATOM   259  C CG1 . ILE A 1 35  ? 13.683  6.669   3.104   1.00 12.95 ? 33  ILE A CG1 1 
ATOM   260  C CG2 . ILE A 1 35  ? 13.528  4.515   1.811   1.00 12.69 ? 33  ILE A CG2 1 
ATOM   261  C CD1 . ILE A 1 35  ? 14.595  7.325   2.087   1.00 14.53 ? 33  ILE A CD1 1 
ATOM   262  N N   . LEU A 1 36  ? 11.886  2.348   3.885   1.00 10.72 ? 34  LEU A N   1 
ATOM   263  C CA  . LEU A 1 36  ? 11.791  0.868   3.882   1.00 10.58 ? 34  LEU A CA  1 
ATOM   264  C C   . LEU A 1 36  ? 11.413  0.424   2.471   1.00 9.67  ? 34  LEU A C   1 
ATOM   265  O O   . LEU A 1 36  ? 10.293  0.732   2.008   1.00 10.41 ? 34  LEU A O   1 
ATOM   266  C CB  . LEU A 1 36  ? 10.777  0.366   4.904   1.00 10.72 ? 34  LEU A CB  1 
ATOM   267  C CG  . LEU A 1 36  ? 10.592  -1.158  4.958   1.00 11.57 ? 34  LEU A CG  1 
ATOM   268  C CD1 . LEU A 1 36  ? 11.899  -1.921  5.128   1.00 12.48 ? 34  LEU A CD1 1 
ATOM   269  C CD2 . LEU A 1 36  ? 9.690   -1.523  6.097   1.00 12.86 ? 34  LEU A CD2 1 
ATOM   270  N N   . ARG A 1 37  ? 12.307  -0.291  1.817   1.00 10.22 ? 35  ARG A N   1 
ATOM   271  C CA  . ARG A 1 37  ? 12.111  -0.824  0.461   1.00 11.96 ? 35  ARG A CA  1 
ATOM   272  C C   . ARG A 1 37  ? 11.777  -2.303  0.558   1.00 12.00 ? 35  ARG A C   1 
ATOM   273  O O   . ARG A 1 37  ? 12.641  -3.090  0.979   1.00 13.38 ? 35  ARG A O   1 
ATOM   274  C CB  . ARG A 1 37  ? 13.368  -0.602  -0.375  1.00 12.91 ? 35  ARG A CB  1 
ATOM   275  C CG  . ARG A 1 37  ? 13.722  0.872   -0.522  1.00 15.96 ? 35  ARG A CG  1 
ATOM   276  C CD  . ARG A 1 37  ? 14.712  1.090   -1.639  1.00 19.41 ? 35  ARG A CD  1 
ATOM   277  N NE  . ARG A 1 37  ? 15.570  2.242   -1.414  1.00 25.69 ? 35  ARG A NE  1 
ATOM   278  C CZ  . ARG A 1 37  ? 15.175  3.497   -1.468  1.00 29.24 ? 35  ARG A CZ  1 
ATOM   279  N NH1 . ARG A 1 37  ? 13.912  3.772   -1.742  1.00 33.34 ? 35  ARG A NH1 1 
ATOM   280  N NH2 . ARG A 1 37  ? 16.043  4.474   -1.245  1.00 29.25 ? 35  ARG A NH2 1 
ATOM   281  N N   . LEU A 1 38  ? 10.545  -2.679  0.208   1.00 9.85  ? 36  LEU A N   1 
ATOM   282  C CA  . LEU A 1 38  ? 10.073  -4.086  0.300   1.00 10.91 ? 36  LEU A CA  1 
ATOM   283  C C   . LEU A 1 38  ? 9.516   -4.519  -1.048  1.00 10.75 ? 36  LEU A C   1 
ATOM   284  O O   . LEU A 1 38  ? 8.925   -5.604  -1.137  1.00 11.66 ? 36  LEU A O   1 
ATOM   285  C CB  . LEU A 1 38  ? 9.001   -4.205  1.375   1.00 11.51 ? 36  LEU A CB  1 
ATOM   286  C CG  . LEU A 1 38  ? 9.529   -4.313  2.801   1.00 12.15 ? 36  LEU A CG  1 
ATOM   287  C CD1 . LEU A 1 38  ? 8.433   -3.983  3.787   1.00 12.98 ? 36  LEU A CD1 1 
ATOM   288  C CD2 . LEU A 1 38  ? 10.130  -5.695  3.054   1.00 13.23 ? 36  LEU A CD2 1 
ATOM   289  N N   . TYR A 1 39  ? 9.782   -3.746  -2.079  1.00 10.82 ? 37  TYR A N   1 
ATOM   290  C CA  . TYR A 1 39  ? 9.164   -3.974  -3.394  1.00 11.78 ? 37  TYR A CA  1 
ATOM   291  C C   . TYR A 1 39  ? 9.893   -5.105  -4.114  1.00 12.38 ? 37  TYR A C   1 
ATOM   292  O O   . TYR A 1 39  ? 11.029  -5.483  -3.740  1.00 12.65 ? 37  TYR A O   1 
ATOM   293  C CB  . TYR A 1 39  ? 9.096   -2.646  -4.139  1.00 12.49 ? 37  TYR A CB  1 
ATOM   294  C CG  . TYR A 1 39  ? 10.438  -2.118  -4.562  1.00 13.37 ? 37  TYR A CG  1 
ATOM   295  C CD1 . TYR A 1 39  ? 11.027  -2.653  -5.686  1.00 16.93 ? 37  TYR A CD1 1 
ATOM   296  C CD2 . TYR A 1 39  ? 11.137  -1.158  -3.847  1.00 14.23 ? 37  TYR A CD2 1 
ATOM   297  C CE1 . TYR A 1 39  ? 12.254  -2.205  -6.137  1.00 18.06 ? 37  TYR A CE1 1 
ATOM   298  C CE2 . TYR A 1 39  ? 12.376  -0.709  -4.274  1.00 17.68 ? 37  TYR A CE2 1 
ATOM   299  C CZ  . TYR A 1 39  ? 12.941  -1.252  -5.417  1.00 18.72 ? 37  TYR A CZ  1 
ATOM   300  O OH  . TYR A 1 39  ? 14.152  -0.860  -5.914  1.00 24.91 ? 37  TYR A OH  1 
ATOM   301  N N   . SER A 1 40  ? 9.179   -5.714  -5.052  1.00 11.94 ? 38  SER A N   1 
ATOM   302  C CA  A SER A 1 40  ? 9.735   -6.798  -5.895  0.50 11.52 ? 38  SER A CA  1 
ATOM   303  C CA  B SER A 1 40  ? 9.714   -6.809  -5.893  0.50 12.57 ? 38  SER A CA  1 
ATOM   304  C C   . SER A 1 40  ? 10.124  -8.001  -5.021  1.00 12.00 ? 38  SER A C   1 
ATOM   305  O O   . SER A 1 40  ? 11.331  -8.356  -4.997  1.00 15.49 ? 38  SER A O   1 
ATOM   306  C CB  A SER A 1 40  ? 10.885  -6.250  -6.702  0.50 11.46 ? 38  SER A CB  1 
ATOM   307  C CB  B SER A 1 40  ? 10.827  -6.278  -6.740  0.50 13.85 ? 38  SER A CB  1 
ATOM   308  O OG  A SER A 1 40  ? 11.334  -7.200  -7.662  0.50 9.93  ? 38  SER A OG  1 
ATOM   309  O OG  B SER A 1 40  ? 10.298  -5.352  -7.670  0.50 15.09 ? 38  SER A OG  1 
ATOM   310  N N   . ASN A 1 41  ? 9.143   -8.619  -4.365  1.00 10.86 ? 39  ASN A N   1 
ATOM   311  C CA  . ASN A 1 41  ? 9.284   -9.834  -3.529  1.00 11.01 ? 39  ASN A CA  1 
ATOM   312  C C   . ASN A 1 41  ? 8.090   -10.734 -3.812  1.00 11.16 ? 39  ASN A C   1 
ATOM   313  O O   . ASN A 1 41  ? 7.380   -10.495 -4.819  1.00 11.94 ? 39  ASN A O   1 
ATOM   314  C CB  . ASN A 1 41  ? 9.436   -9.452  -2.053  1.00 11.18 ? 39  ASN A CB  1 
ATOM   315  C CG  . ASN A 1 41  ? 10.837  -8.983  -1.711  1.00 11.04 ? 39  ASN A CG  1 
ATOM   316  O OD1 . ASN A 1 41  ? 11.830  -9.680  -1.972  1.00 11.97 ? 39  ASN A OD1 1 
ATOM   317  N ND2 . ASN A 1 41  ? 10.931  -7.815  -1.105  1.00 12.05 ? 39  ASN A ND2 1 
ATOM   318  N N   . GLN A 1 42  ? 7.844   -11.697 -2.926  1.00 11.37 ? 40  GLN A N   1 
ATOM   319  C CA  . GLN A 1 42  ? 6.745   -12.674 -3.051  1.00 12.45 ? 40  GLN A CA  1 
ATOM   320  C C   . GLN A 1 42  ? 5.852   -12.622 -1.821  1.00 11.66 ? 40  GLN A C   1 
ATOM   321  O O   . GLN A 1 42  ? 5.397   -13.658 -1.321  1.00 12.86 ? 40  GLN A O   1 
ATOM   322  C CB  . GLN A 1 42  ? 7.316   -14.080 -3.233  1.00 14.94 ? 40  GLN A CB  1 
ATOM   323  C CG  . GLN A 1 42  ? 8.144   -14.234 -4.503  1.00 18.01 ? 40  GLN A CG  1 
ATOM   324  C CD  . GLN A 1 42  ? 9.034   -15.457 -4.465  1.00 21.93 ? 40  GLN A CD  1 
ATOM   325  O OE1 . GLN A 1 42  ? 8.701   -16.478 -3.869  1.00 25.10 ? 40  GLN A OE1 1 
ATOM   326  N NE2 . GLN A 1 42  ? 10.196  -15.367 -5.088  1.00 22.62 ? 40  GLN A NE2 1 
ATOM   327  N N   . ILE A 1 43  ? 5.590   -11.406 -1.336  1.00 10.25 ? 41  ILE A N   1 
ATOM   328  C CA  . ILE A 1 43  ? 4.744   -11.179 -0.138  1.00 10.86 ? 41  ILE A CA  1 
ATOM   329  C C   . ILE A 1 43  ? 3.291   -11.216 -0.580  1.00 10.03 ? 41  ILE A C   1 
ATOM   330  O O   . ILE A 1 43  ? 2.931   -10.503 -1.513  1.00 11.26 ? 41  ILE A O   1 
ATOM   331  C CB  . ILE A 1 43  ? 5.137   -9.886  0.597   1.00 11.45 ? 41  ILE A CB  1 
ATOM   332  C CG1 . ILE A 1 43  ? 6.636   -9.921  0.935   1.00 11.28 ? 41  ILE A CG1 1 
ATOM   333  C CG2 . ILE A 1 43  ? 4.259   -9.716  1.820   1.00 12.42 ? 41  ILE A CG2 1 
ATOM   334  C CD1 . ILE A 1 43  ? 7.247   -8.594  1.311   1.00 13.55 ? 41  ILE A CD1 1 
ATOM   335  N N   . THR A 1 44  ? 2.483   -12.014 0.099   1.00 11.38 ? 42  THR A N   1 
ATOM   336  C CA  . THR A 1 44  ? 1.048   -12.190 -0.183  1.00 11.97 ? 42  THR A CA  1 
ATOM   337  C C   . THR A 1 44  ? 0.203   -11.643 0.952   1.00 11.64 ? 42  THR A C   1 
ATOM   338  O O   . THR A 1 44  ? -0.955  -11.297 0.676   1.00 12.87 ? 42  THR A O   1 
ATOM   339  C CB  . THR A 1 44  ? 0.692   -13.650 -0.479  1.00 13.04 ? 42  THR A CB  1 
ATOM   340  O OG1 . THR A 1 44  ? 1.082   -14.440 0.648   1.00 14.71 ? 42  THR A OG1 1 
ATOM   341  C CG2 . THR A 1 44  ? 1.372   -14.160 -1.729  1.00 13.79 ? 42  THR A CG2 1 
ATOM   342  N N   . LYS A 1 45  ? 0.771   -11.535 2.153   1.00 12.54 ? 43  LYS A N   1 
ATOM   343  C CA  . LYS A 1 45  ? -0.010  -11.119 3.341   1.00 14.01 ? 43  LYS A CA  1 
ATOM   344  C C   . LYS A 1 45  ? 0.882   -10.226 4.189   1.00 14.82 ? 43  LYS A C   1 
ATOM   345  O O   . LYS A 1 45  ? 2.125   -10.405 4.196   1.00 17.29 ? 43  LYS A O   1 
ATOM   346  C CB  . LYS A 1 45  ? -0.448  -12.328 4.181   1.00 17.23 ? 43  LYS A CB  1 
ATOM   347  C CG  . LYS A 1 45  ? -1.402  -13.291 3.498   1.00 20.40 ? 43  LYS A CG  1 
ATOM   348  C CD  . LYS A 1 45  ? -2.743  -12.678 3.220   1.00 25.77 ? 43  LYS A CD  1 
ATOM   349  C CE  . LYS A 1 45  ? -3.610  -13.576 2.358   1.00 32.30 ? 43  LYS A CE  1 
ATOM   350  N NZ  . LYS A 1 45  ? -4.151  -14.725 3.125   1.00 36.26 ? 43  LYS A NZ  1 
ATOM   351  N N   . LEU A 1 46  ? 0.273   -9.262  4.848   1.00 13.97 ? 44  LEU A N   1 
ATOM   352  C CA  . LEU A 1 46  ? 0.955   -8.532  5.946   1.00 14.76 ? 44  LEU A CA  1 
ATOM   353  C C   . LEU A 1 46  ? 0.364   -9.032  7.261   1.00 16.89 ? 44  LEU A C   1 
ATOM   354  O O   . LEU A 1 46  ? -0.864  -9.202  7.341   1.00 18.46 ? 44  LEU A O   1 
ATOM   355  C CB  . LEU A 1 46  ? 0.710   -7.041  5.759   1.00 13.85 ? 44  LEU A CB  1 
ATOM   356  C CG  . LEU A 1 46  ? 1.248   -6.452  4.463   1.00 13.37 ? 44  LEU A CG  1 
ATOM   357  C CD1 . LEU A 1 46  ? 0.886   -4.996  4.376   1.00 13.75 ? 44  LEU A CD1 1 
ATOM   358  C CD2 . LEU A 1 46  ? 2.754   -6.629  4.338   1.00 13.16 ? 44  LEU A CD2 1 
ATOM   359  N N   . GLU A 1 47  ? 1.209   -9.251  8.256   1.00 16.99 ? 45  GLU A N   1 
ATOM   360  C CA  . GLU A 1 47  ? 0.725   -9.580  9.617   1.00 20.52 ? 45  GLU A CA  1 
ATOM   361  C C   . GLU A 1 47  ? 0.148   -8.302  10.226  1.00 18.78 ? 45  GLU A C   1 
ATOM   362  O O   . GLU A 1 47  ? 0.714   -7.211  10.084  1.00 18.23 ? 45  GLU A O   1 
ATOM   363  C CB  . GLU A 1 47  ? 1.900   -10.194 10.378  1.00 23.54 ? 45  GLU A CB  1 
ATOM   364  C CG  . GLU A 1 47  ? 1.496   -11.317 11.310  1.00 29.46 ? 45  GLU A CG  1 
ATOM   365  C CD  . GLU A 1 47  ? 0.853   -12.521 10.637  1.00 26.99 ? 45  GLU A CD  1 
ATOM   366  O OE1 . GLU A 1 47  ? 0.067   -13.183 11.323  1.00 41.00 ? 45  GLU A OE1 1 
ATOM   367  O OE2 . GLU A 1 47  ? 1.125   -12.768 9.434   1.00 37.55 ? 45  GLU A OE2 1 
ATOM   368  N N   . PRO A 1 48  ? -0.998  -8.364  10.931  1.00 18.06 ? 46  PRO A N   1 
ATOM   369  C CA  . PRO A 1 48  ? -1.478  -7.199  11.669  1.00 17.42 ? 46  PRO A CA  1 
ATOM   370  C C   . PRO A 1 48  ? -0.354  -6.695  12.591  1.00 17.17 ? 46  PRO A C   1 
ATOM   371  O O   . PRO A 1 48  ? 0.342   -7.505  13.197  1.00 15.43 ? 46  PRO A O   1 
ATOM   372  C CB  . PRO A 1 48  ? -2.699  -7.727  12.441  1.00 21.21 ? 46  PRO A CB  1 
ATOM   373  C CG  . PRO A 1 48  ? -3.145  -8.941  11.648  1.00 19.69 ? 46  PRO A CG  1 
ATOM   374  C CD  . PRO A 1 48  ? -1.884  -9.536  11.050  1.00 19.57 ? 46  PRO A CD  1 
ATOM   375  N N   . GLY A 1 49  ? -0.132  -5.380  12.621  1.00 14.63 ? 47  GLY A N   1 
ATOM   376  C CA  . GLY A 1 49  ? 0.843   -4.733  13.516  1.00 14.13 ? 47  GLY A CA  1 
ATOM   377  C C   . GLY A 1 49  ? 2.274   -4.773  13.008  1.00 13.60 ? 47  GLY A C   1 
ATOM   378  O O   . GLY A 1 49  ? 3.170   -4.256  13.718  1.00 12.38 ? 47  GLY A O   1 
ATOM   379  N N   . VAL A 1 50  ? 2.508   -5.369  11.837  1.00 13.58 ? 48  VAL A N   1 
ATOM   380  C CA  . VAL A 1 50  ? 3.893   -5.626  11.356  1.00 13.89 ? 48  VAL A CA  1 
ATOM   381  C C   . VAL A 1 50  ? 4.731   -4.341  11.302  1.00 12.48 ? 48  VAL A C   1 
ATOM   382  O O   . VAL A 1 50  ? 5.942   -4.426  11.520  1.00 14.16 ? 48  VAL A O   1 
ATOM   383  C CB  . VAL A 1 50  ? 3.876   -6.338  9.996   1.00 14.61 ? 48  VAL A CB  1 
ATOM   384  C CG1 . VAL A 1 50  ? 3.248   -5.478  8.921   1.00 15.23 ? 48  VAL A CG1 1 
ATOM   385  C CG2 . VAL A 1 50  ? 5.272   -6.798  9.630   1.00 16.68 ? 48  VAL A CG2 1 
ATOM   386  N N   . PHE A 1 51  ? 4.130   -3.186  11.000  1.00 10.99 ? 49  PHE A N   1 
ATOM   387  C CA  . PHE A 1 51  ? 4.907   -1.929  10.855  1.00 12.12 ? 49  PHE A CA  1 
ATOM   388  C C   . PHE A 1 51  ? 4.805   -1.050  12.107  1.00 12.30 ? 49  PHE A C   1 
ATOM   389  O O   . PHE A 1 51  ? 5.373   0.032   12.107  1.00 12.55 ? 49  PHE A O   1 
ATOM   390  C CB  . PHE A 1 51  ? 4.435   -1.105  9.656   1.00 10.83 ? 49  PHE A CB  1 
ATOM   391  C CG  . PHE A 1 51  ? 4.536   -1.832  8.341   1.00 10.81 ? 49  PHE A CG  1 
ATOM   392  C CD1 . PHE A 1 51  ? 5.716   -2.422  7.951   1.00 11.68 ? 49  PHE A CD1 1 
ATOM   393  C CD2 . PHE A 1 51  ? 3.423   -1.959  7.535   1.00 11.14 ? 49  PHE A CD2 1 
ATOM   394  C CE1 . PHE A 1 51  ? 5.810   -3.089  6.736   1.00 12.16 ? 49  PHE A CE1 1 
ATOM   395  C CE2 . PHE A 1 51  ? 3.509   -2.631  6.325   1.00 11.69 ? 49  PHE A CE2 1 
ATOM   396  C CZ  . PHE A 1 51  ? 4.700   -3.198  5.943   1.00 11.22 ? 49  PHE A CZ  1 
ATOM   397  N N   . ASP A 1 52  ? 4.092   -1.499  13.142  1.00 13.54 ? 50  ASP A N   1 
ATOM   398  C CA  . ASP A 1 52  ? 3.682   -0.585  14.235  1.00 13.80 ? 50  ASP A CA  1 
ATOM   399  C C   . ASP A 1 52  ? 4.882   0.028   14.973  1.00 14.52 ? 50  ASP A C   1 
ATOM   400  O O   . ASP A 1 52  ? 4.695   1.109   15.563  1.00 15.76 ? 50  ASP A O   1 
ATOM   401  C CB  . ASP A 1 52  ? 2.783   -1.306  15.233  1.00 14.44 ? 50  ASP A CB  1 
ATOM   402  C CG  . ASP A 1 52  ? 1.355   -1.479  14.770  1.00 15.33 ? 50  ASP A CG  1 
ATOM   403  O OD1 . ASP A 1 52  ? 1.033   -1.073  13.639  1.00 13.83 ? 50  ASP A OD1 1 
ATOM   404  O OD2 . ASP A 1 52  ? 0.587   -2.074  15.529  1.00 17.79 ? 50  ASP A OD2 1 
ATOM   405  N N   . HIS A 1 53  ? 6.022   -0.648  15.026  1.00 14.02 ? 51  HIS A N   1 
ATOM   406  C CA  . HIS A 1 53  ? 7.227   -0.154  15.744  1.00 16.44 ? 51  HIS A CA  1 
ATOM   407  C C   . HIS A 1 53  ? 7.965   0.896   14.909  1.00 20.02 ? 51  HIS A C   1 
ATOM   408  O O   . HIS A 1 53  ? 8.916   1.505   15.455  1.00 20.48 ? 51  HIS A O   1 
ATOM   409  C CB  . HIS A 1 53  ? 8.150   -1.327  16.103  1.00 16.42 ? 51  HIS A CB  1 
ATOM   410  C CG  . HIS A 1 53  ? 8.711   -2.041  14.922  1.00 16.27 ? 51  HIS A CG  1 
ATOM   411  N ND1 . HIS A 1 53  ? 7.910   -2.739  14.039  1.00 17.41 ? 51  HIS A ND1 1 
ATOM   412  C CD2 . HIS A 1 53  ? 9.981   -2.158  14.463  1.00 17.86 ? 51  HIS A CD2 1 
ATOM   413  C CE1 . HIS A 1 53  ? 8.663   -3.247  13.092  1.00 17.76 ? 51  HIS A CE1 1 
ATOM   414  N NE2 . HIS A 1 53  ? 9.948   -2.920  13.342  1.00 19.58 ? 51  HIS A NE2 1 
ATOM   415  N N   . LEU A 1 54  ? 7.609   1.087   13.633  1.00 16.70 ? 52  LEU A N   1 
ATOM   416  C CA  . LEU A 1 54  ? 8.420   1.953   12.726  1.00 16.18 ? 52  LEU A CA  1 
ATOM   417  C C   . LEU A 1 54  ? 7.887   3.377   12.732  1.00 18.39 ? 52  LEU A C   1 
ATOM   418  O O   . LEU A 1 54  ? 7.484   3.880   11.662  1.00 17.32 ? 52  LEU A O   1 
ATOM   419  C CB  . LEU A 1 54  ? 8.410   1.380   11.312  1.00 16.16 ? 52  LEU A CB  1 
ATOM   420  C CG  . LEU A 1 54  ? 9.024   -0.007  11.186  1.00 14.83 ? 52  LEU A CG  1 
ATOM   421  C CD1 . LEU A 1 54  ? 8.800   -0.524  9.779   1.00 16.18 ? 52  LEU A CD1 1 
ATOM   422  C CD2 . LEU A 1 54  ? 10.510  -0.040  11.537  1.00 15.91 ? 52  LEU A CD2 1 
ATOM   423  N N   . VAL A 1 55  ? 7.952   4.023   13.893  1.00 20.38 ? 53  VAL A N   1 
ATOM   424  C CA  . VAL A 1 55  ? 7.248   5.303   14.176  1.00 21.02 ? 53  VAL A CA  1 
ATOM   425  C C   . VAL A 1 55  ? 7.933   6.440   13.405  1.00 19.62 ? 53  VAL A C   1 
ATOM   426  O O   . VAL A 1 55  ? 7.251   7.451   13.198  1.00 20.54 ? 53  VAL A O   1 
ATOM   427  C CB  . VAL A 1 55  ? 7.188   5.539   15.698  1.00 24.50 ? 53  VAL A CB  1 
ATOM   428  C CG1 . VAL A 1 55  ? 6.255   4.517   16.342  1.00 25.21 ? 53  VAL A CG1 1 
ATOM   429  C CG2 . VAL A 1 55  ? 8.579   5.514   16.330  1.00 23.87 ? 53  VAL A CG2 1 
ATOM   430  N N   . ASN A 1 56  ? 9.189   6.248   12.983  1.00 17.87 ? 54  ASN A N   1 
ATOM   431  C CA  . ASN A 1 56  ? 9.994   7.251   12.235  1.00 18.66 ? 54  ASN A CA  1 
ATOM   432  C C   . ASN A 1 56  ? 9.781   7.110   10.726  1.00 16.25 ? 54  ASN A C   1 
ATOM   433  O O   . ASN A 1 56  ? 10.393  7.878   9.967   1.00 15.48 ? 54  ASN A O   1 
ATOM   434  C CB  . ASN A 1 56  ? 11.484  7.105   12.554  1.00 19.63 ? 54  ASN A CB  1 
ATOM   435  C CG  . ASN A 1 56  ? 11.729  7.358   14.027  1.00 24.71 ? 54  ASN A CG  1 
ATOM   436  O OD1 . ASN A 1 56  ? 11.228  8.338   14.563  1.00 24.98 ? 54  ASN A OD1 1 
ATOM   437  N ND2 . ASN A 1 56  ? 12.453  6.463   14.688  1.00 26.83 ? 54  ASN A ND2 1 
ATOM   438  N N   . LEU A 1 57  ? 9.016   6.113   10.274  1.00 15.72 ? 55  LEU A N   1 
ATOM   439  C CA  . LEU A 1 57  ? 8.997   5.817   8.818   1.00 12.82 ? 55  LEU A CA  1 
ATOM   440  C C   . LEU A 1 57  ? 8.398   6.980   8.007   1.00 10.87 ? 55  LEU A C   1 
ATOM   441  O O   . LEU A 1 57  ? 7.338   7.495   8.349   1.00 11.35 ? 55  LEU A O   1 
ATOM   442  C CB  . LEU A 1 57  ? 8.218   4.522   8.586   1.00 12.92 ? 55  LEU A CB  1 
ATOM   443  C CG  . LEU A 1 57  ? 8.594   3.761   7.323   1.00 13.78 ? 55  LEU A CG  1 
ATOM   444  C CD1 . LEU A 1 57  ? 10.023  3.231   7.321   1.00 13.22 ? 55  LEU A CD1 1 
ATOM   445  C CD2 . LEU A 1 57  ? 7.615   2.604   7.121   1.00 13.06 ? 55  LEU A CD2 1 
ATOM   446  N N   . GLU A 1 58  ? 9.110   7.330   6.948   1.00 11.20 ? 56  GLU A N   1 
ATOM   447  C CA  . GLU A 1 58  ? 8.710   8.387   5.995   1.00 10.47 ? 56  GLU A CA  1 
ATOM   448  C C   . GLU A 1 58  ? 8.357   7.759   4.647   1.00 9.95  ? 56  GLU A C   1 
ATOM   449  O O   . GLU A 1 58  ? 7.469   8.296   4.003   1.00 10.30 ? 56  GLU A O   1 
ATOM   450  C CB  . GLU A 1 58  ? 9.792   9.458   5.837   1.00 12.22 ? 56  GLU A CB  1 
ATOM   451  C CG  . GLU A 1 58  ? 10.131  10.166  7.149   1.00 13.06 ? 56  GLU A CG  1 
ATOM   452  C CD  . GLU A 1 58  ? 11.245  11.197  7.054   1.00 18.49 ? 56  GLU A CD  1 
ATOM   453  O OE1 . GLU A 1 58  ? 11.833  11.352  5.970   1.00 20.45 ? 56  GLU A OE1 1 
ATOM   454  O OE2 . GLU A 1 58  ? 11.540  11.830  8.100   1.00 22.64 ? 56  GLU A OE2 1 
ATOM   455  N N   . LYS A 1 59  ? 9.042   6.695   4.216   1.00 9.41  ? 57  LYS A N   1 
ATOM   456  C CA  . LYS A 1 59  ? 8.744   6.096   2.889   1.00 9.20  ? 57  LYS A CA  1 
ATOM   457  C C   . LYS A 1 59  ? 8.611   4.581   3.020   1.00 8.97  ? 57  LYS A C   1 
ATOM   458  O O   . LYS A 1 59  ? 9.491   3.959   3.604   1.00 9.24  ? 57  LYS A O   1 
ATOM   459  C CB  . LYS A 1 59  ? 9.786   6.478   1.849   1.00 10.34 ? 57  LYS A CB  1 
ATOM   460  C CG  . LYS A 1 59  ? 10.061  7.982   1.754   1.00 10.48 ? 57  LYS A CG  1 
ATOM   461  C CD  . LYS A 1 59  ? 10.983  8.308   0.620   1.00 12.85 ? 57  LYS A CD  1 
ATOM   462  C CE  . LYS A 1 59  ? 11.181  9.802   0.439   1.00 16.14 ? 57  LYS A CE  1 
ATOM   463  N NZ  . LYS A 1 59  ? 12.078  10.058  -0.716  1.00 19.64 ? 57  LYS A NZ  1 
ATOM   464  N N   . LEU A 1 60  ? 7.509   4.041   2.475   1.00 7.96  ? 58  LEU A N   1 
ATOM   465  C CA  . LEU A 1 60  ? 7.224   2.587   2.553   1.00 7.89  ? 58  LEU A CA  1 
ATOM   466  C C   . LEU A 1 60  ? 6.879   2.128   1.146   1.00 7.91  ? 58  LEU A C   1 
ATOM   467  O O   . LEU A 1 60  ? 5.805   2.501   0.630   1.00 7.45  ? 58  LEU A O   1 
ATOM   468  C CB  . LEU A 1 60  ? 6.080   2.352   3.536   1.00 7.99  ? 58  LEU A CB  1 
ATOM   469  C CG  . LEU A 1 60  ? 5.623   0.909   3.688   1.00 8.74  ? 58  LEU A CG  1 
ATOM   470  C CD1 . LEU A 1 60  ? 6.762   -0.051  3.988   1.00 9.05  ? 58  LEU A CD1 1 
ATOM   471  C CD2 . LEU A 1 60  ? 4.554   0.817   4.755   1.00 9.52  ? 58  LEU A CD2 1 
ATOM   472  N N   . TYR A 1 61  ? 7.740   1.317   0.552   1.00 8.76  ? 59  TYR A N   1 
ATOM   473  C CA  . TYR A 1 61  ? 7.530   0.811   -0.810  1.00 9.05  ? 59  TYR A CA  1 
ATOM   474  C C   . TYR A 1 61  ? 7.220   -0.671  -0.729  1.00 8.94  ? 59  TYR A C   1 
ATOM   475  O O   . TYR A 1 61  ? 8.155   -1.447  -0.402  1.00 8.66  ? 59  TYR A O   1 
ATOM   476  C CB  . TYR A 1 61  ? 8.742   1.134   -1.684  1.00 9.88  ? 59  TYR A CB  1 
ATOM   477  C CG  . TYR A 1 61  ? 9.080   2.595   -1.810  1.00 12.17 ? 59  TYR A CG  1 
ATOM   478  C CD1 . TYR A 1 61  ? 8.359   3.431   -2.637  1.00 15.03 ? 59  TYR A CD1 1 
ATOM   479  C CD2 . TYR A 1 61  ? 10.161  3.133   -1.137  1.00 14.14 ? 59  TYR A CD2 1 
ATOM   480  C CE1 . TYR A 1 61  ? 8.702   4.764   -2.783  1.00 15.96 ? 59  TYR A CE1 1 
ATOM   481  C CE2 . TYR A 1 61  ? 10.513  4.468   -1.268  1.00 15.01 ? 59  TYR A CE2 1 
ATOM   482  C CZ  . TYR A 1 61  ? 9.780   5.286   -2.102  1.00 15.50 ? 59  TYR A CZ  1 
ATOM   483  O OH  . TYR A 1 61  ? 10.074  6.612   -2.296  1.00 19.67 ? 59  TYR A OH  1 
ATOM   484  N N   . ILE A 1 62  ? 5.995   -1.066  -1.071  1.00 8.39  ? 60  ILE A N   1 
ATOM   485  C CA  . ILE A 1 62  ? 5.600   -2.493  -1.005  1.00 9.19  ? 60  ILE A CA  1 
ATOM   486  C C   . ILE A 1 62  ? 4.984   -2.922  -2.336  1.00 8.91  ? 60  ILE A C   1 
ATOM   487  O O   . ILE A 1 62  ? 4.260   -3.937  -2.389  1.00 8.09  ? 60  ILE A O   1 
ATOM   488  C CB  . ILE A 1 62  ? 4.650   -2.835  0.151   1.00 11.63 ? 60  ILE A CB  1 
ATOM   489  C CG1 . ILE A 1 62  ? 4.664   -1.810  1.287   1.00 14.13 ? 60  ILE A CG1 1 
ATOM   490  C CG2 . ILE A 1 62  ? 4.965   -4.260  0.578   1.00 12.10 ? 60  ILE A CG2 1 
ATOM   491  C CD1 . ILE A 1 62  ? 3.663   -2.114  2.368   1.00 14.74 ? 60  ILE A CD1 1 
ATOM   492  N N   . SER A 1 63  ? 5.309   -2.179  -3.383  1.00 9.14  ? 61  SER A N   1 
ATOM   493  C CA  A SER A 1 63  ? 4.854   -2.480  -4.762  0.50 7.99  ? 61  SER A CA  1 
ATOM   494  C CA  B SER A 1 63  ? 4.863   -2.465  -4.772  0.50 9.45  ? 61  SER A CA  1 
ATOM   495  C C   . SER A 1 63  ? 5.470   -3.791  -5.262  1.00 8.79  ? 61  SER A C   1 
ATOM   496  O O   . SER A 1 63  ? 6.450   -4.283  -4.694  1.00 8.69  ? 61  SER A O   1 
ATOM   497  C CB  A SER A 1 63  ? 5.212   -1.363  -5.673  0.50 7.79  ? 61  SER A CB  1 
ATOM   498  C CB  B SER A 1 63  ? 5.195   -1.324  -5.710  0.50 11.11 ? 61  SER A CB  1 
ATOM   499  O OG  A SER A 1 63  ? 6.558   -0.991  -5.436  0.50 6.18  ? 61  SER A OG  1 
ATOM   500  O OG  B SER A 1 63  ? 4.377   -0.172  -5.488  0.50 13.95 ? 61  SER A OG  1 
ATOM   501  N N   . TRP A 1 64  ? 4.892   -4.348  -6.314  1.00 8.29  ? 62  TRP A N   1 
ATOM   502  C CA  . TRP A 1 64  ? 5.479   -5.505  -7.030  1.00 8.76  ? 62  TRP A CA  1 
ATOM   503  C C   . TRP A 1 64  ? 5.619   -6.682  -6.072  1.00 8.87  ? 62  TRP A C   1 
ATOM   504  O O   . TRP A 1 64  ? 6.685   -7.282  -5.930  1.00 9.76  ? 62  TRP A O   1 
ATOM   505  C CB  . TRP A 1 64  ? 6.795   -5.117  -7.694  1.00 8.96  ? 62  TRP A CB  1 
ATOM   506  C CG  . TRP A 1 64  ? 6.723   -4.050  -8.739  1.00 9.15  ? 62  TRP A CG  1 
ATOM   507  C CD1 . TRP A 1 64  ? 7.116   -2.749  -8.609  1.00 11.09 ? 62  TRP A CD1 1 
ATOM   508  C CD2 . TRP A 1 64  ? 6.324   -4.234  -10.115 1.00 9.66  ? 62  TRP A CD2 1 
ATOM   509  N NE1 . TRP A 1 64  ? 6.966   -2.094  -9.797  1.00 11.36 ? 62  TRP A NE1 1 
ATOM   510  C CE2 . TRP A 1 64  ? 6.498   -2.973  -10.733 1.00 10.09 ? 62  TRP A CE2 1 
ATOM   511  C CE3 . TRP A 1 64  ? 5.832   -5.299  -10.875 1.00 9.89  ? 62  TRP A CE3 1 
ATOM   512  C CZ2 . TRP A 1 64  ? 6.192   -2.766  -12.077 1.00 11.23 ? 62  TRP A CZ2 1 
ATOM   513  C CZ3 . TRP A 1 64  ? 5.506   -5.093  -12.202 1.00 10.09 ? 62  TRP A CZ3 1 
ATOM   514  C CH2 . TRP A 1 64  ? 5.713   -3.841  -12.788 1.00 10.62 ? 62  TRP A CH2 1 
ATOM   515  N N   . ASN A 1 65  ? 4.532   -6.981  -5.398  1.00 8.13  ? 63  ASN A N   1 
ATOM   516  C CA  . ASN A 1 65  ? 4.366   -8.171  -4.552  1.00 8.28  ? 63  ASN A CA  1 
ATOM   517  C C   . ASN A 1 65  ? 3.087   -8.837  -5.032  1.00 8.29  ? 63  ASN A C   1 
ATOM   518  O O   . ASN A 1 65  ? 2.690   -8.589  -6.189  1.00 8.18  ? 63  ASN A O   1 
ATOM   519  C CB  . ASN A 1 65  ? 4.383   -7.818  -3.068  1.00 8.21  ? 63  ASN A CB  1 
ATOM   520  C CG  . ASN A 1 65  ? 5.794   -7.662  -2.559  1.00 8.77  ? 63  ASN A CG  1 
ATOM   521  O OD1 . ASN A 1 65  ? 6.495   -8.640  -2.374  1.00 9.49  ? 63  ASN A OD1 1 
ATOM   522  N ND2 . ASN A 1 65  ? 6.222   -6.437  -2.331  1.00 9.19  ? 63  ASN A ND2 1 
ATOM   523  N N   . GLN A 1 66  ? 2.497   -9.682  -4.211  1.00 8.24  ? 64  GLN A N   1 
ATOM   524  C CA  . GLN A 1 66  ? 1.206   -10.322 -4.584  1.00 9.06  ? 64  GLN A CA  1 
ATOM   525  C C   . GLN A 1 66  ? 0.226   -10.126 -3.420  1.00 8.73  ? 64  GLN A C   1 
ATOM   526  O O   . GLN A 1 66  ? -0.501  -11.050 -3.076  1.00 10.05 ? 64  GLN A O   1 
ATOM   527  C CB  . GLN A 1 66  ? 1.416   -11.787 -4.987  1.00 10.42 ? 64  GLN A CB  1 
ATOM   528  C CG  . GLN A 1 66  ? 2.428   -11.979 -6.110  1.00 10.96 ? 64  GLN A CG  1 
ATOM   529  C CD  . GLN A 1 66  ? 3.838   -11.985 -5.560  1.00 12.19 ? 64  GLN A CD  1 
ATOM   530  O OE1 . GLN A 1 66  ? 4.074   -12.604 -4.519  1.00 15.29 ? 64  GLN A OE1 1 
ATOM   531  N NE2 . GLN A 1 66  ? 4.760   -11.281 -6.205  1.00 11.92 ? 64  GLN A NE2 1 
ATOM   532  N N   . LEU A 1 67  ? 0.251   -8.943  -2.797  1.00 9.02  ? 65  LEU A N   1 
ATOM   533  C CA  . LEU A 1 67  ? -0.541  -8.701  -1.570  1.00 10.01 ? 65  LEU A CA  1 
ATOM   534  C C   . LEU A 1 67  ? -2.023  -8.867  -1.933  1.00 10.23 ? 65  LEU A C   1 
ATOM   535  O O   . LEU A 1 67  ? -2.516  -8.190  -2.852  1.00 10.05 ? 65  LEU A O   1 
ATOM   536  C CB  . LEU A 1 67  ? -0.321  -7.284  -1.033  1.00 9.87  ? 65  LEU A CB  1 
ATOM   537  C CG  . LEU A 1 67  ? 1.048   -6.955  -0.459  1.00 11.92 ? 65  LEU A CG  1 
ATOM   538  C CD1 . LEU A 1 67  ? 1.108   -5.502  -0.037  1.00 12.24 ? 65  LEU A CD1 1 
ATOM   539  C CD2 . LEU A 1 67  ? 1.359   -7.818  0.755   1.00 13.21 ? 65  LEU A CD2 1 
ATOM   540  N N   . SER A 1 68  ? -2.757  -9.686  -1.202  1.00 11.70 ? 66  SER A N   1 
ATOM   541  C CA  . SER A 1 68  ? -4.165  -9.992  -1.535  1.00 12.13 ? 66  SER A CA  1 
ATOM   542  C C   . SER A 1 68  ? -5.085  -9.153  -0.645  1.00 12.09 ? 66  SER A C   1 
ATOM   543  O O   . SER A 1 68  ? -6.291  -9.082  -0.943  1.00 12.87 ? 66  SER A O   1 
ATOM   544  C CB  . SER A 1 68  ? -4.442  -11.464 -1.374  1.00 14.21 ? 66  SER A CB  1 
ATOM   545  O OG  . SER A 1 68  ? -4.188  -11.832 -0.036  1.00 16.64 ? 66  SER A OG  1 
ATOM   546  N N   . ALA A 1 69  ? -4.561  -8.567  0.419   1.00 11.02 ? 67  ALA A N   1 
ATOM   547  C CA  . ALA A 1 69  ? -5.360  -7.682  1.283   1.00 12.22 ? 67  ALA A CA  1 
ATOM   548  C C   . ALA A 1 69  ? -4.414  -6.915  2.185   1.00 12.25 ? 67  ALA A C   1 
ATOM   549  O O   . ALA A 1 69  ? -3.210  -7.284  2.288   1.00 14.74 ? 67  ALA A O   1 
ATOM   550  C CB  . ALA A 1 69  ? -6.339  -8.493  2.105   1.00 12.95 ? 67  ALA A CB  1 
ATOM   551  N N   . LEU A 1 70  ? -4.964  -5.916  2.852   1.00 11.82 ? 68  LEU A N   1 
ATOM   552  C CA  . LEU A 1 70  ? -4.261  -5.194  3.929   1.00 12.67 ? 68  LEU A CA  1 
ATOM   553  C C   . LEU A 1 70  ? -4.997  -5.481  5.226   1.00 12.52 ? 68  LEU A C   1 
ATOM   554  O O   . LEU A 1 70  ? -6.216  -5.410  5.255   1.00 14.49 ? 68  LEU A O   1 
ATOM   555  C CB  . LEU A 1 70  ? -4.251  -3.693  3.655   1.00 12.21 ? 68  LEU A CB  1 
ATOM   556  C CG  . LEU A 1 70  ? -3.663  -3.227  2.329   1.00 12.90 ? 68  LEU A CG  1 
ATOM   557  C CD1 . LEU A 1 70  ? -3.854  -1.731  2.211   1.00 13.03 ? 68  LEU A CD1 1 
ATOM   558  C CD2 . LEU A 1 70  ? -2.195  -3.569  2.241   1.00 14.96 ? 68  LEU A CD2 1 
ATOM   559  N N   . PRO A 1 71  ? -4.277  -5.757  6.327   1.00 11.47 ? 69  PRO A N   1 
ATOM   560  C CA  . PRO A 1 71  ? -4.922  -5.856  7.626   1.00 12.55 ? 69  PRO A CA  1 
ATOM   561  C C   . PRO A 1 71  ? -5.514  -4.517  8.067   1.00 13.49 ? 69  PRO A C   1 
ATOM   562  O O   . PRO A 1 71  ? -4.999  -3.437  7.741   1.00 11.46 ? 69  PRO A O   1 
ATOM   563  C CB  . PRO A 1 71  ? -3.802  -6.258  8.587   1.00 13.60 ? 69  PRO A CB  1 
ATOM   564  C CG  . PRO A 1 71  ? -2.629  -6.638  7.728   1.00 13.71 ? 69  PRO A CG  1 
ATOM   565  C CD  . PRO A 1 71  ? -2.826  -5.975  6.387   1.00 12.02 ? 69  PRO A CD  1 
ATOM   566  N N   . VAL A 1 72  ? -6.576  -4.596  8.866   1.00 14.38 ? 70  VAL A N   1 
ATOM   567  C CA  . VAL A 1 72  ? -7.124  -3.388  9.524   1.00 14.95 ? 70  VAL A CA  1 
ATOM   568  C C   . VAL A 1 72  ? -6.015  -2.708  10.335  1.00 14.00 ? 70  VAL A C   1 
ATOM   569  O O   . VAL A 1 72  ? -5.238  -3.383  11.039  1.00 13.99 ? 70  VAL A O   1 
ATOM   570  C CB  . VAL A 1 72  ? -8.343  -3.759  10.382  1.00 16.59 ? 70  VAL A CB  1 
ATOM   571  C CG1 . VAL A 1 72  ? -8.855  -2.560  11.162  1.00 17.41 ? 70  VAL A CG1 1 
ATOM   572  C CG2 . VAL A 1 72  ? -9.425  -4.365  9.508   1.00 16.41 ? 70  VAL A CG2 1 
ATOM   573  N N   . GLY A 1 73  ? -5.881  -1.401  10.165  1.00 13.54 ? 71  GLY A N   1 
ATOM   574  C CA  . GLY A 1 73  ? -4.989  -0.555  10.971  1.00 13.55 ? 71  GLY A CA  1 
ATOM   575  C C   . GLY A 1 73  ? -3.514  -0.673  10.630  1.00 11.93 ? 71  GLY A C   1 
ATOM   576  O O   . GLY A 1 73  ? -2.684  -0.116  11.324  1.00 12.85 ? 71  GLY A O   1 
ATOM   577  N N   . VAL A 1 74  ? -3.168  -1.329  9.528   1.00 11.06 ? 72  VAL A N   1 
ATOM   578  C CA  . VAL A 1 74  ? -1.734  -1.662  9.310   1.00 10.55 ? 72  VAL A CA  1 
ATOM   579  C C   . VAL A 1 74  ? -0.846  -0.420  9.165   1.00 9.81  ? 72  VAL A C   1 
ATOM   580  O O   . VAL A 1 74  ? 0.338   -0.533  9.456   1.00 9.83  ? 72  VAL A O   1 
ATOM   581  C CB  . VAL A 1 74  ? -1.611  -2.592  8.093   1.00 10.72 ? 72  VAL A CB  1 
ATOM   582  C CG1 . VAL A 1 74  ? -1.900  -1.881  6.783   1.00 11.61 ? 72  VAL A CG1 1 
ATOM   583  C CG2 . VAL A 1 74  ? -0.268  -3.295  8.098   1.00 11.05 ? 72  VAL A CG2 1 
ATOM   584  N N   . PHE A 1 75  ? -1.366  0.729   8.717   1.00 10.28 ? 73  PHE A N   1 
ATOM   585  C CA  . PHE A 1 75  ? -0.545  1.959   8.566   1.00 10.49 ? 73  PHE A CA  1 
ATOM   586  C C   . PHE A 1 75  ? -0.788  2.946   9.723   1.00 11.26 ? 73  PHE A C   1 
ATOM   587  O O   . PHE A 1 75  ? -0.210  4.026   9.661   1.00 11.02 ? 73  PHE A O   1 
ATOM   588  C CB  . PHE A 1 75  ? -0.814  2.631   7.212   1.00 10.38 ? 73  PHE A CB  1 
ATOM   589  C CG  . PHE A 1 75  ? -0.675  1.719   6.012   1.00 10.55 ? 73  PHE A CG  1 
ATOM   590  C CD1 . PHE A 1 75  ? 0.508   1.056   5.765   1.00 10.23 ? 73  PHE A CD1 1 
ATOM   591  C CD2 . PHE A 1 75  ? -1.730  1.527   5.142   1.00 10.35 ? 73  PHE A CD2 1 
ATOM   592  C CE1 . PHE A 1 75  ? 0.633   0.218   4.668   1.00 9.41  ? 73  PHE A CE1 1 
ATOM   593  C CE2 . PHE A 1 75  ? -1.589  0.713   4.027   1.00 10.96 ? 73  PHE A CE2 1 
ATOM   594  C CZ  . PHE A 1 75  ? -0.416  0.046   3.821   1.00 10.24 ? 73  PHE A CZ  1 
ATOM   595  N N   . ASP A 1 76  ? -1.608  2.595   10.720  1.00 11.80 ? 74  ASP A N   1 
ATOM   596  C CA  . ASP A 1 76  ? -2.122  3.589   11.703  1.00 12.06 ? 74  ASP A CA  1 
ATOM   597  C C   . ASP A 1 76  ? -0.990  4.241   12.510  1.00 13.34 ? 74  ASP A C   1 
ATOM   598  O O   . ASP A 1 76  ? -1.179  5.407   12.929  1.00 14.36 ? 74  ASP A O   1 
ATOM   599  C CB  . ASP A 1 76  ? -3.135  2.946   12.641  1.00 14.58 ? 74  ASP A CB  1 
ATOM   600  C CG  . ASP A 1 76  ? -4.527  2.800   12.056  1.00 15.89 ? 74  ASP A CG  1 
ATOM   601  O OD1 . ASP A 1 76  ? -4.775  3.291   10.925  1.00 16.92 ? 74  ASP A OD1 1 
ATOM   602  O OD2 . ASP A 1 76  ? -5.376  2.190   12.742  1.00 18.00 ? 74  ASP A OD2 1 
ATOM   603  N N   . LYS A 1 77  ? 0.162   3.621   12.710  1.00 12.68 ? 75  LYS A N   1 
ATOM   604  C CA  A LYS A 1 77  ? 1.244   4.196   13.555  0.50 13.72 ? 75  LYS A CA  1 
ATOM   605  C CA  B LYS A 1 77  ? 1.219   4.222   13.563  0.50 12.99 ? 75  LYS A CA  1 
ATOM   606  C C   . LYS A 1 77  ? 2.210   5.034   12.707  1.00 13.63 ? 75  LYS A C   1 
ATOM   607  O O   . LYS A 1 77  ? 3.127   5.657   13.279  1.00 15.21 ? 75  LYS A O   1 
ATOM   608  C CB  A LYS A 1 77  ? 2.051   3.103   14.264  0.50 14.57 ? 75  LYS A CB  1 
ATOM   609  C CB  B LYS A 1 77  ? 1.857   3.106   14.398  0.50 12.96 ? 75  LYS A CB  1 
ATOM   610  C CG  A LYS A 1 77  ? 1.294   2.323   15.329  0.50 16.22 ? 75  LYS A CG  1 
ATOM   611  C CG  B LYS A 1 77  ? 0.864   2.231   15.169  0.50 13.24 ? 75  LYS A CG  1 
ATOM   612  C CD  A LYS A 1 77  ? 0.780   3.148   16.489  0.50 17.67 ? 75  LYS A CD  1 
ATOM   613  C CD  B LYS A 1 77  ? -0.145  2.967   16.036  0.50 13.46 ? 75  LYS A CD  1 
ATOM   614  C CE  A LYS A 1 77  ? -0.076  2.309   17.415  0.50 19.10 ? 75  LYS A CE  1 
ATOM   615  C CE  B LYS A 1 77  ? -0.963  2.066   16.938  0.50 14.01 ? 75  LYS A CE  1 
ATOM   616  N NZ  A LYS A 1 77  ? -1.185  3.076   18.037  0.50 20.18 ? 75  LYS A NZ  1 
ATOM   617  N NZ  B LYS A 1 77  ? -1.907  1.221   16.169  0.50 14.51 ? 75  LYS A NZ  1 
ATOM   618  N N   . LEU A 1 78  ? 2.042   5.063   11.374  1.00 13.17 ? 76  LEU A N   1 
ATOM   619  C CA  . LEU A 1 78  ? 3.081   5.637   10.492  1.00 13.31 ? 76  LEU A CA  1 
ATOM   620  C C   . LEU A 1 78  ? 2.783   7.109   10.204  1.00 14.93 ? 76  LEU A C   1 
ATOM   621  O O   . LEU A 1 78  ? 2.698   7.503   9.013   1.00 14.24 ? 76  LEU A O   1 
ATOM   622  C CB  . LEU A 1 78  ? 3.205   4.818   9.200   1.00 12.14 ? 76  LEU A CB  1 
ATOM   623  C CG  . LEU A 1 78  ? 3.368   3.312   9.413   1.00 11.47 ? 76  LEU A CG  1 
ATOM   624  C CD1 . LEU A 1 78  ? 3.451   2.557   8.075   1.00 11.87 ? 76  LEU A CD1 1 
ATOM   625  C CD2 . LEU A 1 78  ? 4.591   3.007   10.271  1.00 12.27 ? 76  LEU A CD2 1 
ATOM   626  N N   . THR A 1 79  ? 2.617   7.916   11.260  1.00 15.02 ? 77  THR A N   1 
ATOM   627  C CA  . THR A 1 79  ? 2.052   9.287   11.148  1.00 16.84 ? 77  THR A CA  1 
ATOM   628  C C   . THR A 1 79  ? 3.024   10.219  10.411  1.00 15.01 ? 77  THR A C   1 
ATOM   629  O O   . THR A 1 79  ? 2.564   11.267  9.952   1.00 14.98 ? 77  THR A O   1 
ATOM   630  C CB  . THR A 1 79  ? 1.672   9.845   12.522  1.00 16.74 ? 77  THR A CB  1 
ATOM   631  O OG1 . THR A 1 79  ? 2.872   9.826   13.283  1.00 18.74 ? 77  THR A OG1 1 
ATOM   632  C CG2 . THR A 1 79  ? 0.552   9.060   13.165  1.00 18.27 ? 77  THR A CG2 1 
ATOM   633  N N   . LYS A 1 80  ? 4.292   9.853   10.251  1.00 14.38 ? 78  LYS A N   1 
ATOM   634  C CA  . LYS A 1 80  ? 5.305   10.664  9.526   1.00 15.35 ? 78  LYS A CA  1 
ATOM   635  C C   . LYS A 1 80  ? 5.381   10.267  8.048   1.00 12.64 ? 78  LYS A C   1 
ATOM   636  O O   . LYS A 1 80  ? 6.177   10.844  7.309   1.00 13.35 ? 78  LYS A O   1 
ATOM   637  C CB  . LYS A 1 80  ? 6.680   10.538  10.181  1.00 18.17 ? 78  LYS A CB  1 
ATOM   638  C CG  . LYS A 1 80  ? 6.695   10.886  11.661  1.00 22.94 ? 78  LYS A CG  1 
ATOM   639  C CD  . LYS A 1 80  ? 8.106   10.935  12.216  1.00 26.97 ? 78  LYS A CD  1 
ATOM   640  C CE  . LYS A 1 80  ? 8.145   10.955  13.728  1.00 33.06 ? 78  LYS A CE  1 
ATOM   641  N NZ  . LYS A 1 80  ? 9.460   11.431  14.207  1.00 37.38 ? 78  LYS A NZ  1 
ATOM   642  N N   . LEU A 1 81  ? 4.591   9.299   7.602   1.00 11.33 ? 79  LEU A N   1 
ATOM   643  C CA  . LEU A 1 81  ? 4.766   8.757   6.238   1.00 11.48 ? 79  LEU A CA  1 
ATOM   644  C C   . LEU A 1 81  ? 4.435   9.841   5.208   1.00 10.06 ? 79  LEU A C   1 
ATOM   645  O O   . LEU A 1 81  ? 3.357   10.427  5.281   1.00 11.17 ? 79  LEU A O   1 
ATOM   646  C CB  . LEU A 1 81  ? 3.856   7.547   6.048   1.00 11.17 ? 79  LEU A CB  1 
ATOM   647  C CG  . LEU A 1 81  ? 4.376   6.516   5.053   1.00 10.92 ? 79  LEU A CG  1 
ATOM   648  C CD1 . LEU A 1 81  ? 5.581   5.769   5.573   1.00 10.27 ? 79  LEU A CD1 1 
ATOM   649  C CD2 . LEU A 1 81  ? 3.275   5.520   4.702   1.00 10.88 ? 79  LEU A CD2 1 
ATOM   650  N N   . THR A 1 82  ? 5.347   10.062  4.285   1.00 9.49  ? 80  THR A N   1 
ATOM   651  C CA  . THR A 1 82  ? 5.115   10.917  3.094   1.00 9.60  ? 80  THR A CA  1 
ATOM   652  C C   . THR A 1 82  ? 4.872   10.097  1.831   1.00 9.06  ? 80  THR A C   1 
ATOM   653  O O   . THR A 1 82  ? 4.179   10.597  0.941   1.00 9.46  ? 80  THR A O   1 
ATOM   654  C CB  . THR A 1 82  ? 6.274   11.888  2.867   1.00 10.33 ? 80  THR A CB  1 
ATOM   655  O OG1 . THR A 1 82  ? 7.493   11.188  2.622   1.00 11.65 ? 80  THR A OG1 1 
ATOM   656  C CG2 . THR A 1 82  ? 6.468   12.811  4.053   1.00 11.55 ? 80  THR A CG2 1 
ATOM   657  N N   . HIS A 1 83  ? 5.478   8.915   1.713   1.00 7.96  ? 81  HIS A N   1 
ATOM   658  C CA  . HIS A 1 83  ? 5.446   8.093   0.485   1.00 8.57  ? 81  HIS A CA  1 
ATOM   659  C C   . HIS A 1 83  ? 4.970   6.685   0.811   1.00 8.20  ? 81  HIS A C   1 
ATOM   660  O O   . HIS A 1 83  ? 5.527   6.047   1.729   1.00 7.74  ? 81  HIS A O   1 
ATOM   661  C CB  . HIS A 1 83  ? 6.829   8.005   -0.146  1.00 8.81  ? 81  HIS A CB  1 
ATOM   662  C CG  . HIS A 1 83  ? 7.376   9.268   -0.719  1.00 9.52  ? 81  HIS A CG  1 
ATOM   663  N ND1 . HIS A 1 83  ? 7.546   10.423  0.028   1.00 11.20 ? 81  HIS A ND1 1 
ATOM   664  C CD2 . HIS A 1 83  ? 7.750   9.565   -1.973  1.00 9.54  ? 81  HIS A CD2 1 
ATOM   665  C CE1 . HIS A 1 83  ? 8.069   11.357  -0.765  1.00 11.50 ? 81  HIS A CE1 1 
ATOM   666  N NE2 . HIS A 1 83  ? 8.209   10.846  -1.979  1.00 10.99 ? 81  HIS A NE2 1 
ATOM   667  N N   . LEU A 1 84  ? 4.005   6.199   0.044   1.00 7.18  ? 82  LEU A N   1 
ATOM   668  C CA  . LEU A 1 84  ? 3.486   4.828   0.212   1.00 7.11  ? 82  LEU A CA  1 
ATOM   669  C C   . LEU A 1 84  ? 3.227   4.248   -1.167  1.00 7.08  ? 82  LEU A C   1 
ATOM   670  O O   . LEU A 1 84  ? 2.427   4.832   -1.926  1.00 6.86  ? 82  LEU A O   1 
ATOM   671  C CB  . LEU A 1 84  ? 2.186   4.872   1.018   1.00 7.08  ? 82  LEU A CB  1 
ATOM   672  C CG  . LEU A 1 84  ? 1.472   3.521   1.189   1.00 7.56  ? 82  LEU A CG  1 
ATOM   673  C CD1 . LEU A 1 84  ? 2.357   2.519   1.921   1.00 7.97  ? 82  LEU A CD1 1 
ATOM   674  C CD2 . LEU A 1 84  ? 0.168   3.720   1.932   1.00 9.55  ? 82  LEU A CD2 1 
ATOM   675  N N   . SER A 1 85  ? 3.919   3.164   -1.522  1.00 7.31  ? 83  SER A N   1 
ATOM   676  C CA  A SER A 1 85  ? 3.635   2.442   -2.787  0.50 7.90  ? 83  SER A CA  1 
ATOM   677  C CA  B SER A 1 85  ? 3.598   2.454   -2.777  0.50 6.87  ? 83  SER A CA  1 
ATOM   678  C C   . SER A 1 85  ? 2.995   1.073   -2.526  1.00 7.03  ? 83  SER A C   1 
ATOM   679  O O   . SER A 1 85  ? 3.598   0.238   -1.841  1.00 7.38  ? 83  SER A O   1 
ATOM   680  C CB  A SER A 1 85  ? 4.871   2.337   -3.644  0.50 9.31  ? 83  SER A CB  1 
ATOM   681  C CB  B SER A 1 85  ? 4.757   2.361   -3.702  0.50 6.95  ? 83  SER A CB  1 
ATOM   682  O OG  A SER A 1 85  ? 5.788   1.388   -3.117  0.50 13.15 ? 83  SER A OG  1 
ATOM   683  O OG  B SER A 1 85  ? 4.279   1.752   -4.878  0.50 6.68  ? 83  SER A OG  1 
ATOM   684  N N   . LEU A 1 86  ? 1.838   0.857   -3.137  1.00 6.99  ? 84  LEU A N   1 
ATOM   685  C CA  . LEU A 1 86  ? 1.102   -0.418  -3.089  1.00 7.29  ? 84  LEU A CA  1 
ATOM   686  C C   . LEU A 1 86  ? 0.830   -0.880  -4.521  1.00 7.40  ? 84  LEU A C   1 
ATOM   687  O O   . LEU A 1 86  ? 0.018   -1.747  -4.717  1.00 7.67  ? 84  LEU A O   1 
ATOM   688  C CB  . LEU A 1 86  ? -0.220  -0.229  -2.350  1.00 8.19  ? 84  LEU A CB  1 
ATOM   689  C CG  . LEU A 1 86  ? -0.081  0.171   -0.885  1.00 9.10  ? 84  LEU A CG  1 
ATOM   690  C CD1 . LEU A 1 86  ? -1.436  0.553   -0.328  1.00 10.47 ? 84  LEU A CD1 1 
ATOM   691  C CD2 . LEU A 1 86  ? 0.477   -0.978  -0.063  1.00 10.38 ? 84  LEU A CD2 1 
ATOM   692  N N   . GLY A 1 87  ? 1.519   -0.289  -5.493  1.00 7.28  ? 85  GLY A N   1 
ATOM   693  C CA  . GLY A 1 87  ? 1.294   -0.634  -6.908  1.00 7.59  ? 85  GLY A CA  1 
ATOM   694  C C   . GLY A 1 87  ? 1.648   -2.076  -7.208  1.00 7.54  ? 85  GLY A C   1 
ATOM   695  O O   . GLY A 1 87  ? 2.502   -2.664  -6.537  1.00 7.30  ? 85  GLY A O   1 
ATOM   696  N N   . TYR A 1 88  ? 1.029   -2.652  -8.231  1.00 7.72  ? 86  TYR A N   1 
ATOM   697  C CA  . TYR A 1 88  ? 1.448   -3.963  -8.784  1.00 8.12  ? 86  TYR A CA  1 
ATOM   698  C C   . TYR A 1 88  ? 1.325   -5.013  -7.683  1.00 8.36  ? 86  TYR A C   1 
ATOM   699  O O   . TYR A 1 88  ? 2.298   -5.665  -7.298  1.00 9.22  ? 86  TYR A O   1 
ATOM   700  C CB  . TYR A 1 88  ? 2.860   -3.851  -9.362  1.00 9.12  ? 86  TYR A CB  1 
ATOM   701  C CG  . TYR A 1 88  ? 2.971   -2.865  -10.486 1.00 9.26  ? 86  TYR A CG  1 
ATOM   702  C CD1 . TYR A 1 88  ? 2.550   -3.180  -11.763 1.00 9.27  ? 86  TYR A CD1 1 
ATOM   703  C CD2 . TYR A 1 88  ? 3.428   -1.586  -10.265 1.00 9.84  ? 86  TYR A CD2 1 
ATOM   704  C CE1 . TYR A 1 88  ? 2.641   -2.246  -12.789 1.00 9.20  ? 86  TYR A CE1 1 
ATOM   705  C CE2 . TYR A 1 88  ? 3.547   -0.650  -11.280 1.00 8.97  ? 86  TYR A CE2 1 
ATOM   706  C CZ  . TYR A 1 88  ? 3.103   -0.973  -12.544 1.00 10.11 ? 86  TYR A CZ  1 
ATOM   707  O OH  . TYR A 1 88  ? 3.191   -0.067  -13.566 1.00 11.84 ? 86  TYR A OH  1 
ATOM   708  N N   . ASN A 1 89  ? 0.121   -5.142  -7.169  1.00 7.44  ? 87  ASN A N   1 
ATOM   709  C CA  . ASN A 1 89  ? -0.254  -6.157  -6.153  1.00 7.53  ? 87  ASN A CA  1 
ATOM   710  C C   . ASN A 1 89  ? -1.594  -6.802  -6.532  1.00 7.58  ? 87  ASN A C   1 
ATOM   711  O O   . ASN A 1 89  ? -2.026  -6.655  -7.702  1.00 8.56  ? 87  ASN A O   1 
ATOM   712  C CB  . ASN A 1 89  ? -0.243  -5.535  -4.753  1.00 7.27  ? 87  ASN A CB  1 
ATOM   713  C CG  . ASN A 1 89  ? 1.157   -5.526  -4.173  1.00 7.34  ? 87  ASN A CG  1 
ATOM   714  O OD1 . ASN A 1 89  ? 1.695   -6.589  -3.898  1.00 7.71  ? 87  ASN A OD1 1 
ATOM   715  N ND2 . ASN A 1 89  ? 1.688   -4.352  -3.852  1.00 7.78  ? 87  ASN A ND2 1 
ATOM   716  N N   . GLN A 1 90  ? -2.169  -7.569  -5.625  1.00 8.22  ? 88  GLN A N   1 
ATOM   717  C CA  . GLN A 1 90  ? -3.457  -8.260  -5.875  1.00 9.08  ? 88  GLN A CA  1 
ATOM   718  C C   . GLN A 1 90  ? -4.556  -7.704  -4.959  1.00 9.64  ? 88  GLN A C   1 
ATOM   719  O O   . GLN A 1 90  ? -5.486  -8.449  -4.571  1.00 10.53 ? 88  GLN A O   1 
ATOM   720  C CB  . GLN A 1 90  ? -3.285  -9.773  -5.688  1.00 10.24 ? 88  GLN A CB  1 
ATOM   721  C CG  . GLN A 1 90  ? -2.344  -10.394 -6.716  1.00 10.68 ? 88  GLN A CG  1 
ATOM   722  C CD  . GLN A 1 90  ? -2.866  -10.229 -8.123  1.00 14.67 ? 88  GLN A CD  1 
ATOM   723  O OE1 . GLN A 1 90  ? -4.041  -10.438 -8.396  1.00 17.95 ? 88  GLN A OE1 1 
ATOM   724  N NE2 . GLN A 1 90  ? -2.020  -9.807  -9.038  1.00 16.52 ? 88  GLN A NE2 1 
ATOM   725  N N   . LEU A 1 91  ? -4.508  -6.409  -4.640  1.00 9.09  ? 89  LEU A N   1 
ATOM   726  C CA  . LEU A 1 91  ? -5.524  -5.800  -3.734  1.00 9.13  ? 89  LEU A CA  1 
ATOM   727  C C   . LEU A 1 91  ? -6.863  -5.637  -4.446  1.00 9.02  ? 89  LEU A C   1 
ATOM   728  O O   . LEU A 1 91  ? -6.903  -5.165  -5.605  1.00 9.79  ? 89  LEU A O   1 
ATOM   729  C CB  . LEU A 1 91  ? -5.039  -4.447  -3.214  1.00 8.71  ? 89  LEU A CB  1 
ATOM   730  C CG  . LEU A 1 91  ? -3.757  -4.504  -2.381  1.00 8.77  ? 89  LEU A CG  1 
ATOM   731  C CD1 . LEU A 1 91  ? -3.242  -3.101  -2.078  1.00 9.54  ? 89  LEU A CD1 1 
ATOM   732  C CD2 . LEU A 1 91  ? -3.984  -5.289  -1.089  1.00 10.19 ? 89  LEU A CD2 1 
ATOM   733  N N   . LYS A 1 92  ? -7.931  -5.987  -3.722  1.00 10.13 ? 90  LYS A N   1 
ATOM   734  C CA  . LYS A 1 92  ? -9.310  -5.805  -4.254  1.00 10.89 ? 90  LYS A CA  1 
ATOM   735  C C   . LYS A 1 92  ? -9.969  -4.575  -3.629  1.00 10.75 ? 90  LYS A C   1 
ATOM   736  O O   . LYS A 1 92  ? -10.892 -3.994  -4.227  1.00 10.92 ? 90  LYS A O   1 
ATOM   737  C CB  . LYS A 1 92  ? -10.140 -7.049  -3.938  1.00 14.25 ? 90  LYS A CB  1 
ATOM   738  C CG  . LYS A 1 92  ? -9.713  -8.295  -4.699  1.00 18.20 ? 90  LYS A CG  1 
ATOM   739  C CD  . LYS A 1 92  ? -10.677 -9.423  -4.422  1.00 24.72 ? 90  LYS A CD  1 
ATOM   740  C CE  . LYS A 1 92  ? -10.429 -10.649 -5.271  1.00 30.78 ? 90  LYS A CE  1 
ATOM   741  N NZ  . LYS A 1 92  ? -11.593 -11.570 -5.207  1.00 35.03 ? 90  LYS A NZ  1 
ATOM   742  N N   . SER A 1 93  ? -9.520  -4.166  -2.449  1.00 11.87 ? 91  SER A N   1 
ATOM   743  C CA  . SER A 1 93  ? -10.036 -2.982  -1.729  1.00 11.07 ? 91  SER A CA  1 
ATOM   744  C C   . SER A 1 93  ? -8.981  -2.618  -0.691  1.00 11.03 ? 91  SER A C   1 
ATOM   745  O O   . SER A 1 93  ? -8.003  -3.371  -0.548  1.00 10.99 ? 91  SER A O   1 
ATOM   746  C CB  . SER A 1 93  ? -11.380 -3.239  -1.062  1.00 13.14 ? 91  SER A CB  1 
ATOM   747  O OG  . SER A 1 93  ? -11.264 -4.192  -0.020  1.00 14.21 ? 91  SER A OG  1 
ATOM   748  N N   . VAL A 1 94  ? -9.191  -1.521  0.022   1.00 12.72 ? 92  VAL A N   1 
ATOM   749  C CA  . VAL A 1 94  ? -8.438  -1.304  1.280   1.00 14.35 ? 92  VAL A CA  1 
ATOM   750  C C   . VAL A 1 94  ? -9.449  -1.083  2.399   1.00 15.37 ? 92  VAL A C   1 
ATOM   751  O O   . VAL A 1 94  ? -10.562 -0.607  2.204   1.00 16.42 ? 92  VAL A O   1 
ATOM   752  C CB  . VAL A 1 94  ? -7.423  -0.164  1.162   1.00 15.71 ? 92  VAL A CB  1 
ATOM   753  C CG1 . VAL A 1 94  ? -6.470  -0.312  -0.020  1.00 16.20 ? 92  VAL A CG1 1 
ATOM   754  C CG2 . VAL A 1 94  ? -8.132  1.157   1.066   1.00 14.30 ? 92  VAL A CG2 1 
ATOM   755  N N   . PRO A 1 95  ? -9.088  -1.500  3.620   1.00 13.71 ? 93  PRO A N   1 
ATOM   756  C CA  . PRO A 1 95  ? -10.012 -1.373  4.747   1.00 14.87 ? 93  PRO A CA  1 
ATOM   757  C C   . PRO A 1 95  ? -10.421 0.088   4.933   1.00 14.29 ? 93  PRO A C   1 
ATOM   758  O O   . PRO A 1 95  ? -9.670  1.012   4.702   1.00 13.78 ? 93  PRO A O   1 
ATOM   759  C CB  . PRO A 1 95  ? -9.194  -1.931  5.925   1.00 15.89 ? 93  PRO A CB  1 
ATOM   760  C CG  . PRO A 1 95  ? -8.247  -2.905  5.259   1.00 15.44 ? 93  PRO A CG  1 
ATOM   761  C CD  . PRO A 1 95  ? -7.844  -2.201  3.975   1.00 14.37 ? 93  PRO A CD  1 
ATOM   762  N N   . ARG A 1 96  ? -11.681 0.285   5.325   1.00 16.29 ? 94  ARG A N   1 
ATOM   763  C CA  A ARG A 1 96  ? -12.205 1.627   5.675   0.50 17.00 ? 94  ARG A CA  1 
ATOM   764  C CA  B ARG A 1 96  ? -12.200 1.627   5.655   0.50 16.55 ? 94  ARG A CA  1 
ATOM   765  C C   . ARG A 1 96  ? -11.206 2.350   6.570   1.00 16.36 ? 94  ARG A C   1 
ATOM   766  O O   . ARG A 1 96  ? -10.833 1.772   7.621   1.00 16.84 ? 94  ARG A O   1 
ATOM   767  C CB  A ARG A 1 96  ? -13.493 1.553   6.500   0.50 18.91 ? 94  ARG A CB  1 
ATOM   768  C CB  B ARG A 1 96  ? -13.582 1.473   6.301   0.50 17.81 ? 94  ARG A CB  1 
ATOM   769  C CG  A ARG A 1 96  ? -14.732 1.190   5.702   0.50 18.55 ? 94  ARG A CG  1 
ATOM   770  C CG  B ARG A 1 96  ? -14.659 2.283   5.604   0.50 17.12 ? 94  ARG A CG  1 
ATOM   771  C CD  A ARG A 1 96  ? -15.852 0.911   6.682   0.50 19.90 ? 94  ARG A CD  1 
ATOM   772  C CD  B ARG A 1 96  ? -15.383 3.077   6.659   0.50 16.64 ? 94  ARG A CD  1 
ATOM   773  N NE  A ARG A 1 96  ? -17.024 0.372   6.014   0.50 22.38 ? 94  ARG A NE  1 
ATOM   774  N NE  B ARG A 1 96  ? -14.516 3.455   7.769   0.50 15.50 ? 94  ARG A NE  1 
ATOM   775  C CZ  A ARG A 1 96  ? -17.038 -0.787  5.381   0.50 24.22 ? 94  ARG A CZ  1 
ATOM   776  C CZ  B ARG A 1 96  ? -13.759 4.551   7.800   0.50 15.10 ? 94  ARG A CZ  1 
ATOM   777  N NH1 A ARG A 1 96  ? -18.148 -1.208  4.805   0.50 28.13 ? 94  ARG A NH1 1 
ATOM   778  N NH1 B ARG A 1 96  ? -13.764 5.377   6.766   0.50 13.52 ? 94  ARG A NH1 1 
ATOM   779  N NH2 A ARG A 1 96  ? -15.942 -1.523  5.335   0.50 25.71 ? 94  ARG A NH2 1 
ATOM   780  N NH2 B ARG A 1 96  ? -13.009 4.809   8.860   0.50 15.10 ? 94  ARG A NH2 1 
ATOM   781  N N   . GLY A 1 97  ? -10.830 3.572   6.200   1.00 14.01 ? 95  GLY A N   1 
ATOM   782  C CA  . GLY A 1 97  ? -9.971  4.440   7.011   1.00 14.51 ? 95  GLY A CA  1 
ATOM   783  C C   . GLY A 1 97  ? -8.495  4.062   6.966   1.00 12.01 ? 95  GLY A C   1 
ATOM   784  O O   . GLY A 1 97  ? -7.738  4.689   7.724   1.00 13.90 ? 95  GLY A O   1 
ATOM   785  N N   . ALA A 1 98  ? -8.103  3.167   6.046   1.00 12.26 ? 96  ALA A N   1 
ATOM   786  C CA  . ALA A 1 98  ? -6.703  2.667   6.011   1.00 11.38 ? 96  ALA A CA  1 
ATOM   787  C C   . ALA A 1 98  ? -5.686  3.805   6.002   1.00 11.28 ? 96  ALA A C   1 
ATOM   788  O O   . ALA A 1 98  ? -4.615  3.635   6.590   1.00 11.18 ? 96  ALA A O   1 
ATOM   789  C CB  . ALA A 1 98  ? -6.474  1.768   4.827   1.00 10.83 ? 96  ALA A CB  1 
ATOM   790  N N   . PHE A 1 99  ? -5.985  4.957   5.367   1.00 10.37 ? 97  PHE A N   1 
ATOM   791  C CA  . PHE A 1 99  ? -5.001  6.044   5.157   1.00 11.66 ? 97  PHE A CA  1 
ATOM   792  C C   . PHE A 1 99  ? -5.236  7.223   6.109   1.00 12.87 ? 97  PHE A C   1 
ATOM   793  O O   . PHE A 1 99  ? -4.540  8.238   6.024   1.00 14.36 ? 97  PHE A O   1 
ATOM   794  C CB  . PHE A 1 99  ? -5.018  6.489   3.694   1.00 11.32 ? 97  PHE A CB  1 
ATOM   795  C CG  . PHE A 1 99  ? -4.855  5.360   2.702   1.00 10.56 ? 97  PHE A CG  1 
ATOM   796  C CD1 . PHE A 1 99  ? -3.915  4.342   2.867   1.00 10.58 ? 97  PHE A CD1 1 
ATOM   797  C CD2 . PHE A 1 99  ? -5.636  5.376   1.559   1.00 9.85  ? 97  PHE A CD2 1 
ATOM   798  C CE1 . PHE A 1 99  ? -3.795  3.338   1.910   1.00 10.01 ? 97  PHE A CE1 1 
ATOM   799  C CE2 . PHE A 1 99  ? -5.504  4.370   0.611   1.00 10.84 ? 97  PHE A CE2 1 
ATOM   800  C CZ  . PHE A 1 99  ? -4.603  3.362   0.795   1.00 10.23 ? 97  PHE A CZ  1 
ATOM   801  N N   . ASP A 1 100 ? -6.182  7.070   7.022   1.00 14.92 ? 98  ASP A N   1 
ATOM   802  C CA  . ASP A 1 100 ? -6.688  8.283   7.721   1.00 17.93 ? 98  ASP A CA  1 
ATOM   803  C C   . ASP A 1 100 ? -5.649  8.887   8.666   1.00 18.10 ? 98  ASP A C   1 
ATOM   804  O O   . ASP A 1 100 ? -5.725  10.111  8.922   1.00 20.87 ? 98  ASP A O   1 
ATOM   805  C CB  . ASP A 1 100 ? -7.974  7.948   8.441   1.00 20.28 ? 98  ASP A CB  1 
ATOM   806  C CG  . ASP A 1 100 ? -9.091  7.813   7.428   1.00 18.86 ? 98  ASP A CG  1 
ATOM   807  O OD1 . ASP A 1 100 ? -8.863  8.088   6.204   1.00 20.30 ? 98  ASP A OD1 1 
ATOM   808  O OD2 . ASP A 1 100 ? -10.127 7.395   7.851   1.00 20.52 ? 98  ASP A OD2 1 
ATOM   809  N N   . ASN A 1 101 ? -4.712  8.105   9.197   1.00 15.05 ? 99  ASN A N   1 
ATOM   810  C CA  . ASN A 1 101 ? -3.681  8.662   10.099  1.00 14.89 ? 99  ASN A CA  1 
ATOM   811  C C   . ASN A 1 101 ? -2.483  9.141   9.293   1.00 14.42 ? 99  ASN A C   1 
ATOM   812  O O   . ASN A 1 101 ? -1.558  9.674   9.884   1.00 16.01 ? 99  ASN A O   1 
ATOM   813  C CB  . ASN A 1 101 ? -3.229  7.628   11.119  1.00 14.66 ? 99  ASN A CB  1 
ATOM   814  C CG  . ASN A 1 101 ? -4.255  7.375   12.193  1.00 17.49 ? 99  ASN A CG  1 
ATOM   815  O OD1 . ASN A 1 101 ? -5.321  7.989   12.221  1.00 21.46 ? 99  ASN A OD1 1 
ATOM   816  N ND2 . ASN A 1 101 ? -3.914  6.475   13.096  1.00 17.54 ? 99  ASN A ND2 1 
ATOM   817  N N   . LEU A 1 102 ? -2.496  8.978   7.965   1.00 14.09 ? 100 LEU A N   1 
ATOM   818  C CA  . LEU A 1 102 ? -1.320  9.341   7.147   1.00 13.84 ? 100 LEU A CA  1 
ATOM   819  C C   . LEU A 1 102 ? -1.408  10.823  6.760   1.00 15.16 ? 100 LEU A C   1 
ATOM   820  O O   . LEU A 1 102 ? -1.457  11.173  5.547   1.00 14.54 ? 100 LEU A O   1 
ATOM   821  C CB  . LEU A 1 102 ? -1.258  8.394   5.946   1.00 13.66 ? 100 LEU A CB  1 
ATOM   822  C CG  . LEU A 1 102 ? -1.138  6.914   6.317   1.00 12.53 ? 100 LEU A CG  1 
ATOM   823  C CD1 . LEU A 1 102 ? -0.995  6.037   5.072   1.00 12.82 ? 100 LEU A CD1 1 
ATOM   824  C CD2 . LEU A 1 102 ? 0.007   6.652   7.272   1.00 13.39 ? 100 LEU A CD2 1 
ATOM   825  N N   . LYS A 1 103 ? -1.404  11.676  7.786   1.00 18.18 ? 101 LYS A N   1 
ATOM   826  C CA  . LYS A 1 103 ? -1.668  13.130  7.616   1.00 21.98 ? 101 LYS A CA  1 
ATOM   827  C C   . LYS A 1 103 ? -0.564  13.801  6.801   1.00 20.54 ? 101 LYS A C   1 
ATOM   828  O O   . LYS A 1 103 ? -0.854  14.883  6.277   1.00 22.67 ? 101 LYS A O   1 
ATOM   829  C CB  . LYS A 1 103 ? -1.783  13.839  8.970   1.00 27.02 ? 101 LYS A CB  1 
ATOM   830  C CG  . LYS A 1 103 ? -2.951  13.401  9.836   1.00 32.44 ? 101 LYS A CG  1 
ATOM   831  C CD  . LYS A 1 103 ? -4.279  13.431  9.118   1.00 33.55 ? 101 LYS A CD  1 
ATOM   832  C CE  . LYS A 1 103 ? -5.454  13.387  10.074  1.00 36.98 ? 101 LYS A CE  1 
ATOM   833  N NZ  . LYS A 1 103 ? -6.669  12.878  9.395   1.00 37.74 ? 101 LYS A NZ  1 
ATOM   834  N N   . SER A 1 104 ? 0.627   13.200  6.681   1.00 17.42 ? 102 SER A N   1 
ATOM   835  C CA  . SER A 1 104 ? 1.804   13.816  6.010   1.00 15.25 ? 102 SER A CA  1 
ATOM   836  C C   . SER A 1 104 ? 1.974   13.282  4.583   1.00 12.45 ? 102 SER A C   1 
ATOM   837  O O   . SER A 1 104 ? 2.908   13.682  3.909   1.00 12.83 ? 102 SER A O   1 
ATOM   838  C CB  . SER A 1 104 ? 3.041   13.591  6.790   1.00 17.13 ? 102 SER A CB  1 
ATOM   839  O OG  . SER A 1 104 ? 2.964   14.352  7.990   1.00 21.81 ? 102 SER A OG  1 
ATOM   840  N N   . LEU A 1 105 ? 1.060   12.432  4.119   1.00 12.70 ? 103 LEU A N   1 
ATOM   841  C CA  . LEU A 1 105 ? 1.293   11.750  2.826   1.00 13.00 ? 103 LEU A CA  1 
ATOM   842  C C   . LEU A 1 105 ? 1.351   12.767  1.680   1.00 12.36 ? 103 LEU A C   1 
ATOM   843  O O   . LEU A 1 105 ? 0.418   13.601  1.564   1.00 13.83 ? 103 LEU A O   1 
ATOM   844  C CB  . LEU A 1 105 ? 0.153   10.754  2.627   1.00 13.37 ? 103 LEU A CB  1 
ATOM   845  C CG  . LEU A 1 105 ? 0.477   9.534   1.778   1.00 14.24 ? 103 LEU A CG  1 
ATOM   846  C CD1 . LEU A 1 105 ? 1.549   8.643   2.394   1.00 12.91 ? 103 LEU A CD1 1 
ATOM   847  C CD2 . LEU A 1 105 ? -0.800  8.754   1.542   1.00 15.19 ? 103 LEU A CD2 1 
ATOM   848  N N   . THR A 1 106 ? 2.389   12.707  0.851   1.00 11.20 ? 104 THR A N   1 
ATOM   849  C CA  . THR A 1 106 ? 2.533   13.562  -0.355  1.00 12.53 ? 104 THR A CA  1 
ATOM   850  C C   . THR A 1 106 ? 2.501   12.742  -1.652  1.00 11.11 ? 104 THR A C   1 
ATOM   851  O O   . THR A 1 106 ? 2.285   13.322  -2.723  1.00 11.32 ? 104 THR A O   1 
ATOM   852  C CB  . THR A 1 106 ? 3.827   14.384  -0.288  1.00 12.85 ? 104 THR A CB  1 
ATOM   853  O OG1 . THR A 1 106 ? 4.928   13.486  -0.317  1.00 12.32 ? 104 THR A OG1 1 
ATOM   854  C CG2 . THR A 1 106 ? 3.897   15.258  0.943   1.00 13.82 ? 104 THR A CG2 1 
ATOM   855  N N   . HIS A 1 107 ? 2.738   11.420  -1.576  1.00 9.64  ? 105 HIS A N   1 
ATOM   856  C CA  . HIS A 1 107 ? 2.849   10.508  -2.738  1.00 8.56  ? 105 HIS A CA  1 
ATOM   857  C C   . HIS A 1 107 ? 2.238   9.163   -2.343  1.00 8.64  ? 105 HIS A C   1 
ATOM   858  O O   . HIS A 1 107 ? 2.758   8.536   -1.392  1.00 9.83  ? 105 HIS A O   1 
ATOM   859  C CB  . HIS A 1 107 ? 4.321   10.334  -3.113  1.00 9.25  ? 105 HIS A CB  1 
ATOM   860  C CG  . HIS A 1 107 ? 4.967   11.547  -3.681  1.00 11.00 ? 105 HIS A CG  1 
ATOM   861  N ND1 . HIS A 1 107 ? 5.355   12.626  -2.895  1.00 12.23 ? 105 HIS A ND1 1 
ATOM   862  C CD2 . HIS A 1 107 ? 5.327   11.819  -4.952  1.00 12.89 ? 105 HIS A CD2 1 
ATOM   863  C CE1 . HIS A 1 107 ? 5.887   13.538  -3.697  1.00 13.96 ? 105 HIS A CE1 1 
ATOM   864  N NE2 . HIS A 1 107 ? 5.897   13.068  -4.955  1.00 14.11 ? 105 HIS A NE2 1 
ATOM   865  N N   . ILE A 1 108 ? 1.246   8.691   -3.088  1.00 6.74  ? 106 ILE A N   1 
ATOM   866  C CA  . ILE A 1 108 ? 0.767   7.289   -2.947  1.00 7.58  ? 106 ILE A CA  1 
ATOM   867  C C   . ILE A 1 108 ? 0.711   6.674   -4.342  1.00 7.00  ? 106 ILE A C   1 
ATOM   868  O O   . ILE A 1 108 ? 0.342   7.373   -5.291  1.00 7.66  ? 106 ILE A O   1 
ATOM   869  C CB  . ILE A 1 108 ? -0.587  7.201   -2.216  1.00 7.55  ? 106 ILE A CB  1 
ATOM   870  C CG1 . ILE A 1 108 ? -0.867  5.764   -1.778  1.00 7.15  ? 106 ILE A CG1 1 
ATOM   871  C CG2 . ILE A 1 108 ? -1.712  7.793   -3.050  1.00 8.26  ? 106 ILE A CG2 1 
ATOM   872  C CD1 . ILE A 1 108 ? -2.074  5.631   -0.833  1.00 7.62  ? 106 ILE A CD1 1 
ATOM   873  N N   . TRP A 1 109 ? 1.023   5.388   -4.463  1.00 6.70  ? 107 TRP A N   1 
ATOM   874  C CA  . TRP A 1 109 ? 0.877   4.613   -5.714  1.00 6.47  ? 107 TRP A CA  1 
ATOM   875  C C   . TRP A 1 109 ? -0.088  3.462   -5.460  1.00 6.75  ? 107 TRP A C   1 
ATOM   876  O O   . TRP A 1 109 ? 0.107   2.667   -4.524  1.00 6.81  ? 107 TRP A O   1 
ATOM   877  C CB  . TRP A 1 109 ? 2.235   4.156   -6.241  1.00 7.14  ? 107 TRP A CB  1 
ATOM   878  C CG  . TRP A 1 109 ? 3.070   5.289   -6.749  1.00 7.46  ? 107 TRP A CG  1 
ATOM   879  C CD1 . TRP A 1 109 ? 3.100   5.743   -8.043  1.00 7.97  ? 107 TRP A CD1 1 
ATOM   880  C CD2 . TRP A 1 109 ? 3.999   6.109   -6.008  1.00 7.68  ? 107 TRP A CD2 1 
ATOM   881  N NE1 . TRP A 1 109 ? 3.967   6.805   -8.136  1.00 9.00  ? 107 TRP A NE1 1 
ATOM   882  C CE2 . TRP A 1 109 ? 4.525   7.063   -6.916  1.00 8.46  ? 107 TRP A CE2 1 
ATOM   883  C CE3 . TRP A 1 109 ? 4.403   6.144   -4.670  1.00 7.92  ? 107 TRP A CE3 1 
ATOM   884  C CZ2 . TRP A 1 109 ? 5.478   8.013   -6.539  1.00 9.50  ? 107 TRP A CZ2 1 
ATOM   885  C CZ3 . TRP A 1 109 ? 5.333   7.089   -4.298  1.00 9.95  ? 107 TRP A CZ3 1 
ATOM   886  C CH2 . TRP A 1 109 ? 5.857   7.997   -5.215  1.00 9.35  ? 107 TRP A CH2 1 
ATOM   887  N N   . LEU A 1 110 ? -1.102  3.394   -6.315  1.00 6.67  ? 108 LEU A N   1 
ATOM   888  C CA  . LEU A 1 110 ? -2.219  2.430   -6.189  1.00 6.97  ? 108 LEU A CA  1 
ATOM   889  C C   . LEU A 1 110 ? -2.486  1.717   -7.525  1.00 7.15  ? 108 LEU A C   1 
ATOM   890  O O   . LEU A 1 110 ? -3.386  0.846   -7.584  1.00 7.55  ? 108 LEU A O   1 
ATOM   891  C CB  . LEU A 1 110 ? -3.476  3.157   -5.700  1.00 7.54  ? 108 LEU A CB  1 
ATOM   892  C CG  . LEU A 1 110 ? -3.371  3.720   -4.289  1.00 8.11  ? 108 LEU A CG  1 
ATOM   893  C CD1 . LEU A 1 110 ? -4.505  4.721   -4.018  1.00 9.68  ? 108 LEU A CD1 1 
ATOM   894  C CD2 . LEU A 1 110 ? -3.430  2.580   -3.281  1.00 9.33  ? 108 LEU A CD2 1 
ATOM   895  N N   . LEU A 1 111 ? -1.751  2.096   -8.576  1.00 7.36  ? 109 LEU A N   1 
ATOM   896  C CA  . LEU A 1 111 ? -1.956  1.475   -9.913  1.00 7.29  ? 109 LEU A CA  1 
ATOM   897  C C   . LEU A 1 111 ? -1.709  -0.027  -9.902  1.00 7.72  ? 109 LEU A C   1 
ATOM   898  O O   . LEU A 1 111 ? -1.039  -0.600  -9.043  1.00 7.77  ? 109 LEU A O   1 
ATOM   899  C CB  . LEU A 1 111 ? -1.037  2.138   -10.937 1.00 7.89  ? 109 LEU A CB  1 
ATOM   900  C CG  . LEU A 1 111 ? 0.440   1.758   -10.887 1.00 8.42  ? 109 LEU A CG  1 
ATOM   901  C CD1 . LEU A 1 111 ? 1.130   2.253   -12.152 1.00 9.09  ? 109 LEU A CD1 1 
ATOM   902  C CD2 . LEU A 1 111 ? 1.134   2.308   -9.654  1.00 8.40  ? 109 LEU A CD2 1 
ATOM   903  N N   . ASN A 1 112 ? -2.338  -0.664  -10.885 1.00 8.52  ? 110 ASN A N   1 
ATOM   904  C CA  A ASN A 1 112 ? -2.094  -2.085  -11.213 0.50 7.83  ? 110 ASN A CA  1 
ATOM   905  C CA  B ASN A 1 112 ? -2.063  -2.085  -11.213 0.50 8.83  ? 110 ASN A CA  1 
ATOM   906  C C   . ASN A 1 112 ? -2.402  -2.974  -10.005 1.00 8.08  ? 110 ASN A C   1 
ATOM   907  O O   . ASN A 1 112 ? -1.585  -3.842  -9.620  1.00 8.47  ? 110 ASN A O   1 
ATOM   908  C CB  A ASN A 1 112 ? -0.714  -2.310  -11.827 0.50 8.13  ? 110 ASN A CB  1 
ATOM   909  C CB  B ASN A 1 112 ? -0.646  -2.252  -11.781 0.50 10.62 ? 110 ASN A CB  1 
ATOM   910  C CG  A ASN A 1 112 ? -0.814  -3.455  -12.801 0.50 7.99  ? 110 ASN A CG  1 
ATOM   911  C CG  B ASN A 1 112 ? -0.534  -1.864  -13.244 0.50 12.97 ? 110 ASN A CG  1 
ATOM   912  O OD1 A ASN A 1 112 ? -1.050  -3.254  -13.987 0.50 8.86  ? 110 ASN A OD1 1 
ATOM   913  O OD1 B ASN A 1 112 ? -0.468  -2.738  -14.107 0.50 14.78 ? 110 ASN A OD1 1 
ATOM   914  N ND2 A ASN A 1 112 ? -0.755  -4.667  -12.301 0.50 8.25  ? 110 ASN A ND2 1 
ATOM   915  N ND2 B ASN A 1 112 ? -0.491  -0.575  -13.534 0.50 13.35 ? 110 ASN A ND2 1 
ATOM   916  N N   . ASN A 1 113 ? -3.609  -2.809  -9.478  1.00 7.57  ? 111 ASN A N   1 
ATOM   917  C CA  . ASN A 1 113 ? -4.279  -3.776  -8.572  1.00 7.76  ? 111 ASN A CA  1 
ATOM   918  C C   . ASN A 1 113 ? -5.635  -4.106  -9.191  1.00 8.30  ? 111 ASN A C   1 
ATOM   919  O O   . ASN A 1 113 ? -6.279  -3.241  -9.828  1.00 8.80  ? 111 ASN A O   1 
ATOM   920  C CB  . ASN A 1 113 ? -4.450  -3.218  -7.154  1.00 7.44  ? 111 ASN A CB  1 
ATOM   921  C CG  . ASN A 1 113 ? -3.165  -3.206  -6.362  1.00 7.15  ? 111 ASN A CG  1 
ATOM   922  O OD1 . ASN A 1 113 ? -2.821  -4.206  -5.752  1.00 7.07  ? 111 ASN A OD1 1 
ATOM   923  N ND2 . ASN A 1 113 ? -2.434  -2.116  -6.436  1.00 7.70  ? 111 ASN A ND2 1 
ATOM   924  N N   . PRO A 1 114 ? -6.118  -5.334  -8.925  1.00 8.73  ? 112 PRO A N   1 
ATOM   925  C CA  . PRO A 1 114 ? -7.423  -5.780  -9.425  1.00 8.95  ? 112 PRO A CA  1 
ATOM   926  C C   . PRO A 1 114 ? -8.538  -5.239  -8.523  1.00 8.98  ? 112 PRO A C   1 
ATOM   927  O O   . PRO A 1 114 ? -9.280  -6.002  -7.907  1.00 10.21 ? 112 PRO A O   1 
ATOM   928  C CB  . PRO A 1 114 ? -7.242  -7.296  -9.417  1.00 9.87  ? 112 PRO A CB  1 
ATOM   929  C CG  . PRO A 1 114 ? -6.412  -7.531  -8.177  1.00 10.21 ? 112 PRO A CG  1 
ATOM   930  C CD  . PRO A 1 114 ? -5.385  -6.415  -8.231  1.00 9.44  ? 112 PRO A CD  1 
ATOM   931  N N   . TRP A 1 115 ? -8.668  -3.919  -8.463  1.00 9.46  ? 113 TRP A N   1 
ATOM   932  C CA  . TRP A 1 115 ? -9.699  -3.293  -7.588  1.00 9.19  ? 113 TRP A CA  1 
ATOM   933  C C   . TRP A 1 115 ? -11.079 -3.822  -7.978  1.00 10.33 ? 113 TRP A C   1 
ATOM   934  O O   . TRP A 1 115 ? -11.383 -3.857  -9.197  1.00 10.73 ? 113 TRP A O   1 
ATOM   935  C CB  . TRP A 1 115 ? -9.620  -1.778  -7.721  1.00 9.23  ? 113 TRP A CB  1 
ATOM   936  C CG  . TRP A 1 115 ? -8.276  -1.233  -7.356  1.00 8.42  ? 113 TRP A CG  1 
ATOM   937  C CD1 . TRP A 1 115 ? -7.405  -0.620  -8.209  1.00 8.38  ? 113 TRP A CD1 1 
ATOM   938  C CD2 . TRP A 1 115 ? -7.664  -1.199  -6.050  1.00 7.52  ? 113 TRP A CD2 1 
ATOM   939  N NE1 . TRP A 1 115 ? -6.285  -0.212  -7.530  1.00 7.50  ? 113 TRP A NE1 1 
ATOM   940  C CE2 . TRP A 1 115 ? -6.416  -0.558  -6.201  1.00 7.29  ? 113 TRP A CE2 1 
ATOM   941  C CE3 . TRP A 1 115 ? -8.039  -1.669  -4.783  1.00 7.80  ? 113 TRP A CE3 1 
ATOM   942  C CZ2 . TRP A 1 115 ? -5.566  -0.374  -5.125  1.00 7.12  ? 113 TRP A CZ2 1 
ATOM   943  C CZ3 . TRP A 1 115 ? -7.193  -1.498  -3.713  1.00 7.94  ? 113 TRP A CZ3 1 
ATOM   944  C CH2 . TRP A 1 115 ? -5.962  -0.857  -3.898  1.00 7.56  ? 113 TRP A CH2 1 
ATOM   945  N N   . ASP A 1 116 ? -11.834 -4.264  -6.982  1.00 10.90 ? 114 ASP A N   1 
ATOM   946  C CA  . ASP A 1 116 ? -13.149 -4.936  -7.181  1.00 11.93 ? 114 ASP A CA  1 
ATOM   947  C C   . ASP A 1 116 ? -14.251 -3.878  -7.112  1.00 12.37 ? 114 ASP A C   1 
ATOM   948  O O   . ASP A 1 116 ? -14.676 -3.509  -6.020  1.00 12.96 ? 114 ASP A O   1 
ATOM   949  C CB  . ASP A 1 116 ? -13.327 -6.079  -6.190  1.00 14.09 ? 114 ASP A CB  1 
ATOM   950  C CG  . ASP A 1 116 ? -14.666 -6.779  -6.345  1.00 18.78 ? 114 ASP A CG  1 
ATOM   951  O OD1 . ASP A 1 116 ? -15.421 -6.386  -7.261  1.00 20.48 ? 114 ASP A OD1 1 
ATOM   952  O OD2 . ASP A 1 116 ? -14.917 -7.684  -5.528  1.00 23.29 ? 114 ASP A OD2 1 
ATOM   953  N N   . CYS A 1 117 ? -14.659 -3.367  -8.271  1.00 14.32 ? 115 CYS A N   1 
ATOM   954  C CA  . CYS A 1 117 ? -15.566 -2.203  -8.312  1.00 13.27 ? 115 CYS A CA  1 
ATOM   955  C C   . CYS A 1 117 ? -17.032 -2.627  -8.142  1.00 14.84 ? 115 CYS A C   1 
ATOM   956  O O   . CYS A 1 117 ? -17.861 -1.719  -8.045  1.00 18.37 ? 115 CYS A O   1 
ATOM   957  C CB  . CYS A 1 117 ? -15.362 -1.411  -9.586  1.00 11.56 ? 115 CYS A CB  1 
ATOM   958  S SG  . CYS A 1 117 ? -13.754 -0.594  -9.537  1.00 12.09 ? 115 CYS A SG  1 
ATOM   959  N N   . GLU A 1 118 ? -17.308 -3.924  -8.116  1.00 15.76 ? 116 GLU A N   1 
ATOM   960  C CA  . GLU A 1 118 ? -18.691 -4.443  -7.919  1.00 19.37 ? 116 GLU A CA  1 
ATOM   961  C C   . GLU A 1 118 ? -18.996 -4.473  -6.420  1.00 19.91 ? 116 GLU A C   1 
ATOM   962  O O   . GLU A 1 118 ? -20.185 -4.401  -6.067  1.00 20.98 ? 116 GLU A O   1 
ATOM   963  C CB  . GLU A 1 118 ? -18.847 -5.799  -8.613  1.00 23.01 ? 116 GLU A CB  1 
ATOM   964  C CG  . GLU A 1 118 ? -18.675 -5.726  -10.124 1.00 28.90 ? 116 GLU A CG  1 
ATOM   965  C CD  . GLU A 1 118 ? -19.711 -4.897  -10.876 1.00 37.70 ? 116 GLU A CD  1 
ATOM   966  O OE1 . GLU A 1 118 ? -20.920 -5.148  -10.695 1.00 40.81 ? 116 GLU A OE1 1 
ATOM   967  O OE2 . GLU A 1 118 ? -19.310 -3.988  -11.635 1.00 44.29 ? 116 GLU A OE2 1 
ATOM   968  N N   . CYS A 1 119 ? -17.976 -4.546  -5.563  1.00 17.22 ? 117 CYS A N   1 
ATOM   969  C CA  . CYS A 1 119 ? -18.089 -4.739  -4.097  1.00 18.04 ? 117 CYS A CA  1 
ATOM   970  C C   . CYS A 1 119 ? -18.091 -3.382  -3.378  1.00 17.64 ? 117 CYS A C   1 
ATOM   971  O O   . CYS A 1 119 ? -17.256 -2.519  -3.707  1.00 16.23 ? 117 CYS A O   1 
ATOM   972  C CB  . CYS A 1 119 ? -16.949 -5.642  -3.627  1.00 19.27 ? 117 CYS A CB  1 
ATOM   973  S SG  . CYS A 1 119 ? -16.773 -5.738  -1.834  1.00 20.14 ? 117 CYS A SG  1 
ATOM   974  N N   . SER A 1 120 ? -18.996 -3.165  -2.421  1.00 17.74 ? 118 SER A N   1 
ATOM   975  C CA  . SER A 1 120 ? -19.117 -1.901  -1.652  1.00 17.63 ? 118 SER A CA  1 
ATOM   976  C C   . SER A 1 120 ? -17.842 -1.566  -0.858  1.00 16.16 ? 118 SER A C   1 
ATOM   977  O O   . SER A 1 120 ? -17.711 -0.405  -0.429  1.00 17.31 ? 118 SER A O   1 
ATOM   978  C CB  . SER A 1 120 ? -20.322 -1.962  -0.727  1.00 19.23 ? 118 SER A CB  1 
ATOM   979  O OG  . SER A 1 120 ? -20.246 -3.114  0.093   1.00 21.00 ? 118 SER A OG  1 
ATOM   980  N N   . ASP A 1 121 ? -16.967 -2.542  -0.587  1.00 15.83 ? 119 ASP A N   1 
ATOM   981  C CA  . ASP A 1 121 ? -15.677 -2.281  0.103   1.00 17.26 ? 119 ASP A CA  1 
ATOM   982  C C   . ASP A 1 121 ? -14.845 -1.258  -0.694  1.00 15.18 ? 119 ASP A C   1 
ATOM   983  O O   . ASP A 1 121 ? -13.966 -0.623  -0.076  1.00 14.80 ? 119 ASP A O   1 
ATOM   984  C CB  . ASP A 1 121 ? -14.864 -3.565  0.255   1.00 18.69 ? 119 ASP A CB  1 
ATOM   985  C CG  . ASP A 1 121 ? -15.452 -4.606  1.193   1.00 25.72 ? 119 ASP A CG  1 
ATOM   986  O OD1 . ASP A 1 121 ? -16.313 -4.246  2.024   1.00 26.84 ? 119 ASP A OD1 1 
ATOM   987  O OD2 . ASP A 1 121 ? -15.012 -5.769  1.089   1.00 29.09 ? 119 ASP A OD2 1 
ATOM   988  N N   . ILE A 1 122 ? -15.114 -1.084  -1.986  1.00 14.22 ? 120 ILE A N   1 
ATOM   989  C CA  . ILE A 1 122 ? -14.348 -0.152  -2.866  1.00 14.49 ? 120 ILE A CA  1 
ATOM   990  C C   . ILE A 1 122 ? -14.617 1.302   -2.458  1.00 14.90 ? 120 ILE A C   1 
ATOM   991  O O   . ILE A 1 122 ? -13.855 2.181   -2.853  1.00 13.86 ? 120 ILE A O   1 
ATOM   992  C CB  . ILE A 1 122 ? -14.628 -0.390  -4.365  1.00 15.81 ? 120 ILE A CB  1 
ATOM   993  C CG1 . ILE A 1 122 ? -13.498 0.122   -5.269  1.00 16.15 ? 120 ILE A CG1 1 
ATOM   994  C CG2 . ILE A 1 122 ? -15.960 0.212   -4.791  1.00 15.11 ? 120 ILE A CG2 1 
ATOM   995  C CD1 . ILE A 1 122 ? -12.176 -0.622  -5.149  1.00 17.80 ? 120 ILE A CD1 1 
ATOM   996  N N   . LEU A 1 123 ? -15.707 1.609   -1.753  1.00 14.11 ? 121 LEU A N   1 
ATOM   997  C CA  . LEU A 1 123 ? -16.176 3.015   -1.688  1.00 15.16 ? 121 LEU A CA  1 
ATOM   998  C C   . LEU A 1 123 ? -15.186 3.890   -0.904  1.00 13.56 ? 121 LEU A C   1 
ATOM   999  O O   . LEU A 1 123 ? -14.948 5.063   -1.307  1.00 12.41 ? 121 LEU A O   1 
ATOM   1000 C CB  . LEU A 1 123 ? -17.603 3.026   -1.125  1.00 17.57 ? 121 LEU A CB  1 
ATOM   1001 C CG  . LEU A 1 123 ? -18.630 2.309   -2.008  1.00 21.29 ? 121 LEU A CG  1 
ATOM   1002 C CD1 . LEU A 1 123 ? -20.002 2.275   -1.349  1.00 22.85 ? 121 LEU A CD1 1 
ATOM   1003 C CD2 . LEU A 1 123 ? -18.725 2.923   -3.398  1.00 23.41 ? 121 LEU A CD2 1 
ATOM   1004 N N   . TYR A 1 124 ? -14.562 3.406   0.165   1.00 12.04 ? 122 TYR A N   1 
ATOM   1005 C CA  . TYR A 1 124 ? -13.557 4.205   0.910   1.00 11.87 ? 122 TYR A CA  1 
ATOM   1006 C C   . TYR A 1 124 ? -12.430 4.611   -0.047  1.00 11.80 ? 122 TYR A C   1 
ATOM   1007 O O   . TYR A 1 124 ? -12.100 5.785   -0.172  1.00 10.53 ? 122 TYR A O   1 
ATOM   1008 C CB  . TYR A 1 124 ? -12.982 3.476   2.129   1.00 12.12 ? 122 TYR A CB  1 
ATOM   1009 C CG  . TYR A 1 124 ? -11.784 4.179   2.712   1.00 11.65 ? 122 TYR A CG  1 
ATOM   1010 C CD1 . TYR A 1 124 ? -11.893 5.348   3.454   1.00 10.71 ? 122 TYR A CD1 1 
ATOM   1011 C CD2 . TYR A 1 124 ? -10.485 3.740   2.462   1.00 11.06 ? 122 TYR A CD2 1 
ATOM   1012 C CE1 . TYR A 1 124 ? -10.794 6.033   3.949   1.00 11.29 ? 122 TYR A CE1 1 
ATOM   1013 C CE2 . TYR A 1 124 ? -9.378  4.403   2.951   1.00 11.76 ? 122 TYR A CE2 1 
ATOM   1014 C CZ  . TYR A 1 124 ? -9.506  5.555   3.707   1.00 10.49 ? 122 TYR A CZ  1 
ATOM   1015 O OH  . TYR A 1 124 ? -8.432  6.193   4.247   1.00 12.51 ? 122 TYR A OH  1 
ATOM   1016 N N   . LEU A 1 125 ? -11.887 3.642   -0.777  1.00 11.57 ? 123 LEU A N   1 
ATOM   1017 C CA  . LEU A 1 125 ? -10.807 3.958   -1.751  1.00 9.90  ? 123 LEU A CA  1 
ATOM   1018 C C   . LEU A 1 125 ? -11.297 4.975   -2.777  1.00 9.55  ? 123 LEU A C   1 
ATOM   1019 O O   . LEU A 1 125 ? -10.546 5.925   -3.084  1.00 9.22  ? 123 LEU A O   1 
ATOM   1020 C CB  . LEU A 1 125 ? -10.351 2.677   -2.448  1.00 10.83 ? 123 LEU A CB  1 
ATOM   1021 C CG  . LEU A 1 125 ? -9.184  2.926   -3.409  1.00 12.00 ? 123 LEU A CG  1 
ATOM   1022 C CD1 . LEU A 1 125 ? -7.941  3.342   -2.645  1.00 13.32 ? 123 LEU A CD1 1 
ATOM   1023 C CD2 . LEU A 1 125 ? -8.938  1.692   -4.248  1.00 13.54 ? 123 LEU A CD2 1 
ATOM   1024 N N   . LYS A 1 126 ? -12.478 4.774   -3.343  1.00 9.92  ? 124 LYS A N   1 
ATOM   1025 C CA  . LYS A 1 126 ? -13.008 5.702   -4.371  1.00 11.05 ? 124 LYS A CA  1 
ATOM   1026 C C   . LYS A 1 126 ? -13.111 7.118   -3.778  1.00 9.45  ? 124 LYS A C   1 
ATOM   1027 O O   . LYS A 1 126 ? -12.622 8.082   -4.385  1.00 9.89  ? 124 LYS A O   1 
ATOM   1028 C CB  . LYS A 1 126 ? -14.355 5.188   -4.893  1.00 13.54 ? 124 LYS A CB  1 
ATOM   1029 C CG  . LYS A 1 126 ? -14.999 6.045   -5.977  1.00 17.75 ? 124 LYS A CG  1 
ATOM   1030 C CD  . LYS A 1 126 ? -15.872 7.182   -5.475  1.00 23.29 ? 124 LYS A CD  1 
ATOM   1031 C CE  . LYS A 1 126 ? -17.284 6.761   -5.126  1.00 28.35 ? 124 LYS A CE  1 
ATOM   1032 N NZ  . LYS A 1 126 ? -18.035 7.845   -4.442  1.00 33.46 ? 124 LYS A NZ  1 
ATOM   1033 N N   . ASN A 1 127 ? -13.734 7.275   -2.611  1.00 9.82  ? 125 ASN A N   1 
ATOM   1034 C CA  . ASN A 1 127 ? -13.871 8.626   -2.032  1.00 9.95  ? 125 ASN A CA  1 
ATOM   1035 C C   . ASN A 1 127 ? -12.482 9.187   -1.736  1.00 9.54  ? 125 ASN A C   1 
ATOM   1036 O O   . ASN A 1 127 ? -12.250 10.377  -1.922  1.00 9.00  ? 125 ASN A O   1 
ATOM   1037 C CB  . ASN A 1 127 ? -14.788 8.568   -0.809  1.00 12.23 ? 125 ASN A CB  1 
ATOM   1038 C CG  . ASN A 1 127 ? -16.209 8.215   -1.187  1.00 13.70 ? 125 ASN A CG  1 
ATOM   1039 O OD1 . ASN A 1 127 ? -16.695 8.554   -2.264  1.00 15.36 ? 125 ASN A OD1 1 
ATOM   1040 N ND2 . ASN A 1 127 ? -16.872 7.496   -0.293  1.00 15.29 ? 125 ASN A ND2 1 
ATOM   1041 N N   . TRP A 1 128 ? -11.585 8.351   -1.218  1.00 9.00  ? 126 TRP A N   1 
ATOM   1042 C CA  . TRP A 1 128 ? -10.261 8.848   -0.789  1.00 8.53  ? 126 TRP A CA  1 
ATOM   1043 C C   . TRP A 1 128 ? -9.471  9.336   -2.016  1.00 8.82  ? 126 TRP A C   1 
ATOM   1044 O O   . TRP A 1 128 ? -8.869  10.416  -1.946  1.00 8.53  ? 126 TRP A O   1 
ATOM   1045 C CB  . TRP A 1 128 ? -9.547  7.758   0.009   1.00 8.68  ? 126 TRP A CB  1 
ATOM   1046 C CG  . TRP A 1 128 ? -8.290  8.255   0.644   1.00 8.73  ? 126 TRP A CG  1 
ATOM   1047 C CD1 . TRP A 1 128 ? -8.148  8.737   1.907   1.00 9.76  ? 126 TRP A CD1 1 
ATOM   1048 C CD2 . TRP A 1 128 ? -6.992  8.377   0.034   1.00 9.25  ? 126 TRP A CD2 1 
ATOM   1049 N NE1 . TRP A 1 128 ? -6.859  9.124   2.122   1.00 9.97  ? 126 TRP A NE1 1 
ATOM   1050 C CE2 . TRP A 1 128 ? -6.117  8.916   0.989   1.00 9.66  ? 126 TRP A CE2 1 
ATOM   1051 C CE3 . TRP A 1 128 ? -6.500  8.039   -1.235  1.00 8.84  ? 126 TRP A CE3 1 
ATOM   1052 C CZ2 . TRP A 1 128 ? -4.776  9.152   0.715   1.00 9.41  ? 126 TRP A CZ2 1 
ATOM   1053 C CZ3 . TRP A 1 128 ? -5.174  8.264   -1.501  1.00 10.15 ? 126 TRP A CZ3 1 
ATOM   1054 C CH2 . TRP A 1 128 ? -4.333  8.835   -0.545  1.00 9.95  ? 126 TRP A CH2 1 
ATOM   1055 N N   . ILE A 1 129 ? -9.454  8.574   -3.104  1.00 8.82  ? 127 ILE A N   1 
ATOM   1056 C CA  . ILE A 1 129 ? -8.661  8.980   -4.296  1.00 8.51  ? 127 ILE A CA  1 
ATOM   1057 C C   . ILE A 1 129 ? -9.297  10.196  -4.970  1.00 9.69  ? 127 ILE A C   1 
ATOM   1058 O O   . ILE A 1 129 ? -8.535  10.984  -5.534  1.00 10.03 ? 127 ILE A O   1 
ATOM   1059 C CB  . ILE A 1 129 ? -8.400  7.829   -5.288  1.00 8.89  ? 127 ILE A CB  1 
ATOM   1060 C CG1 . ILE A 1 129 ? -9.674  7.439   -6.039  1.00 9.67  ? 127 ILE A CG1 1 
ATOM   1061 C CG2 . ILE A 1 129 ? -7.682  6.652   -4.615  1.00 9.11  ? 127 ILE A CG2 1 
ATOM   1062 C CD1 . ILE A 1 129 ? -9.465  6.390   -7.090  1.00 9.43  ? 127 ILE A CD1 1 
ATOM   1063 N N   . VAL A 1 130 ? -10.607 10.405  -4.861  1.00 9.71  ? 128 VAL A N   1 
ATOM   1064 C CA  . VAL A 1 130 ? -11.194 11.676  -5.375  1.00 10.59 ? 128 VAL A CA  1 
ATOM   1065 C C   . VAL A 1 130 ? -10.710 12.848  -4.516  1.00 10.75 ? 128 VAL A C   1 
ATOM   1066 O O   . VAL A 1 130 ? -10.289 13.893  -5.063  1.00 12.97 ? 128 VAL A O   1 
ATOM   1067 C CB  . VAL A 1 130 ? -12.722 11.568  -5.443  1.00 10.91 ? 128 VAL A CB  1 
ATOM   1068 C CG1 . VAL A 1 130 ? -13.406 12.915  -5.668  1.00 10.61 ? 128 VAL A CG1 1 
ATOM   1069 C CG2 . VAL A 1 130 ? -13.129 10.580  -6.516  1.00 11.44 ? 128 VAL A CG2 1 
ATOM   1070 N N   . GLN A 1 131 ? -10.764 12.704  -3.198  1.00 10.74 ? 129 GLN A N   1 
ATOM   1071 C CA  . GLN A 1 131 ? -10.359 13.756  -2.243  1.00 11.34 ? 129 GLN A CA  1 
ATOM   1072 C C   . GLN A 1 131 ? -8.866  14.078  -2.413  1.00 11.69 ? 129 GLN A C   1 
ATOM   1073 O O   . GLN A 1 131 ? -8.472  15.250  -2.309  1.00 13.85 ? 129 GLN A O   1 
ATOM   1074 C CB  . GLN A 1 131 ? -10.715 13.309  -0.824  1.00 10.87 ? 129 GLN A CB  1 
ATOM   1075 C CG  . GLN A 1 131 ? -10.477 14.339  0.267   1.00 12.44 ? 129 GLN A CG  1 
ATOM   1076 C CD  . GLN A 1 131 ? -11.610 15.323  0.395   1.00 14.11 ? 129 GLN A CD  1 
ATOM   1077 O OE1 . GLN A 1 131 ? -11.881 16.083  -0.541  1.00 16.19 ? 129 GLN A OE1 1 
ATOM   1078 N NE2 . GLN A 1 131 ? -12.232 15.337  1.566   1.00 12.38 ? 129 GLN A NE2 1 
ATOM   1079 N N   . HIS A 1 132 ? -8.028  13.056  -2.629  1.00 9.93  ? 130 HIS A N   1 
ATOM   1080 C CA  . HIS A 1 132 ? -6.542  13.156  -2.605  1.00 10.07 ? 130 HIS A CA  1 
ATOM   1081 C C   . HIS A 1 132 ? -5.979  12.868  -3.998  1.00 10.05 ? 130 HIS A C   1 
ATOM   1082 O O   . HIS A 1 132 ? -4.818  12.491  -4.089  1.00 9.70  ? 130 HIS A O   1 
ATOM   1083 C CB  . HIS A 1 132 ? -5.983  12.190  -1.557  1.00 10.96 ? 130 HIS A CB  1 
ATOM   1084 C CG  . HIS A 1 132 ? -6.480  12.500  -0.181  1.00 12.10 ? 130 HIS A CG  1 
ATOM   1085 N ND1 . HIS A 1 132 ? -5.918  13.519  0.572   1.00 15.73 ? 130 HIS A ND1 1 
ATOM   1086 C CD2 . HIS A 1 132 ? -7.472  11.960  0.565   1.00 14.31 ? 130 HIS A CD2 1 
ATOM   1087 C CE1 . HIS A 1 132 ? -6.566  13.591  1.725   1.00 17.42 ? 130 HIS A CE1 1 
ATOM   1088 N NE2 . HIS A 1 132 ? -7.494  12.643  1.753   1.00 16.10 ? 130 HIS A NE2 1 
ATOM   1089 N N   . ALA A 1 133 ? -6.737  13.121  -5.050  1.00 9.78  ? 131 ALA A N   1 
ATOM   1090 C CA  . ALA A 1 133 ? -6.309  12.831  -6.438  1.00 9.92  ? 131 ALA A CA  1 
ATOM   1091 C C   . ALA A 1 133 ? -4.933  13.423  -6.733  1.00 11.39 ? 131 ALA A C   1 
ATOM   1092 O O   . ALA A 1 133 ? -4.142  12.760  -7.446  1.00 11.09 ? 131 ALA A O   1 
ATOM   1093 C CB  . ALA A 1 133 ? -7.318  13.374  -7.434  1.00 10.99 ? 131 ALA A CB  1 
ATOM   1094 N N   . SER A 1 134 ? -4.630  14.603  -6.197  1.00 11.88 ? 132 SER A N   1 
ATOM   1095 C CA  . SER A 1 134 ? -3.366  15.307  -6.551  1.00 14.12 ? 132 SER A CA  1 
ATOM   1096 C C   . SER A 1 134 ? -2.125  14.562  -6.054  1.00 13.64 ? 132 SER A C   1 
ATOM   1097 O O   . SER A 1 134 ? -1.029  14.948  -6.495  1.00 12.81 ? 132 SER A O   1 
ATOM   1098 C CB  . SER A 1 134 ? -3.375  16.726  -6.057  1.00 16.56 ? 132 SER A CB  1 
ATOM   1099 O OG  . SER A 1 134 ? -3.344  16.738  -4.660  1.00 18.97 ? 132 SER A OG  1 
ATOM   1100 N N   . ILE A 1 135 ? -2.231  13.567  -5.162  1.00 10.54 ? 133 ILE A N   1 
ATOM   1101 C CA  . ILE A 1 135 ? -1.016  12.835  -4.700  1.00 10.11 ? 133 ILE A CA  1 
ATOM   1102 C C   . ILE A 1 135 ? -0.982  11.409  -5.265  1.00 8.91  ? 133 ILE A C   1 
ATOM   1103 O O   . ILE A 1 135 ? -0.079  10.656  -4.872  1.00 8.50  ? 133 ILE A O   1 
ATOM   1104 C CB  . ILE A 1 135 ? -0.911  12.856  -3.173  1.00 9.86  ? 133 ILE A CB  1 
ATOM   1105 C CG1 . ILE A 1 135 ? -2.030  12.084  -2.467  1.00 10.35 ? 133 ILE A CG1 1 
ATOM   1106 C CG2 . ILE A 1 135 ? -0.819  14.301  -2.669  1.00 9.74  ? 133 ILE A CG2 1 
ATOM   1107 C CD1 . ILE A 1 135 ? -1.657  11.656  -1.069  1.00 10.93 ? 133 ILE A CD1 1 
ATOM   1108 N N   . VAL A 1 136 ? -1.900  11.059  -6.155  1.00 8.85  ? 134 VAL A N   1 
ATOM   1109 C CA  . VAL A 1 136 ? -2.058  9.640   -6.608  1.00 8.65  ? 134 VAL A CA  1 
ATOM   1110 C C   . VAL A 1 136 ? -1.284  9.366   -7.898  1.00 8.67  ? 134 VAL A C   1 
ATOM   1111 O O   . VAL A 1 136 ? -1.499  10.048  -8.925  1.00 9.66  ? 134 VAL A O   1 
ATOM   1112 C CB  . VAL A 1 136 ? -3.534  9.267   -6.766  1.00 8.53  ? 134 VAL A CB  1 
ATOM   1113 C CG1 . VAL A 1 136 ? -3.684  7.858   -7.311  1.00 8.96  ? 134 VAL A CG1 1 
ATOM   1114 C CG2 . VAL A 1 136 ? -4.267  9.439   -5.444  1.00 8.84  ? 134 VAL A CG2 1 
ATOM   1115 N N   . ASN A 1 137 ? -0.436  8.342   -7.866  1.00 8.21  ? 135 ASN A N   1 
ATOM   1116 C CA  . ASN A 1 137 ? 0.258   7.804   -9.067  1.00 8.36  ? 135 ASN A CA  1 
ATOM   1117 C C   . ASN A 1 137 ? 1.047   8.910   -9.791  1.00 8.94  ? 135 ASN A C   1 
ATOM   1118 O O   . ASN A 1 137 ? 0.960   9.010   -11.020 1.00 9.23  ? 135 ASN A O   1 
ATOM   1119 C CB  . ASN A 1 137 ? -0.718  7.106   -10.016 1.00 8.11  ? 135 ASN A CB  1 
ATOM   1120 C CG  . ASN A 1 137 ? -1.359  5.876   -9.413  1.00 7.91  ? 135 ASN A CG  1 
ATOM   1121 O OD1 . ASN A 1 137 ? -0.811  5.241   -8.512  1.00 7.81  ? 135 ASN A OD1 1 
ATOM   1122 N ND2 . ASN A 1 137 ? -2.534  5.550   -9.906  1.00 7.84  ? 135 ASN A ND2 1 
ATOM   1123 N N   . LEU A 1 138 ? 1.828   9.670   -9.047  1.00 8.98  ? 136 LEU A N   1 
ATOM   1124 C CA  . LEU A 1 138 ? 2.678   10.757  -9.604  1.00 10.86 ? 136 LEU A CA  1 
ATOM   1125 C C   . LEU A 1 138 ? 3.940   10.169  -10.252 1.00 13.06 ? 136 LEU A C   1 
ATOM   1126 O O   . LEU A 1 138 ? 4.154   8.932   -10.278 1.00 11.69 ? 136 LEU A O   1 
ATOM   1127 C CB  . LEU A 1 138 ? 3.036   11.711  -8.460  1.00 11.86 ? 136 LEU A CB  1 
ATOM   1128 C CG  . LEU A 1 138 ? 1.836   12.367  -7.781  1.00 12.18 ? 136 LEU A CG  1 
ATOM   1129 C CD1 . LEU A 1 138 ? 2.250   13.430  -6.778  1.00 12.53 ? 136 LEU A CD1 1 
ATOM   1130 C CD2 . LEU A 1 138 ? 0.920   12.972  -8.825  1.00 12.83 ? 136 LEU A CD2 1 
ATOM   1131 N N   . GLN A 1 139 ? 4.775   11.068  -10.764 1.00 15.15 ? 137 GLN A N   1 
ATOM   1132 C CA  . GLN A 1 139 ? 6.087   10.725  -11.366 1.00 17.27 ? 137 GLN A CA  1 
ATOM   1133 C C   . GLN A 1 139 ? 5.883   9.720   -12.503 1.00 16.08 ? 137 GLN A C   1 
ATOM   1134 O O   . GLN A 1 139 ? 6.617   8.723   -12.542 1.00 18.07 ? 137 GLN A O   1 
ATOM   1135 C CB  . GLN A 1 139 ? 7.049   10.251  -10.287 1.00 18.66 ? 137 GLN A CB  1 
ATOM   1136 C CG  . GLN A 1 139 ? 7.177   11.259  -9.159  1.00 21.16 ? 137 GLN A CG  1 
ATOM   1137 C CD  . GLN A 1 139 ? 8.232   10.830  -8.181  1.00 24.24 ? 137 GLN A CD  1 
ATOM   1138 O OE1 . GLN A 1 139 ? 8.008   9.968   -7.338  1.00 28.13 ? 137 GLN A OE1 1 
ATOM   1139 N NE2 . GLN A 1 139 ? 9.419   11.394  -8.334  1.00 29.75 ? 137 GLN A NE2 1 
ATOM   1140 N N   . GLY A 1 140 ? 4.929   9.976   -13.397 1.00 16.91 ? 138 GLY A N   1 
ATOM   1141 C CA  . GLY A 1 140 ? 4.780   9.231   -14.665 1.00 15.75 ? 138 GLY A CA  1 
ATOM   1142 C C   . GLY A 1 140 ? 4.095   7.896   -14.475 1.00 17.74 ? 138 GLY A C   1 
ATOM   1143 O O   . GLY A 1 140 ? 4.213   7.004   -15.337 1.00 17.37 ? 138 GLY A O   1 
ATOM   1144 N N   . HIS A 1 141 ? 3.321   7.760   -13.395 1.00 13.94 ? 139 HIS A N   1 
ATOM   1145 C CA  . HIS A 1 141 ? 2.528   6.532   -13.149 1.00 14.08 ? 139 HIS A CA  1 
ATOM   1146 C C   . HIS A 1 141 ? 1.045   6.704   -13.475 1.00 13.87 ? 139 HIS A C   1 
ATOM   1147 O O   . HIS A 1 141 ? 0.251   5.858   -13.026 1.00 13.55 ? 139 HIS A O   1 
ATOM   1148 C CB  . HIS A 1 141 ? 2.760   6.065   -11.704 1.00 14.24 ? 139 HIS A CB  1 
ATOM   1149 C CG  . HIS A 1 141 ? 4.135   5.529   -11.544 1.00 16.09 ? 139 HIS A CG  1 
ATOM   1150 N ND1 . HIS A 1 141 ? 5.210   6.324   -11.254 1.00 14.60 ? 139 HIS A ND1 1 
ATOM   1151 C CD2 . HIS A 1 141 ? 4.611   4.287   -11.755 1.00 21.32 ? 139 HIS A CD2 1 
ATOM   1152 C CE1 . HIS A 1 141 ? 6.297   5.581   -11.217 1.00 18.92 ? 139 HIS A CE1 1 
ATOM   1153 N NE2 . HIS A 1 141 ? 5.964   4.334   -11.541 1.00 24.39 ? 139 HIS A NE2 1 
ATOM   1154 N N   . GLY A 1 142 ? 0.657   7.749   -14.216 1.00 14.41 ? 140 GLY A N   1 
ATOM   1155 C CA  . GLY A 1 142 ? -0.651  7.820   -14.890 1.00 13.44 ? 140 GLY A CA  1 
ATOM   1156 C C   . GLY A 1 142 ? -1.716  8.514   -14.061 1.00 12.57 ? 140 GLY A C   1 
ATOM   1157 O O   . GLY A 1 142 ? -2.881  8.634   -14.532 1.00 13.02 ? 140 GLY A O   1 
ATOM   1158 N N   . GLY A 1 143 ? -1.381  8.993   -12.860 1.00 12.20 ? 141 GLY A N   1 
ATOM   1159 C CA  . GLY A 1 143 ? -2.344  9.784   -12.086 1.00 11.98 ? 141 GLY A CA  1 
ATOM   1160 C C   . GLY A 1 143 ? -3.546  9.014   -11.569 1.00 11.98 ? 141 GLY A C   1 
ATOM   1161 O O   . GLY A 1 143 ? -3.587  7.766   -11.561 1.00 11.79 ? 141 GLY A O   1 
ATOM   1162 N N   . VAL A 1 144 ? -4.529  9.763   -11.105 1.00 11.95 ? 142 VAL A N   1 
ATOM   1163 C CA  . VAL A 1 144 ? -5.670  9.149   -10.391 1.00 11.57 ? 142 VAL A CA  1 
ATOM   1164 C C   . VAL A 1 144 ? -6.447  8.213   -11.321 1.00 11.80 ? 142 VAL A C   1 
ATOM   1165 O O   . VAL A 1 144 ? -7.039  7.245   -10.815 1.00 11.73 ? 142 VAL A O   1 
ATOM   1166 C CB  . VAL A 1 144 ? -6.558  10.240  -9.776  1.00 12.12 ? 142 VAL A CB  1 
ATOM   1167 C CG1 . VAL A 1 144 ? -7.232  11.111  -10.830 1.00 12.35 ? 142 VAL A CG1 1 
ATOM   1168 C CG2 . VAL A 1 144 ? -7.552  9.603   -8.833  1.00 14.03 ? 142 VAL A CG2 1 
ATOM   1169 N N   . ASP A 1 145 ? -6.465  8.462   -12.632 1.00 12.31 ? 143 ASP A N   1 
ATOM   1170 C CA  . ASP A 1 145 ? -7.283  7.579   -13.510 1.00 13.77 ? 143 ASP A CA  1 
ATOM   1171 C C   . ASP A 1 145 ? -6.588  6.237   -13.754 1.00 12.91 ? 143 ASP A C   1 
ATOM   1172 O O   . ASP A 1 145 ? -7.170  5.370   -14.387 1.00 13.75 ? 143 ASP A O   1 
ATOM   1173 C CB  . ASP A 1 145 ? -7.703  8.252   -14.819 1.00 16.74 ? 143 ASP A CB  1 
ATOM   1174 C CG  . ASP A 1 145 ? -8.905  9.168   -14.650 1.00 22.26 ? 143 ASP A CG  1 
ATOM   1175 O OD1 . ASP A 1 145 ? -9.503  9.146   -13.558 1.00 25.26 ? 143 ASP A OD1 1 
ATOM   1176 O OD2 . ASP A 1 145 ? -9.255  9.859   -15.634 1.00 26.98 ? 143 ASP A OD2 1 
ATOM   1177 N N   . ASN A 1 146 ? -5.371  6.055   -13.254 1.00 11.88 ? 144 ASN A N   1 
ATOM   1178 C CA  . ASN A 1 146 ? -4.666  4.755   -13.343 1.00 11.55 ? 144 ASN A CA  1 
ATOM   1179 C C   . ASN A 1 146 ? -4.919  3.932   -12.071 1.00 11.98 ? 144 ASN A C   1 
ATOM   1180 O O   . ASN A 1 146 ? -4.245  2.945   -11.884 1.00 12.37 ? 144 ASN A O   1 
ATOM   1181 C CB  . ASN A 1 146 ? -3.184  4.947   -13.652 1.00 12.20 ? 144 ASN A CB  1 
ATOM   1182 C CG  . ASN A 1 146 ? -2.587  3.745   -14.335 1.00 12.34 ? 144 ASN A CG  1 
ATOM   1183 O OD1 . ASN A 1 146 ? -3.307  2.905   -14.876 1.00 13.85 ? 144 ASN A OD1 1 
ATOM   1184 N ND2 . ASN A 1 146 ? -1.278  3.657   -14.310 1.00 13.41 ? 144 ASN A ND2 1 
ATOM   1185 N N   . VAL A 1 147 ? -5.911  4.287   -11.275 1.00 10.57 ? 145 VAL A N   1 
ATOM   1186 C CA  . VAL A 1 147 ? -6.520  3.384   -10.264 1.00 9.28  ? 145 VAL A CA  1 
ATOM   1187 C C   . VAL A 1 147 ? -7.743  2.796   -10.965 1.00 9.53  ? 145 VAL A C   1 
ATOM   1188 O O   . VAL A 1 147 ? -8.714  3.548   -11.145 1.00 9.66  ? 145 VAL A O   1 
ATOM   1189 C CB  . VAL A 1 147 ? -6.863  4.113   -8.954  1.00 9.35  ? 145 VAL A CB  1 
ATOM   1190 C CG1 . VAL A 1 147 ? -7.394  3.143   -7.909  1.00 8.98  ? 145 VAL A CG1 1 
ATOM   1191 C CG2 . VAL A 1 147 ? -5.670  4.905   -8.417  1.00 9.18  ? 145 VAL A CG2 1 
ATOM   1192 N N   . LYS A 1 148 ? -7.641  1.549   -11.420 1.00 9.44  ? 146 LYS A N   1 
ATOM   1193 C CA  . LYS A 1 148 ? -8.583  0.996   -12.414 1.00 10.65 ? 146 LYS A CA  1 
ATOM   1194 C C   . LYS A 1 148 ? -9.277  -0.244  -11.869 1.00 10.16 ? 146 LYS A C   1 
ATOM   1195 O O   . LYS A 1 148 ? -8.641  -1.100  -11.221 1.00 10.69 ? 146 LYS A O   1 
ATOM   1196 C CB  . LYS A 1 148 ? -7.841  0.636   -13.707 1.00 12.21 ? 146 LYS A CB  1 
ATOM   1197 C CG  . LYS A 1 148 ? -7.325  1.822   -14.505 1.00 14.78 ? 146 LYS A CG  1 
ATOM   1198 C CD  . LYS A 1 148 ? -6.560  1.384   -15.729 1.00 17.01 ? 146 LYS A CD  1 
ATOM   1199 C CE  . LYS A 1 148 ? -6.090  2.524   -16.600 1.00 24.26 ? 146 LYS A CE  1 
ATOM   1200 N NZ  . LYS A 1 148 ? -5.263  1.974   -17.699 1.00 32.12 ? 146 LYS A NZ  1 
ATOM   1201 N N   . CYS A 1 149 ? -10.520 -0.398  -12.292 1.00 10.16 ? 147 CYS A N   1 
ATOM   1202 C CA  . CYS A 1 149 ? -11.403 -1.518  -11.913 1.00 10.72 ? 147 CYS A CA  1 
ATOM   1203 C C   . CYS A 1 149 ? -10.941 -2.793  -12.617 1.00 10.81 ? 147 CYS A C   1 
ATOM   1204 O O   . CYS A 1 149 ? -10.626 -2.737  -13.824 1.00 12.36 ? 147 CYS A O   1 
ATOM   1205 C CB  . CYS A 1 149 ? -12.830 -1.198  -12.337 1.00 10.88 ? 147 CYS A CB  1 
ATOM   1206 S SG  . CYS A 1 149 ? -13.581 0.159   -11.415 1.00 12.32 ? 147 CYS A SG  1 
ATOM   1207 N N   . SER A 1 150 ? -10.878 -3.904  -11.888 1.00 12.16 ? 148 SER A N   1 
ATOM   1208 C CA  A SER A 1 150 ? -10.632 -5.232  -12.497 0.50 13.19 ? 148 SER A CA  1 
ATOM   1209 C CA  B SER A 1 150 ? -10.642 -5.237  -12.488 0.50 13.45 ? 148 SER A CA  1 
ATOM   1210 C C   . SER A 1 150 ? -11.688 -5.489  -13.578 1.00 13.59 ? 148 SER A C   1 
ATOM   1211 O O   . SER A 1 150 ? -12.841 -5.090  -13.392 1.00 13.88 ? 148 SER A O   1 
ATOM   1212 C CB  A SER A 1 150 ? -10.609 -6.326  -11.456 0.50 13.83 ? 148 SER A CB  1 
ATOM   1213 C CB  B SER A 1 150 ? -10.675 -6.320  -11.444 0.50 14.37 ? 148 SER A CB  1 
ATOM   1214 O OG  A SER A 1 150 ? -11.885 -6.510  -10.864 0.50 14.70 ? 148 SER A OG  1 
ATOM   1215 O OG  B SER A 1 150 ? -10.098 -7.509  -11.960 0.50 16.25 ? 148 SER A OG  1 
ATOM   1216 N N   . GLY A 1 151 ? -11.262 -6.125  -14.660 1.00 14.34 ? 149 GLY A N   1 
ATOM   1217 C CA  . GLY A 1 151 ? -12.190 -6.657  -15.674 1.00 14.57 ? 149 GLY A CA  1 
ATOM   1218 C C   . GLY A 1 151 ? -12.542 -5.625  -16.730 1.00 16.35 ? 149 GLY A C   1 
ATOM   1219 O O   . GLY A 1 151 ? -12.628 -6.006  -17.892 1.00 17.27 ? 149 GLY A O   1 
ATOM   1220 N N   . THR A 1 152 ? -12.736 -4.360  -16.364 1.00 15.56 ? 150 THR A N   1 
ATOM   1221 C CA  . THR A 1 152 ? -13.163 -3.304  -17.311 1.00 15.76 ? 150 THR A CA  1 
ATOM   1222 C C   . THR A 1 152 ? -12.112 -2.219  -17.510 1.00 16.06 ? 150 THR A C   1 
ATOM   1223 O O   . THR A 1 152 ? -12.139 -1.560  -18.556 1.00 16.34 ? 150 THR A O   1 
ATOM   1224 C CB  . THR A 1 152 ? -14.468 -2.672  -16.833 1.00 15.80 ? 150 THR A CB  1 
ATOM   1225 O OG1 . THR A 1 152 ? -14.170 -1.919  -15.661 1.00 15.22 ? 150 THR A OG1 1 
ATOM   1226 C CG2 . THR A 1 152 ? -15.524 -3.704  -16.499 1.00 15.85 ? 150 THR A CG2 1 
ATOM   1227 N N   . ASN A 1 153 ? -11.219 -2.023  -16.531 1.00 14.47 ? 151 ASN A N   1 
ATOM   1228 C CA  . ASN A 1 153 ? -10.249 -0.900  -16.553 1.00 16.54 ? 151 ASN A CA  1 
ATOM   1229 C C   . ASN A 1 153 ? -10.941 0.459   -16.481 1.00 14.96 ? 151 ASN A C   1 
ATOM   1230 O O   . ASN A 1 153 ? -10.267 1.466   -16.744 1.00 16.21 ? 151 ASN A O   1 
ATOM   1231 C CB  . ASN A 1 153 ? -9.347  -0.951  -17.781 1.00 18.89 ? 151 ASN A CB  1 
ATOM   1232 C CG  . ASN A 1 153 ? -8.397  -2.107  -17.609 1.00 24.91 ? 151 ASN A CG  1 
ATOM   1233 O OD1 . ASN A 1 153 ? -7.486  -2.013  -16.794 1.00 25.51 ? 151 ASN A OD1 1 
ATOM   1234 N ND2 . ASN A 1 153 ? -8.646  -3.197  -18.312 1.00 30.56 ? 151 ASN A ND2 1 
ATOM   1235 N N   . THR A 1 154 ? -12.205 0.501   -16.076 1.00 13.86 ? 152 THR A N   1 
ATOM   1236 C CA  . THR A 1 154 ? -12.884 1.772   -15.744 1.00 13.61 ? 152 THR A CA  1 
ATOM   1237 C C   . THR A 1 154 ? -12.152 2.406   -14.563 1.00 12.46 ? 152 THR A C   1 
ATOM   1238 O O   . THR A 1 154 ? -11.831 1.701   -13.602 1.00 12.22 ? 152 THR A O   1 
ATOM   1239 C CB  . THR A 1 154 ? -14.347 1.535   -15.395 1.00 14.09 ? 152 THR A CB  1 
ATOM   1240 O OG1 . THR A 1 154 ? -14.959 0.889   -16.513 1.00 15.47 ? 152 THR A OG1 1 
ATOM   1241 C CG2 . THR A 1 154 ? -15.089 2.809   -15.076 1.00 13.95 ? 152 THR A CG2 1 
ATOM   1242 N N   . PRO A 1 155 ? -11.854 3.723   -14.618 1.00 12.65 ? 153 PRO A N   1 
ATOM   1243 C CA  . PRO A 1 155 ? -11.255 4.371   -13.446 1.00 12.52 ? 153 PRO A CA  1 
ATOM   1244 C C   . PRO A 1 155 ? -12.151 4.153   -12.224 1.00 12.65 ? 153 PRO A C   1 
ATOM   1245 O O   . PRO A 1 155 ? -13.354 4.352   -12.292 1.00 12.07 ? 153 PRO A O   1 
ATOM   1246 C CB  . PRO A 1 155 ? -11.193 5.850   -13.852 1.00 13.06 ? 153 PRO A CB  1 
ATOM   1247 C CG  . PRO A 1 155 ? -11.077 5.797   -15.366 1.00 14.30 ? 153 PRO A CG  1 
ATOM   1248 C CD  . PRO A 1 155 ? -11.988 4.651   -15.757 1.00 14.14 ? 153 PRO A CD  1 
ATOM   1249 N N   . VAL A 1 156 ? -11.553 3.760   -11.100 1.00 12.07 ? 154 VAL A N   1 
ATOM   1250 C CA  . VAL A 1 156 ? -12.273 3.618   -9.810  1.00 11.77 ? 154 VAL A CA  1 
ATOM   1251 C C   . VAL A 1 156 ? -12.971 4.935   -9.472  1.00 12.84 ? 154 VAL A C   1 
ATOM   1252 O O   . VAL A 1 156 ? -14.089 4.867   -8.910  1.00 13.44 ? 154 VAL A O   1 
ATOM   1253 C CB  . VAL A 1 156 ? -11.302 3.158   -8.707  1.00 10.35 ? 154 VAL A CB  1 
ATOM   1254 C CG1 . VAL A 1 156 ? -11.920 3.284   -7.327  1.00 10.83 ? 154 VAL A CG1 1 
ATOM   1255 C CG2 . VAL A 1 156 ? -10.834 1.738   -8.933  1.00 10.52 ? 154 VAL A CG2 1 
ATOM   1256 N N   . ARG A 1 157 ? -12.408 6.094   -9.811  1.00 12.91 ? 155 ARG A N   1 
ATOM   1257 C CA  A ARG A 1 157 ? -13.036 7.379   -9.395  0.50 16.26 ? 155 ARG A CA  1 
ATOM   1258 C CA  B ARG A 1 157 ? -13.033 7.384   -9.401  0.50 16.35 ? 155 ARG A CA  1 
ATOM   1259 C C   . ARG A 1 157 ? -14.402 7.546   -10.078 1.00 17.72 ? 155 ARG A C   1 
ATOM   1260 O O   . ARG A 1 157 ? -15.219 8.346   -9.559  1.00 20.31 ? 155 ARG A O   1 
ATOM   1261 C CB  A ARG A 1 157 ? -12.104 8.565   -9.660  0.50 18.44 ? 155 ARG A CB  1 
ATOM   1262 C CB  B ARG A 1 157 ? -12.137 8.581   -9.731  0.50 18.60 ? 155 ARG A CB  1 
ATOM   1263 C CG  A ARG A 1 157 ? -11.788 8.838   -11.121 0.50 20.14 ? 155 ARG A CG  1 
ATOM   1264 C CG  B ARG A 1 157 ? -11.731 8.663   -11.191 0.50 20.69 ? 155 ARG A CG  1 
ATOM   1265 C CD  A ARG A 1 157 ? -11.725 10.341  -11.302 0.50 23.31 ? 155 ARG A CD  1 
ATOM   1266 C CD  B ARG A 1 157 ? -11.746 10.084  -11.710 0.50 23.90 ? 155 ARG A CD  1 
ATOM   1267 N NE  A ARG A 1 157 ? -10.922 10.832  -12.413 0.50 23.80 ? 155 ARG A NE  1 
ATOM   1268 N NE  B ARG A 1 157 ? -11.858 10.054  -13.157 0.50 24.92 ? 155 ARG A NE  1 
ATOM   1269 C CZ  A ARG A 1 157 ? -10.412 12.057  -12.461 0.50 22.97 ? 155 ARG A CZ  1 
ATOM   1270 C CZ  B ARG A 1 157 ? -12.986 10.203  -13.832 0.50 25.37 ? 155 ARG A CZ  1 
ATOM   1271 N NH1 A ARG A 1 157 ? -10.604 12.888  -11.452 0.50 24.89 ? 155 ARG A NH1 1 
ATOM   1272 N NH1 B ARG A 1 157 ? -14.125 10.427  -13.198 0.50 26.02 ? 155 ARG A NH1 1 
ATOM   1273 N NH2 A ARG A 1 157 ? -9.702  12.441  -13.502 0.50 24.13 ? 155 ARG A NH2 1 
ATOM   1274 N NH2 B ARG A 1 157 ? -12.964 10.139  -15.149 0.50 23.76 ? 155 ARG A NH2 1 
ATOM   1275 N N   . ALA A 1 158 ? -14.645 6.830   -11.179 1.00 17.95 ? 156 ALA A N   1 
ATOM   1276 C CA  . ALA A 1 158 ? -15.895 6.934   -11.977 1.00 20.70 ? 156 ALA A CA  1 
ATOM   1277 C C   . ALA A 1 158 ? -16.969 5.980   -11.439 1.00 23.36 ? 156 ALA A C   1 
ATOM   1278 O O   . ALA A 1 158 ? -18.108 6.018   -11.936 1.00 28.51 ? 156 ALA A O   1 
ATOM   1279 C CB  . ALA A 1 158 ? -15.593 6.655   -13.428 1.00 22.36 ? 156 ALA A CB  1 
ATOM   1280 N N   . VAL A 1 159 ? -16.662 5.162   -10.437 1.00 21.11 ? 157 VAL A N   1 
ATOM   1281 C CA  . VAL A 1 159 ? -17.635 4.192   -9.863  1.00 25.05 ? 157 VAL A CA  1 
ATOM   1282 C C   . VAL A 1 159 ? -18.662 4.943   -9.008  1.00 26.29 ? 157 VAL A C   1 
ATOM   1283 O O   . VAL A 1 159 ? -18.255 5.659   -8.068  1.00 25.89 ? 157 VAL A O   1 
ATOM   1284 C CB  . VAL A 1 159 ? -16.914 3.085   -9.082  1.00 24.86 ? 157 VAL A CB  1 
ATOM   1285 C CG1 . VAL A 1 159 ? -17.877 2.254   -8.242  1.00 25.31 ? 157 VAL A CG1 1 
ATOM   1286 C CG2 . VAL A 1 159 ? -16.121 2.226   -10.053 1.00 23.09 ? 157 VAL A CG2 1 
ATOM   1287 N N   . THR A 1 160 ? -19.943 4.766   -9.354  1.00 31.67 ? 158 THR A N   1 
ATOM   1288 C CA  . THR A 1 160 ? -21.121 5.246   -8.581  1.00 33.62 ? 158 THR A CA  1 
ATOM   1289 C C   . THR A 1 160 ? -21.439 4.195   -7.517  1.00 35.55 ? 158 THR A C   1 
ATOM   1290 O O   . THR A 1 160 ? -21.306 2.990   -7.812  1.00 35.34 ? 158 THR A O   1 
ATOM   1291 C CB  . THR A 1 160 ? -22.343 5.486   -9.481  1.00 31.96 ? 158 THR A CB  1 
ATOM   1292 O OG1 . THR A 1 160 ? -22.837 4.224   -9.942  1.00 33.40 ? 158 THR A OG1 1 
ATOM   1293 C CG2 . THR A 1 160 ? -22.031 6.340   -10.689 1.00 29.42 ? 158 THR A CG2 1 
ATOM   1294 N N   . GLU A 1 161 ? -21.842 4.636   -6.327  1.00 38.40 ? 159 GLU A N   1 
ATOM   1295 C CA  . GLU A 1 161 ? -22.156 3.741   -5.181  1.00 38.60 ? 159 GLU A CA  1 
ATOM   1296 C C   . GLU A 1 161 ? -23.280 2.785   -5.593  1.00 37.83 ? 159 GLU A C   1 
ATOM   1297 O O   . GLU A 1 161 ? -23.273 1.628   -5.130  1.00 36.63 ? 159 GLU A O   1 
ATOM   1298 C CB  . GLU A 1 161 ? -22.550 4.564   -3.953  1.00 40.75 ? 159 GLU A CB  1 
ATOM   1299 C CG  . GLU A 1 161 ? -23.350 3.799   -2.909  1.00 43.35 ? 159 GLU A CG  1 
ATOM   1300 C CD  . GLU A 1 161 ? -24.041 4.676   -1.873  1.00 48.06 ? 159 GLU A CD  1 
ATOM   1301 O OE1 . GLU A 1 161 ? -23.943 5.924   -1.988  1.00 45.19 ? 159 GLU A OE1 1 
ATOM   1302 O OE2 . GLU A 1 161 ? -24.684 4.111   -0.953  1.00 52.24 ? 159 GLU A OE2 1 
ATOM   1303 N N   . ALA A 1 162 ? -24.216 3.271   -6.416  1.00 33.47 ? 160 ALA A N   1 
ATOM   1304 C CA  . ALA A 1 162 ? -25.399 2.522   -6.904  1.00 36.25 ? 160 ALA A CA  1 
ATOM   1305 C C   . ALA A 1 162 ? -24.943 1.354   -7.788  1.00 35.95 ? 160 ALA A C   1 
ATOM   1306 O O   . ALA A 1 162 ? -25.765 0.448   -8.052  1.00 32.23 ? 160 ALA A O   1 
ATOM   1307 C CB  . ALA A 1 162 ? -26.326 3.460   -7.647  1.00 38.76 ? 160 ALA A CB  1 
ATOM   1308 N N   . SER A 1 163 ? -23.685 1.387   -8.240  1.00 32.30 ? 161 SER A N   1 
ATOM   1309 C CA  . SER A 1 163 ? -23.032 0.304   -9.025  1.00 37.11 ? 161 SER A CA  1 
ATOM   1310 C C   . SER A 1 163 ? -22.478 -0.778  -8.087  1.00 35.66 ? 161 SER A C   1 
ATOM   1311 O O   . SER A 1 163 ? -22.081 -1.852  -8.584  1.00 33.23 ? 161 SER A O   1 
ATOM   1312 C CB  . SER A 1 163 ? -21.946 0.862   -9.916  1.00 37.99 ? 161 SER A CB  1 
ATOM   1313 O OG  . SER A 1 163 ? -22.406 2.020   -10.593 1.00 43.62 ? 161 SER A OG  1 
ATOM   1314 N N   . THR A 1 164 ? -22.415 -0.512  -6.780  1.00 33.23 ? 162 THR A N   1 
ATOM   1315 C CA  . THR A 1 164 ? -21.777 -1.444  -5.816  1.00 33.01 ? 162 THR A CA  1 
ATOM   1316 C C   . THR A 1 164 ? -22.860 -2.116  -4.978  1.00 34.74 ? 162 THR A C   1 
ATOM   1317 O O   . THR A 1 164 ? -23.977 -1.583  -4.890  1.00 37.88 ? 162 THR A O   1 
ATOM   1318 C CB  . THR A 1 164 ? -20.735 -0.757  -4.924  1.00 33.41 ? 162 THR A CB  1 
ATOM   1319 O OG1 . THR A 1 164 ? -21.390 0.089   -3.974  1.00 31.29 ? 162 THR A OG1 1 
ATOM   1320 C CG2 . THR A 1 164 ? -19.732 0.028   -5.739  1.00 34.59 ? 162 THR A CG2 1 
ATOM   1321 N N   . SER A 1 165 ? -22.515 -3.258  -4.395  1.00 31.65 ? 163 SER A N   1 
ATOM   1322 C CA  . SER A 1 165 ? -23.393 -4.032  -3.492  1.00 33.30 ? 163 SER A CA  1 
ATOM   1323 C C   . SER A 1 165 ? -22.518 -4.678  -2.426  1.00 33.25 ? 163 SER A C   1 
ATOM   1324 O O   . SER A 1 165 ? -21.440 -5.172  -2.742  1.00 26.43 ? 163 SER A O   1 
ATOM   1325 C CB  . SER A 1 165 ? -24.158 -5.055  -4.282  1.00 36.16 ? 163 SER A CB  1 
ATOM   1326 O OG  . SER A 1 165 ? -24.836 -5.959  -3.425  1.00 35.48 ? 163 SER A OG  1 
ATOM   1327 N N   . PRO A 1 166 ? -22.945 -4.680  -1.145  1.00 35.14 ? 164 PRO A N   1 
ATOM   1328 C CA  . PRO A 1 166 ? -22.301 -5.514  -0.129  1.00 33.66 ? 164 PRO A CA  1 
ATOM   1329 C C   . PRO A 1 166 ? -22.329 -7.024  -0.427  1.00 36.12 ? 164 PRO A C   1 
ATOM   1330 O O   . PRO A 1 166 ? -21.521 -7.743  0.126   1.00 33.39 ? 164 PRO A O   1 
ATOM   1331 C CB  . PRO A 1 166 ? -23.075 -5.251  1.171   1.00 34.41 ? 164 PRO A CB  1 
ATOM   1332 C CG  . PRO A 1 166 ? -24.118 -4.180  0.852   1.00 34.38 ? 164 PRO A CG  1 
ATOM   1333 C CD  . PRO A 1 166 ? -24.033 -3.840  -0.620  1.00 33.22 ? 164 PRO A CD  1 
ATOM   1334 N N   . SER A 1 167 ? -23.239 -7.489  -1.287  1.00 38.18 ? 165 SER A N   1 
ATOM   1335 C CA  . SER A 1 167 ? -23.449 -8.938  -1.547  1.00 41.56 ? 165 SER A CA  1 
ATOM   1336 C C   . SER A 1 167 ? -22.580 -9.451  -2.712  1.00 43.06 ? 165 SER A C   1 
ATOM   1337 O O   . SER A 1 167 ? -22.665 -10.661 -2.988  1.00 42.21 ? 165 SER A O   1 
ATOM   1338 C CB  . SER A 1 167 ? -24.915 -9.236  -1.755  1.00 40.83 ? 165 SER A CB  1 
ATOM   1339 O OG  . SER A 1 167 ? -25.479 -8.359  -2.712  1.00 41.61 ? 165 SER A OG  1 
ATOM   1340 N N   . LYS A 1 168 ? -21.766 -8.604  -3.360  1.00 41.27 ? 166 LYS A N   1 
ATOM   1341 C CA  . LYS A 1 168 ? -20.802 -9.033  -4.420  1.00 42.11 ? 166 LYS A CA  1 
ATOM   1342 C C   . LYS A 1 168 ? -19.365 -8.980  -3.871  1.00 38.79 ? 166 LYS A C   1 
ATOM   1343 O O   . LYS A 1 168 ? -18.429 -8.679  -4.651  1.00 39.16 ? 166 LYS A O   1 
ATOM   1344 C CB  . LYS A 1 168 ? -20.950 -8.173  -5.682  1.00 44.30 ? 166 LYS A CB  1 
ATOM   1345 C CG  . LYS A 1 168 ? -22.340 -8.158  -6.311  1.00 48.58 ? 166 LYS A CG  1 
ATOM   1346 C CD  . LYS A 1 168 ? -22.348 -7.823  -7.798  1.00 54.89 ? 166 LYS A CD  1 
ATOM   1347 C CE  . LYS A 1 168 ? -23.359 -6.761  -8.193  1.00 58.18 ? 166 LYS A CE  1 
ATOM   1348 N NZ  . LYS A 1 168 ? -22.802 -5.386  -8.121  1.00 59.61 ? 166 LYS A NZ  1 
ATOM   1349 N N   . CYS A 1 169 ? -19.205 -9.270  -2.577  1.00 32.39 ? 167 CYS A N   1 
ATOM   1350 C CA  . CYS A 1 169 ? -17.955 -9.100  -1.793  1.00 35.54 ? 167 CYS A CA  1 
ATOM   1351 C C   . CYS A 1 169 ? -17.470 -10.436 -1.242  1.00 45.37 ? 167 CYS A C   1 
ATOM   1352 O O   . CYS A 1 169 ? -18.269 -11.340 -1.003  1.00 44.96 ? 167 CYS A O   1 
ATOM   1353 C CB  . CYS A 1 169 ? -18.195 -8.163  -0.619  1.00 29.15 ? 167 CYS A CB  1 
ATOM   1354 S SG  . CYS A 1 169 ? -18.563 -6.471  -1.149  1.00 25.68 ? 167 CYS A SG  1 
ATOM   1355 N N   . PRO A 1 170 ? -16.151 -10.581 -0.979  1.00 55.05 ? 168 PRO A N   1 
ATOM   1356 C CA  . PRO A 1 170 ? -15.613 -11.803 -0.382  1.00 58.22 ? 168 PRO A CA  1 
ATOM   1357 C C   . PRO A 1 170 ? -16.286 -12.130 0.960   1.00 60.50 ? 168 PRO A C   1 
ATOM   1358 O O   . PRO A 1 170 ? -16.852 -11.266 1.637   1.00 57.63 ? 168 PRO A O   1 
ATOM   1359 C CB  . PRO A 1 170 ? -14.116 -11.505 -0.198  1.00 59.99 ? 168 PRO A CB  1 
ATOM   1360 C CG  . PRO A 1 170 ? -14.010 -9.993  -0.266  1.00 59.39 ? 168 PRO A CG  1 
ATOM   1361 C CD  . PRO A 1 170 ? -15.109 -9.569  -1.218  1.00 57.22 ? 168 PRO A CD  1 
ATOM   1362 O OXT . PRO A 1 170 ? -16.268 -13.285 1.382   1.00 63.32 ? 168 PRO A OXT 1 
HETATM 1363 O O2S . EP1 B 2 .   ? 6.414   1.428   -6.772  1.00 20.02 ? 201 EP1 A O2S 1 
HETATM 1364 S S   . EP1 B 2 .   ? 5.776   1.557   -8.065  1.00 23.89 ? 201 EP1 A S   1 
HETATM 1365 O O3S . EP1 B 2 .   ? 6.480   0.954   -9.158  1.00 28.25 ? 201 EP1 A O3S 1 
HETATM 1366 O O1S . EP1 B 2 .   ? 4.245   1.272   -7.942  1.00 24.09 ? 201 EP1 A O1S 1 
HETATM 1367 C C11 . EP1 B 2 .   ? 5.885   3.298   -8.358  1.00 28.22 ? 201 EP1 A C11 1 
HETATM 1368 C C10 . EP1 B 2 .   ? 7.341   3.760   -8.393  1.00 30.53 ? 201 EP1 A C10 1 
HETATM 1369 C C9  . EP1 B 2 .   ? 7.606   4.925   -7.463  1.00 33.08 ? 201 EP1 A C9  1 
HETATM 1370 N N1  . EP1 B 2 .   ? 8.997   5.400   -7.502  1.00 32.08 ? 201 EP1 A N1  1 
HETATM 1371 C C2  . EP1 B 2 .   ? 9.549   5.466   -6.142  1.00 33.29 ? 201 EP1 A C2  1 
HETATM 1372 C C3  . EP1 B 2 .   ? 10.993  5.908   -6.173  1.00 33.55 ? 201 EP1 A C3  1 
HETATM 1373 N N4  . EP1 B 2 .   ? 11.152  7.225   -6.821  1.00 34.53 ? 201 EP1 A N4  1 
HETATM 1374 C C5  . EP1 B 2 .   ? 10.507  7.220   -8.151  1.00 33.23 ? 201 EP1 A C5  1 
HETATM 1375 C C6  . EP1 B 2 .   ? 9.074   6.752   -8.082  1.00 32.12 ? 201 EP1 A C6  1 
HETATM 1376 C C7  . EP1 B 2 .   ? 12.581  7.551   -6.928  1.00 37.36 ? 201 EP1 A C7  1 
HETATM 1377 C C8  . EP1 B 2 .   ? 12.906  8.849   -7.640  1.00 37.36 ? 201 EP1 A C8  1 
HETATM 1378 O O8  . EP1 B 2 .   ? 12.230  9.937   -7.050  1.00 34.85 ? 201 EP1 A O8  1 
HETATM 1379 S S   . SO4 C 3 .   ? 20.792  -3.443  -2.150  1.00 41.73 ? 202 SO4 A S   1 
HETATM 1380 O O1  . SO4 C 3 .   ? 19.500  -4.076  -2.171  1.00 47.45 ? 202 SO4 A O1  1 
HETATM 1381 O O2  . SO4 C 3 .   ? 20.633  -2.073  -2.576  1.00 48.28 ? 202 SO4 A O2  1 
HETATM 1382 O O3  . SO4 C 3 .   ? 21.345  -3.497  -0.817  1.00 46.51 ? 202 SO4 A O3  1 
HETATM 1383 O O4  . SO4 C 3 .   ? 21.686  -4.123  -3.060  1.00 49.01 ? 202 SO4 A O4  1 
HETATM 1384 S S   . SO4 D 3 .   ? 13.532  7.110   -2.448  1.00 43.04 ? 203 SO4 A S   1 
HETATM 1385 O O1  . SO4 D 3 .   ? 12.167  7.577   -2.535  1.00 39.98 ? 203 SO4 A O1  1 
HETATM 1386 O O2  . SO4 D 3 .   ? 14.304  7.979   -1.592  1.00 35.38 ? 203 SO4 A O2  1 
HETATM 1387 O O3  . SO4 D 3 .   ? 13.537  5.782   -1.913  1.00 39.54 ? 203 SO4 A O3  1 
HETATM 1388 O O4  . SO4 D 3 .   ? 14.100  7.104   -3.773  1.00 45.85 ? 203 SO4 A O4  1 
HETATM 1389 O O   . HOH E 4 .   ? 15.646  -1.864  -7.286  1.00 36.66 ? 301 HOH A O   1 
HETATM 1390 O O   . HOH E 4 .   ? 19.083  -0.766  -3.876  1.00 25.75 ? 302 HOH A O   1 
HETATM 1391 O O   . HOH E 4 .   ? -15.913 -1.735  -13.933 1.00 20.71 ? 303 HOH A O   1 
HETATM 1392 O O   . HOH E 4 .   ? -2.499  -0.872  -14.939 1.00 25.76 ? 304 HOH A O   1 
HETATM 1393 O O   . HOH E 4 .   ? 6.679   -17.654 -2.987  1.00 26.41 ? 305 HOH A O   1 
HETATM 1394 O O   . HOH E 4 .   ? 23.670  -0.896  2.792   1.00 37.69 ? 306 HOH A O   1 
HETATM 1395 O O   . HOH E 4 .   ? -11.556 -7.898  -19.138 1.00 24.12 ? 307 HOH A O   1 
HETATM 1396 O O   . HOH E 4 .   ? 18.504  -11.462 1.301   1.00 30.32 ? 308 HOH A O   1 
HETATM 1397 O O   . HOH E 4 .   ? -2.705  -10.945 7.455   1.00 32.67 ? 309 HOH A O   1 
HETATM 1398 O O   . HOH E 4 .   ? -17.085 -8.780  -6.815  1.00 37.11 ? 310 HOH A O   1 
HETATM 1399 O O   . HOH E 4 .   ? 12.624  10.177  3.850   1.00 37.74 ? 311 HOH A O   1 
HETATM 1400 O O   . HOH E 4 .   ? 16.806  -7.510  13.000  1.00 34.12 ? 312 HOH A O   1 
HETATM 1401 O O   . HOH E 4 .   ? 4.100   2.211   17.790  1.00 26.60 ? 313 HOH A O   1 
HETATM 1402 O O   . HOH E 4 .   ? 12.524  3.231   -3.820  1.00 37.50 ? 314 HOH A O   1 
HETATM 1403 O O   . HOH E 4 .   ? -11.527 3.910   10.741  1.00 45.91 ? 315 HOH A O   1 
HETATM 1404 O O   . HOH E 4 .   ? 23.530  -0.088  -1.902  1.00 30.24 ? 316 HOH A O   1 
HETATM 1405 O O   . HOH E 4 .   ? 3.203   -13.185 2.738   1.00 17.31 ? 317 HOH A O   1 
HETATM 1406 O O   . HOH E 4 .   ? -3.708  7.640   -16.786 1.00 37.54 ? 318 HOH A O   1 
HETATM 1407 O O   . HOH E 4 .   ? 15.381  7.673   12.562  1.00 22.13 ? 319 HOH A O   1 
HETATM 1408 O O   . HOH E 4 .   ? -8.888  12.719  3.954   1.00 23.62 ? 320 HOH A O   1 
HETATM 1409 O O   . HOH E 4 .   ? 3.409   -15.132 -4.411  1.00 22.92 ? 321 HOH A O   1 
HETATM 1410 O O   . HOH E 4 .   ? 9.534   1.638   17.995  1.00 35.00 ? 322 HOH A O   1 
HETATM 1411 O O   . HOH E 4 .   ? 4.423   -10.500 5.447   1.00 21.74 ? 323 HOH A O   1 
HETATM 1412 O O   . HOH E 4 .   ? -10.922 -3.895  2.559   1.00 25.56 ? 324 HOH A O   1 
HETATM 1413 O O   . HOH E 4 .   ? -15.117 -6.991  -9.793  1.00 24.42 ? 325 HOH A O   1 
HETATM 1414 O O   . HOH E 4 .   ? -1.028  -6.703  -10.132 1.00 17.35 ? 326 HOH A O   1 
HETATM 1415 O O   . HOH E 4 .   ? -16.771 -3.772  -12.334 1.00 22.11 ? 327 HOH A O   1 
HETATM 1416 O O   . HOH E 4 .   ? -8.455  -6.796  5.480   1.00 24.96 ? 328 HOH A O   1 
HETATM 1417 O O   . HOH E 4 .   ? -2.769  12.382  -9.676  1.00 23.48 ? 329 HOH A O   1 
HETATM 1418 O O   . HOH E 4 .   ? -19.407 8.169   -12.808 1.00 31.35 ? 330 HOH A O   1 
HETATM 1419 O O   . HOH E 4 .   ? -11.584 0.567   -0.122  1.00 13.12 ? 331 HOH A O   1 
HETATM 1420 O O   . HOH E 4 .   ? -10.371 -0.502  8.931   1.00 24.62 ? 332 HOH A O   1 
HETATM 1421 O O   . HOH E 4 .   ? 16.667  7.075   5.198   1.00 18.29 ? 333 HOH A O   1 
HETATM 1422 O O   . HOH E 4 .   ? -3.654  14.748  -0.132  1.00 26.86 ? 334 HOH A O   1 
HETATM 1423 O O   . HOH E 4 .   ? -13.678 -3.869  -3.567  1.00 19.50 ? 335 HOH A O   1 
HETATM 1424 O O   . HOH E 4 .   ? 6.504   -10.900 9.343   1.00 25.62 ? 336 HOH A O   1 
HETATM 1425 O O   . HOH E 4 .   ? 7.222   14.701  0.363   1.00 26.27 ? 337 HOH A O   1 
HETATM 1426 O O   . HOH E 4 .   ? -7.955  -6.977  -0.968  1.00 13.96 ? 338 HOH A O   1 
HETATM 1427 O O   . HOH E 4 .   ? 10.109  -5.630  10.975  1.00 15.67 ? 339 HOH A O   1 
HETATM 1428 O O   . HOH E 4 .   ? 11.263  10.335  10.623  1.00 18.64 ? 340 HOH A O   1 
HETATM 1429 O O   . HOH E 4 .   ? 3.395   6.627   15.776  1.00 26.47 ? 341 HOH A O   1 
HETATM 1430 O O   . HOH E 4 .   ? 10.873  3.838   12.138  1.00 17.26 ? 342 HOH A O   1 
HETATM 1431 O O   . HOH E 4 .   ? 9.571   13.347  9.142   1.00 30.56 ? 343 HOH A O   1 
HETATM 1432 O O   . HOH E 4 .   ? 16.212  -4.203  14.810  1.00 32.44 ? 344 HOH A O   1 
HETATM 1433 O O   . HOH E 4 .   ? 3.780   16.204  4.295   1.00 18.36 ? 345 HOH A O   1 
HETATM 1434 O O   . HOH E 4 .   ? -2.487  -8.950  4.284   1.00 13.86 ? 346 HOH A O   1 
HETATM 1435 O O   . HOH E 4 .   ? 9.971   12.165  3.078   1.00 23.74 ? 347 HOH A O   1 
HETATM 1436 O O   . HOH E 4 .   ? -6.615  -12.294 1.067   1.00 35.54 ? 348 HOH A O   1 
HETATM 1437 O O   . HOH E 4 .   ? -10.995 -8.047  -8.364  1.00 24.92 ? 349 HOH A O   1 
HETATM 1438 O O   . HOH E 4 .   ? 1.523   10.516  7.273   1.00 16.06 ? 350 HOH A O   1 
HETATM 1439 O O   . HOH E 4 .   ? -1.565  -0.144  13.799  1.00 26.56 ? 351 HOH A O   1 
HETATM 1440 O O   . HOH E 4 .   ? -1.992  -13.204 -3.818  1.00 20.14 ? 352 HOH A O   1 
HETATM 1441 O O   . HOH E 4 .   ? -7.010  -10.655 -5.051  1.00 26.36 ? 353 HOH A O   1 
HETATM 1442 O O   . HOH E 4 .   ? 22.006  -7.709  7.000   1.00 28.52 ? 354 HOH A O   1 
HETATM 1443 O O   . HOH E 4 .   ? -2.223  13.732  2.229   1.00 24.57 ? 355 HOH A O   1 
HETATM 1444 O O   . HOH E 4 .   ? -12.516 -6.476  -0.828  1.00 24.05 ? 356 HOH A O   1 
HETATM 1445 O O   . HOH E 4 .   ? 17.386  1.973   10.167  1.00 17.59 ? 357 HOH A O   1 
HETATM 1446 O O   . HOH E 4 .   ? 5.123   8.613   14.447  1.00 36.66 ? 358 HOH A O   1 
HETATM 1447 O O   . HOH E 4 .   ? -6.732  0.275   -19.247 1.00 41.60 ? 359 HOH A O   1 
HETATM 1448 O O   . HOH E 4 .   ? -14.235 12.213  -2.294  1.00 11.59 ? 360 HOH A O   1 
HETATM 1449 O O   . HOH E 4 .   ? 19.119  9.612   8.161   1.00 33.63 ? 361 HOH A O   1 
HETATM 1450 O O   . HOH E 4 .   ? 1.352   -2.412  11.163  1.00 12.73 ? 362 HOH A O   1 
HETATM 1451 O O   . HOH E 4 .   ? -19.257 -0.290  -9.911  1.00 36.08 ? 363 HOH A O   1 
HETATM 1452 O O   . HOH E 4 .   ? -4.568  1.264   15.186  1.00 31.57 ? 364 HOH A O   1 
HETATM 1453 O O   . HOH E 4 .   ? -9.781  17.605  -1.809  1.00 27.97 ? 365 HOH A O   1 
HETATM 1454 O O   . HOH E 4 .   ? -0.411  1.219   -15.613 1.00 27.10 ? 366 HOH A O   1 
HETATM 1455 O O   . HOH E 4 .   ? 2.766   15.793  -3.837  1.00 13.36 ? 367 HOH A O   1 
HETATM 1456 O O   . HOH E 4 .   ? 4.411   13.789  -10.981 1.00 22.56 ? 368 HOH A O   1 
HETATM 1457 O O   . HOH E 4 .   ? 7.683   -6.389  12.365  1.00 19.63 ? 369 HOH A O   1 
HETATM 1458 O O   . HOH E 4 .   ? 7.259   13.336  7.785   1.00 18.62 ? 370 HOH A O   1 
HETATM 1459 O O   . HOH E 4 .   ? 12.343  -10.866 -5.533  1.00 17.95 ? 371 HOH A O   1 
HETATM 1460 O O   . HOH E 4 .   ? -4.785  2.855   -20.274 1.00 33.29 ? 372 HOH A O   1 
HETATM 1461 O O   . HOH E 4 .   ? -9.595  6.202   -10.701 1.00 12.74 ? 373 HOH A O   1 
HETATM 1462 O O   . HOH E 4 .   ? 17.213  -11.601 10.456  1.00 32.28 ? 374 HOH A O   1 
HETATM 1463 O O   . HOH E 4 .   ? 0.660   16.860  -5.413  1.00 15.25 ? 375 HOH A O   1 
HETATM 1464 O O   . HOH E 4 .   ? 5.744   7.305   10.611  1.00 15.34 ? 376 HOH A O   1 
HETATM 1465 O O   . HOH E 4 .   ? 3.778   -15.198 0.332   1.00 21.59 ? 377 HOH A O   1 
HETATM 1466 O O   . HOH E 4 .   ? -5.395  10.371  4.461   1.00 16.28 ? 378 HOH A O   1 
HETATM 1467 O O   . HOH E 4 .   ? -4.113  12.514  -11.022 1.00 31.15 ? 379 HOH A O   1 
HETATM 1468 O O   . HOH E 4 .   ? -2.091  11.176  12.166  1.00 33.96 ? 380 HOH A O   1 
HETATM 1469 O O   . HOH E 4 .   ? -5.524  -12.360 -7.016  1.00 34.91 ? 381 HOH A O   1 
HETATM 1470 O O   . HOH E 4 .   ? 3.021   -8.289  13.276  1.00 27.10 ? 382 HOH A O   1 
HETATM 1471 O O   . HOH E 4 .   ? -1.077  6.641   15.435  1.00 19.84 ? 383 HOH A O   1 
HETATM 1472 O O   . HOH E 4 .   ? 13.041  -3.650  15.451  1.00 31.45 ? 384 HOH A O   1 
HETATM 1473 O O   . HOH E 4 .   ? -7.157  2.592   9.632   1.00 19.56 ? 385 HOH A O   1 
HETATM 1474 O O   . HOH E 4 .   ? 5.698   -4.390  14.914  1.00 18.95 ? 386 HOH A O   1 
HETATM 1475 O O   . HOH E 4 .   ? -13.203 -1.913  6.173   1.00 30.11 ? 387 HOH A O   1 
HETATM 1476 O O   . HOH E 4 .   ? -5.651  -0.910  6.703   1.00 15.60 ? 388 HOH A O   1 
HETATM 1477 O O   . HOH E 4 .   ? 1.091   1.033   11.782  1.00 12.36 ? 389 HOH A O   1 
HETATM 1478 O O   . HOH E 4 .   ? -3.924  0.403   -13.046 1.00 10.42 ? 390 HOH A O   1 
HETATM 1479 O O   . HOH E 4 .   ? -8.577  13.946  11.169  1.00 24.80 ? 391 HOH A O   1 
HETATM 1480 O O   . HOH E 4 .   ? 9.398   -15.279 4.912   1.00 23.93 ? 392 HOH A O   1 
HETATM 1481 O O   . HOH E 4 .   ? -5.168  10.426  -14.200 1.00 18.77 ? 393 HOH A O   1 
HETATM 1482 O O   . HOH E 4 .   ? 3.482   12.367  -13.839 1.00 43.02 ? 394 HOH A O   1 
HETATM 1483 O O   . HOH E 4 .   ? 5.452   14.453  9.342   1.00 34.61 ? 395 HOH A O   1 
HETATM 1484 O O   . HOH E 4 .   ? -4.136  5.228   8.884   1.00 15.38 ? 396 HOH A O   1 
HETATM 1485 O O   . HOH E 4 .   ? -13.415 -0.400  2.702   1.00 22.18 ? 397 HOH A O   1 
HETATM 1486 O O   . HOH E 4 .   ? -14.323 -4.530  -11.020 1.00 14.36 ? 398 HOH A O   1 
HETATM 1487 O O   . HOH E 4 .   ? -8.092  10.589  5.057   1.00 25.87 ? 399 HOH A O   1 
HETATM 1488 O O   . HOH E 4 .   ? -4.097  1.208   8.019   1.00 12.55 ? 400 HOH A O   1 
HETATM 1489 O O   . HOH E 4 .   ? 13.009  -0.092  -8.421  1.00 36.21 ? 401 HOH A O   1 
HETATM 1490 O O   . HOH E 4 .   ? -5.067  -10.017 -11.036 1.00 31.19 ? 402 HOH A O   1 
HETATM 1491 O O   . HOH E 4 .   ? 11.338  -12.304 5.179   1.00 19.15 ? 403 HOH A O   1 
HETATM 1492 O O   . HOH E 4 .   ? 0.661   -9.106  -8.143  1.00 15.88 ? 404 HOH A O   1 
HETATM 1493 O O   . HOH E 4 .   ? -7.466  -5.054  1.711   1.00 13.56 ? 405 HOH A O   1 
HETATM 1494 O O   . HOH E 4 .   ? 2.317   9.389   -6.233  1.00 9.05  ? 406 HOH A O   1 
HETATM 1495 O O   . HOH E 4 .   ? -2.476  -3.747  11.818  1.00 17.82 ? 407 HOH A O   1 
HETATM 1496 O O   . HOH E 4 .   ? -10.625 14.362  -7.897  1.00 26.32 ? 408 HOH A O   1 
HETATM 1497 O O   . HOH E 4 .   ? -7.651  0.217   8.542   1.00 17.31 ? 409 HOH A O   1 
HETATM 1498 O O   . HOH E 4 .   ? 11.142  -14.458 3.215   1.00 22.93 ? 410 HOH A O   1 
HETATM 1499 O O   . HOH E 4 .   ? 13.741  9.905   -4.451  1.00 28.11 ? 411 HOH A O   1 
HETATM 1500 O O   . HOH E 4 .   ? 6.288   14.689  -7.333  1.00 24.65 ? 412 HOH A O   1 
HETATM 1501 O O   . HOH E 4 .   ? -13.826 15.072  -2.464  1.00 14.06 ? 413 HOH A O   1 
HETATM 1502 O O   . HOH E 4 .   ? 9.580   8.349   -4.595  1.00 30.68 ? 414 HOH A O   1 
HETATM 1503 O O   . HOH E 4 .   ? 1.265   11.190  -12.952 1.00 36.08 ? 415 HOH A O   1 
HETATM 1504 O O   . HOH E 4 .   ? -5.572  -0.446  -10.855 1.00 9.97  ? 416 HOH A O   1 
HETATM 1505 O O   . HOH E 4 .   ? -7.349  -7.294  9.741   1.00 21.90 ? 417 HOH A O   1 
HETATM 1506 O O   . HOH E 4 .   ? 25.709  2.379   6.274   1.00 28.98 ? 418 HOH A O   1 
HETATM 1507 O O   . HOH E 4 .   ? -19.868 3.831   -12.816 1.00 29.36 ? 419 HOH A O   1 
HETATM 1508 O O   . HOH E 4 .   ? -7.300  -3.233  -12.748 1.00 21.10 ? 420 HOH A O   1 
HETATM 1509 O O   . HOH E 4 .   ? 9.711   -6.494  14.350  1.00 25.62 ? 421 HOH A O   1 
HETATM 1510 O O   . HOH E 4 .   ? -10.623 14.648  3.961   1.00 19.18 ? 422 HOH A O   1 
HETATM 1511 O O   . HOH E 4 .   ? -3.439  12.312  3.639   1.00 31.51 ? 423 HOH A O   1 
HETATM 1512 O O   . HOH E 4 .   ? -6.574  16.224  -4.622  1.00 29.97 ? 424 HOH A O   1 
HETATM 1513 O O   . HOH E 4 .   ? 23.350  -4.444  6.053   1.00 21.63 ? 425 HOH A O   1 
HETATM 1514 O O   . HOH E 4 .   ? 21.921  -9.469  3.405   1.00 35.51 ? 426 HOH A O   1 
HETATM 1515 O O   . HOH E 4 .   ? 18.419  6.394   0.726   1.00 32.23 ? 427 HOH A O   1 
HETATM 1516 O O   . HOH E 4 .   ? -8.333  -6.570  -15.107 1.00 33.04 ? 428 HOH A O   1 
HETATM 1517 O O   . HOH E 4 .   ? -3.366  3.992   16.169  1.00 45.29 ? 429 HOH A O   1 
HETATM 1518 O O   . HOH E 4 .   ? 11.464  13.036  -0.740  1.00 34.05 ? 430 HOH A O   1 
HETATM 1519 O O   . HOH E 4 .   ? 20.782  -8.295  1.701   1.00 42.04 ? 431 HOH A O   1 
HETATM 1520 O O   . HOH E 4 .   ? 22.941  -7.736  0.261   1.00 43.42 ? 432 HOH A O   1 
HETATM 1521 O O   . HOH E 4 .   ? -15.573 1.231   2.050   1.00 24.10 ? 433 HOH A O   1 
HETATM 1522 O O   . HOH E 4 .   ? 3.089   17.125  6.723   1.00 32.68 ? 434 HOH A O   1 
HETATM 1523 O O   . HOH E 4 .   ? 10.652  -12.670 -6.460  1.00 24.16 ? 435 HOH A O   1 
HETATM 1524 O O   . HOH E 4 .   ? 1.855   10.068  -15.836 1.00 29.91 ? 436 HOH A O   1 
HETATM 1525 O O   . HOH E 4 .   ? -13.249 12.823  -9.814  1.00 35.50 ? 437 HOH A O   1 
HETATM 1526 O O   . HOH E 4 .   ? 4.189   -16.460 -2.022  1.00 25.47 ? 438 HOH A O   1 
HETATM 1527 O O   . HOH E 4 .   ? -13.566 -6.652  -2.855  1.00 25.78 ? 439 HOH A O   1 
HETATM 1528 O O   . HOH E 4 .   ? 8.791   0.446   -11.393 1.00 24.16 ? 440 HOH A O   1 
HETATM 1529 O O   . HOH E 4 .   ? -12.426 16.287  -4.492  1.00 23.91 ? 441 HOH A O   1 
HETATM 1530 O O   . HOH E 4 .   ? 3.114   -12.987 6.807   1.00 38.50 ? 442 HOH A O   1 
HETATM 1531 O O   . HOH E 4 .   ? 4.390   -9.778  7.534   1.00 26.74 ? 443 HOH A O   1 
HETATM 1532 O O   . HOH E 4 .   ? 11.931  -13.423 7.801   1.00 30.11 ? 444 HOH A O   1 
HETATM 1533 O O   . HOH E 4 .   ? -4.059  -5.353  -11.557 1.00 30.00 ? 445 HOH A O   1 
HETATM 1534 O O   . HOH E 4 .   ? -4.494  5.370   -16.949 1.00 31.46 ? 446 HOH A O   1 
HETATM 1535 O O   . HOH E 4 .   ? 13.453  9.976   12.524  1.00 34.70 ? 447 HOH A O   1 
HETATM 1536 O O   . HOH E 4 .   ? -7.146  -6.063  -12.957 1.00 31.06 ? 448 HOH A O   1 
HETATM 1537 O O   . HOH E 4 .   ? -18.381 5.890   -15.393 1.00 38.52 ? 449 HOH A O   1 
HETATM 1538 O O   . HOH E 4 .   ? 3.897   -16.883 2.604   1.00 22.12 ? 450 HOH A O   1 
HETATM 1539 O O   . HOH E 4 .   ? 26.856  2.126   2.885   1.00 36.85 ? 451 HOH A O   1 
HETATM 1540 O O   . HOH E 4 .   ? 14.401  -10.709 -7.303  1.00 29.47 ? 452 HOH A O   1 
HETATM 1541 O O   . HOH E 4 .   ? -2.722  -14.805 -1.631  1.00 31.64 ? 453 HOH A O   1 
HETATM 1542 O O   . HOH E 4 .   ? 4.856   -7.308  15.031  1.00 29.17 ? 454 HOH A O   1 
HETATM 1543 O O   . HOH E 4 .   ? 2.419   -15.501 3.977   1.00 23.87 ? 455 HOH A O   1 
HETATM 1544 O O   . HOH E 4 .   ? 23.539  2.598   -1.931  1.00 30.41 ? 456 HOH A O   1 
HETATM 1545 O O   . HOH E 4 .   ? 5.280   -3.503  17.516  1.00 35.93 ? 457 HOH A O   1 
HETATM 1546 O O   . HOH E 4 .   ? -2.146  17.046  -0.966  1.00 32.68 ? 458 HOH A O   1 
HETATM 1547 O O   . HOH E 4 .   ? -10.416 -8.046  0.039   1.00 29.94 ? 459 HOH A O   1 
HETATM 1548 O O   . HOH E 4 .   ? 12.334  -13.961 -8.110  1.00 26.49 ? 460 HOH A O   1 
HETATM 1549 O O   . HOH E 4 .   ? 2.719   14.139  -12.191 1.00 36.58 ? 461 HOH A O   1 
HETATM 1550 O O   . HOH E 4 .   ? -9.467  -6.144  3.095   1.00 22.75 ? 462 HOH A O   1 
HETATM 1551 O O   . HOH E 4 .   ? 2.852   -6.860  16.732  1.00 33.63 ? 463 HOH A O   1 
HETATM 1552 O O   . HOH E 4 .   ? -12.305 -2.322  8.421   1.00 39.86 ? 464 HOH A O   1 
HETATM 1553 O O   . HOH E 4 .   ? -5.848  14.758  -10.601 1.00 28.98 ? 465 HOH A O   1 
HETATM 1554 O O   . HOH E 4 .   ? -4.819  -9.786  5.601   1.00 30.47 ? 466 HOH A O   1 
HETATM 1555 O O   . HOH E 4 .   ? -10.559 -10.800 -1.222  1.00 36.75 ? 467 HOH A O   1 
HETATM 1556 O O   . HOH E 4 .   ? 10.469  2.131   -5.175  1.00 30.34 ? 468 HOH A O   1 
HETATM 1557 O O   . HOH E 4 .   ? 2.295   0.686   19.117  1.00 40.07 ? 469 HOH A O   1 
HETATM 1558 O O   . HOH E 4 .   ? -12.385 -4.664  4.328   1.00 36.42 ? 470 HOH A O   1 
HETATM 1559 O O   . HOH E 4 .   ? -5.353  -9.219  8.719   1.00 34.04 ? 471 HOH A O   1 
HETATM 1560 O O   . HOH E 4 .   ? -4.844  -12.790 -4.461  1.00 26.11 ? 472 HOH A O   1 
HETATM 1561 O O   . HOH E 4 .   ? -6.675  -7.229  12.598  1.00 39.04 ? 473 HOH A O   1 
HETATM 1562 O O   . HOH E 4 .   ? 0.980   -15.724 -4.867  1.00 34.52 ? 474 HOH A O   1 
HETATM 1563 O O   . HOH E 4 .   ? 15.922  9.659   4.457   1.00 24.79 ? 475 HOH A O   1 
HETATM 1564 O O   . HOH E 4 .   ? 2.099   -18.721 1.491   1.00 26.20 ? 476 HOH A O   1 
HETATM 1565 O O   . HOH E 4 .   ? -1.413  14.180  -11.401 1.00 41.00 ? 477 HOH A O   1 
HETATM 1566 O O   . HOH E 4 .   ? -6.186  -14.679 -3.467  1.00 38.08 ? 478 HOH A O   1 
HETATM 1567 O O   . HOH E 4 .   ? -10.999 -5.731  6.745   1.00 35.53 ? 479 HOH A O   1 
# 
